data_9Q1A
#
_entry.id   9Q1A
#
_cell.length_a   1.00
_cell.length_b   1.00
_cell.length_c   1.00
_cell.angle_alpha   90.00
_cell.angle_beta   90.00
_cell.angle_gamma   90.00
#
_symmetry.space_group_name_H-M   'P 1'
#
loop_
_entity.id
_entity.type
_entity.pdbx_description
1 polymer 'D-lysine 5,6-aminomutase beta subunit'
2 polymer 'D-lysine 5,6-aminomutase alpha subunit'
3 non-polymer COBALAMIN
4 non-polymer "5'-DEOXYADENOSINE"
#
loop_
_entity_poly.entity_id
_entity_poly.type
_entity_poly.pdbx_seq_one_letter_code
_entity_poly.pdbx_strand_id
1 'polypeptide(L)'
;QYDTTLDLTRVKPYGDTMNDGKVQLSFTLPVPDGAKAVEAAKQLAKKMGLENPMVVYHAPLDKNFTFFIIYGSLIHTVDY
TSIQVQELEIKAMSMEETNEYIKKHIGRKVVVVGATTGTDAHTVGLDAIMNM(LLP)GYAGHYGLERYEMIEAYNLGSQV
PNEEFVKKAIEVGADALLVSQTVTQKDAHIKNLTHLVELLEAEGIRDKVLLICGGPRITHELAKELGYDAGFGPGTFADH
VATFIVTEMVKRKIPGLKGYK
;
A,B
2 'polypeptide(L)'
;RESKLNLDWELVDKAREAARNIVKDTQKFIDAHTTVSVERTVCRLLGIDGVNDLGVPLPNVVVDHIKSKGNLSLGAATYI
GNAMIYTGLSPQEIAERVAKGELDLTSIPMADLFEIKLAVQDIAIKTVEKIRENRRKREEFLKKYGDKEGPLLYVIVATG
NIYEDVVQAQAAARQGADVIAVIRATAQSLLDYVPYGPTTEGFGGTYATQENFRIMRKALDEVSEELGRYIRLCNYASGL
CMPEIAAMGALERLDVMLNDALYGILFRDINMKRTMVDQFFSRVINGFAGIIINTGEDNYLTTADAYEKAHTVLASQLIN
EQFALIAGIPEEQMGLGHAFEMNPDLRNGFLYELAQAQMVREIFPKAPLKYMPPTKYMTGNIFKGHVQDAMFNVVTIMTK
QRIHLLGMLTEAIHTPFMSDRALSIESAKYIFNNMADIADEIYFKEGGIIQRRANEVLKKAYELLKEIEQEGLFKALEQG
KFADIKRPIDGGKGLEGVVEKDPNYFNPFIDLMLRGD
;
C,D
#
# COMPACT_ATOMS: atom_id res chain seq x y z
N GLN A 1 -5.16 31.37 -11.69
CA GLN A 1 -5.06 32.77 -11.29
C GLN A 1 -3.59 33.17 -11.13
N TYR A 2 -2.82 32.32 -10.46
CA TYR A 2 -1.40 32.58 -10.28
C TYR A 2 -0.66 32.38 -11.60
N ASP A 3 0.50 33.04 -11.72
CA ASP A 3 1.32 32.90 -12.90
C ASP A 3 1.91 31.50 -12.96
N THR A 4 1.78 30.85 -14.11
CA THR A 4 2.25 29.48 -14.29
C THR A 4 3.65 29.40 -14.89
N THR A 5 4.29 30.55 -15.16
CA THR A 5 5.65 30.53 -15.70
C THR A 5 6.64 30.20 -14.59
N LEU A 6 7.54 29.26 -14.87
CA LEU A 6 8.53 28.86 -13.87
C LEU A 6 9.57 29.96 -13.69
N ASP A 7 9.92 30.22 -12.44
CA ASP A 7 10.98 31.17 -12.10
C ASP A 7 11.86 30.51 -11.06
N LEU A 8 13.12 30.27 -11.42
CA LEU A 8 14.02 29.52 -10.55
C LEU A 8 14.40 30.30 -9.29
N THR A 9 14.12 31.60 -9.23
CA THR A 9 14.37 32.36 -8.02
C THR A 9 13.24 32.27 -7.01
N ARG A 10 12.07 31.77 -7.41
CA ARG A 10 10.90 31.68 -6.55
C ARG A 10 10.26 30.31 -6.70
N VAL A 11 11.08 29.26 -6.64
CA VAL A 11 10.61 27.90 -6.88
C VAL A 11 9.64 27.51 -5.78
N LYS A 12 8.41 27.16 -6.15
CA LYS A 12 7.42 26.61 -5.24
C LYS A 12 7.23 25.12 -5.49
N PRO A 13 6.55 24.42 -4.59
CA PRO A 13 6.15 23.04 -4.88
C PRO A 13 5.24 22.99 -6.09
N TYR A 14 4.90 21.77 -6.50
CA TYR A 14 4.17 21.53 -7.74
C TYR A 14 3.30 20.29 -7.58
N GLY A 15 2.00 20.49 -7.43
CA GLY A 15 1.09 19.38 -7.31
C GLY A 15 0.52 18.95 -8.66
N ASP A 16 -0.08 19.90 -9.37
CA ASP A 16 -0.66 19.62 -10.67
C ASP A 16 -0.38 20.71 -11.70
N THR A 17 -0.08 21.93 -11.27
CA THR A 17 0.26 23.01 -12.18
C THR A 17 1.38 23.83 -11.57
N MET A 18 2.12 24.53 -12.43
CA MET A 18 3.27 25.29 -11.97
C MET A 18 2.87 26.34 -10.93
N ASN A 19 3.68 26.44 -9.89
CA ASN A 19 3.55 27.48 -8.88
C ASN A 19 2.22 27.43 -8.13
N ASP A 20 1.66 26.23 -7.95
CA ASP A 20 0.50 26.09 -7.07
C ASP A 20 0.90 25.80 -5.63
N GLY A 21 2.11 25.25 -5.41
CA GLY A 21 2.62 25.06 -4.08
C GLY A 21 1.99 23.94 -3.29
N LYS A 22 1.22 23.06 -3.92
CA LYS A 22 0.52 22.01 -3.18
C LYS A 22 1.52 21.12 -2.45
N VAL A 23 1.26 20.89 -1.16
CA VAL A 23 2.05 20.00 -0.33
C VAL A 23 1.09 19.14 0.48
N GLN A 24 1.61 18.06 1.03
CA GLN A 24 0.83 17.11 1.81
C GLN A 24 1.45 16.94 3.19
N LEU A 25 0.63 17.07 4.22
CA LEU A 25 1.05 16.92 5.61
C LEU A 25 0.35 15.72 6.23
N SER A 26 0.90 15.25 7.35
CA SER A 26 0.26 14.23 8.16
C SER A 26 0.94 14.20 9.52
N PHE A 27 0.14 14.37 10.56
CA PHE A 27 0.67 14.46 11.92
C PHE A 27 -0.41 14.05 12.90
N THR A 28 0.02 13.69 14.11
CA THR A 28 -0.88 13.29 15.18
C THR A 28 -0.92 14.38 16.24
N LEU A 29 -2.10 14.83 16.58
CA LEU A 29 -2.23 15.75 17.69
C LEU A 29 -2.64 15.01 18.96
N PRO A 30 -2.15 15.41 20.14
CA PRO A 30 -2.60 14.81 21.40
C PRO A 30 -3.94 15.40 21.87
N VAL A 31 -4.95 15.31 21.00
CA VAL A 31 -6.22 16.00 21.21
C VAL A 31 -7.36 15.04 20.90
N PRO A 32 -8.45 15.05 21.68
CA PRO A 32 -9.61 14.23 21.31
C PRO A 32 -10.15 14.61 19.95
N ASP A 33 -10.56 13.60 19.18
CA ASP A 33 -11.08 13.85 17.84
C ASP A 33 -12.39 14.62 17.91
N GLY A 34 -12.66 15.39 16.87
CA GLY A 34 -13.87 16.18 16.79
C GLY A 34 -13.66 17.40 15.92
N ALA A 35 -14.66 18.27 15.92
CA ALA A 35 -14.54 19.53 15.19
C ALA A 35 -13.45 20.40 15.78
N LYS A 36 -13.31 20.39 17.11
CA LYS A 36 -12.25 21.16 17.75
C LYS A 36 -10.88 20.70 17.27
N ALA A 37 -10.68 19.39 17.17
CA ALA A 37 -9.41 18.86 16.70
C ALA A 37 -9.15 19.24 15.25
N VAL A 38 -10.18 19.19 14.41
CA VAL A 38 -10.01 19.57 13.01
C VAL A 38 -9.63 21.04 12.91
N GLU A 39 -10.29 21.91 13.68
CA GLU A 39 -9.92 23.32 13.66
C GLU A 39 -8.51 23.54 14.17
N ALA A 40 -8.11 22.81 15.22
CA ALA A 40 -6.75 22.94 15.70
C ALA A 40 -5.74 22.53 14.64
N ALA A 41 -6.02 21.44 13.93
CA ALA A 41 -5.12 21.00 12.86
C ALA A 41 -5.04 22.05 11.75
N LYS A 42 -6.18 22.61 11.36
CA LYS A 42 -6.17 23.64 10.32
C LYS A 42 -5.39 24.85 10.76
N GLN A 43 -5.59 25.30 12.00
CA GLN A 43 -4.86 26.46 12.50
C GLN A 43 -3.36 26.18 12.55
N LEU A 44 -2.98 24.98 12.97
CA LEU A 44 -1.57 24.62 13.01
C LEU A 44 -0.97 24.61 11.61
N ALA A 45 -1.72 24.08 10.63
CA ALA A 45 -1.21 24.04 9.26
C ALA A 45 -1.09 25.44 8.67
N LYS A 46 -1.94 26.37 9.09
CA LYS A 46 -1.86 27.74 8.59
C LYS A 46 -0.58 28.42 9.06
N LYS A 47 -0.10 28.07 10.26
CA LYS A 47 1.15 28.64 10.74
C LYS A 47 2.33 28.18 9.91
N MET A 48 2.27 26.97 9.34
CA MET A 48 3.33 26.47 8.49
C MET A 48 3.37 27.15 7.13
N GLY A 49 2.35 27.91 6.77
CA GLY A 49 2.35 28.61 5.49
C GLY A 49 1.37 28.11 4.47
N LEU A 50 0.53 27.14 4.81
CA LEU A 50 -0.49 26.68 3.88
C LEU A 50 -1.61 27.72 3.80
N GLU A 51 -2.09 27.99 2.59
CA GLU A 51 -3.09 29.05 2.41
C GLU A 51 -4.46 28.60 2.90
N ASN A 52 -4.99 27.53 2.31
CA ASN A 52 -6.34 27.06 2.61
C ASN A 52 -6.23 25.58 2.95
N PRO A 53 -5.59 25.26 4.06
CA PRO A 53 -5.45 23.85 4.44
C PRO A 53 -6.81 23.20 4.59
N MET A 54 -6.95 22.00 4.03
CA MET A 54 -8.16 21.20 4.15
C MET A 54 -7.80 19.87 4.77
N VAL A 55 -8.49 19.51 5.85
CA VAL A 55 -8.21 18.25 6.53
C VAL A 55 -8.82 17.13 5.69
N VAL A 56 -8.00 16.54 4.83
CA VAL A 56 -8.48 15.48 3.94
C VAL A 56 -9.01 14.31 4.76
N TYR A 57 -8.35 13.98 5.86
CA TYR A 57 -8.68 12.80 6.63
C TYR A 57 -8.35 13.05 8.09
N HIS A 58 -9.23 12.61 8.98
CA HIS A 58 -8.94 12.63 10.41
C HIS A 58 -9.65 11.45 11.07
N ALA A 59 -8.94 10.74 11.91
CA ALA A 59 -9.46 9.56 12.58
C ALA A 59 -8.80 9.42 13.94
N PRO A 60 -9.54 9.04 14.97
CA PRO A 60 -8.94 8.96 16.31
C PRO A 60 -8.10 7.71 16.47
N LEU A 61 -6.80 7.90 16.71
CA LEU A 61 -5.93 6.79 17.08
C LEU A 61 -6.20 6.31 18.51
N ASP A 62 -6.73 7.19 19.36
CA ASP A 62 -7.02 6.87 20.75
C ASP A 62 -8.08 7.88 21.21
N LYS A 63 -8.55 7.69 22.45
CA LYS A 63 -9.53 8.62 22.99
C LYS A 63 -8.95 10.02 23.16
N ASN A 64 -7.62 10.17 23.09
CA ASN A 64 -6.97 11.46 23.27
C ASN A 64 -5.98 11.77 22.16
N PHE A 65 -6.01 11.02 21.06
CA PHE A 65 -5.10 11.24 19.95
C PHE A 65 -5.87 11.20 18.63
N THR A 66 -5.50 12.07 17.71
CA THR A 66 -6.13 12.16 16.39
C THR A 66 -5.05 12.23 15.34
N PHE A 67 -5.28 11.59 14.20
CA PHE A 67 -4.34 11.55 13.09
C PHE A 67 -4.93 12.31 11.90
N PHE A 68 -4.16 13.24 11.35
CA PHE A 68 -4.65 14.14 10.30
C PHE A 68 -3.83 13.96 9.03
N ILE A 69 -4.47 14.22 7.89
CA ILE A 69 -3.81 14.39 6.61
C ILE A 69 -4.37 15.68 6.00
N ILE A 70 -3.48 16.57 5.56
CA ILE A 70 -3.87 17.91 5.15
C ILE A 70 -3.22 18.23 3.81
N TYR A 71 -3.94 18.96 2.98
CA TYR A 71 -3.42 19.47 1.71
C TYR A 71 -3.63 20.98 1.66
N GLY A 72 -2.64 21.68 1.11
CA GLY A 72 -2.71 23.12 1.04
C GLY A 72 -1.64 23.69 0.15
N SER A 73 -1.83 24.94 -0.24
CA SER A 73 -0.91 25.64 -1.12
C SER A 73 0.07 26.46 -0.30
N LEU A 74 1.35 26.15 -0.41
CA LEU A 74 2.37 26.81 0.40
C LEU A 74 2.65 28.21 -0.13
N ILE A 75 2.80 29.17 0.78
CA ILE A 75 3.12 30.53 0.35
C ILE A 75 4.62 30.70 0.15
N HIS A 76 5.43 29.93 0.87
CA HIS A 76 6.87 30.17 0.89
C HIS A 76 7.50 29.78 -0.44
N THR A 77 8.60 30.46 -0.76
CA THR A 77 9.36 30.22 -1.97
C THR A 77 10.84 30.09 -1.62
N VAL A 78 11.54 29.26 -2.39
CA VAL A 78 12.96 29.02 -2.19
C VAL A 78 13.71 29.46 -3.44
N ASP A 79 14.79 30.21 -3.24
CA ASP A 79 15.60 30.72 -4.34
C ASP A 79 16.55 29.60 -4.78
N TYR A 80 16.18 28.89 -5.84
CA TYR A 80 16.96 27.73 -6.28
C TYR A 80 18.29 28.13 -6.90
N THR A 81 18.37 29.30 -7.53
CA THR A 81 19.63 29.69 -8.18
C THR A 81 20.71 29.96 -7.15
N SER A 82 20.35 30.51 -6.00
CA SER A 82 21.31 30.89 -4.97
C SER A 82 21.72 29.73 -4.07
N ILE A 83 21.13 28.56 -4.24
CA ILE A 83 21.48 27.43 -3.38
C ILE A 83 22.93 27.06 -3.61
N GLN A 84 23.67 26.89 -2.52
CA GLN A 84 25.07 26.51 -2.56
C GLN A 84 25.24 25.13 -1.93
N VAL A 85 25.82 24.20 -2.67
CA VAL A 85 26.10 22.88 -2.13
C VAL A 85 27.23 22.98 -1.11
N GLN A 86 27.19 22.11 -0.11
CA GLN A 86 28.14 22.15 0.99
C GLN A 86 28.85 20.81 1.12
N GLU A 87 30.11 20.85 1.57
CA GLU A 87 30.87 19.64 1.79
C GLU A 87 30.67 19.08 3.20
N LEU A 88 29.82 19.70 4.02
CA LEU A 88 29.56 19.25 5.38
C LEU A 88 28.77 17.95 5.43
N GLU A 89 28.50 17.32 4.29
CA GLU A 89 27.81 16.02 4.28
C GLU A 89 28.77 14.93 4.73
N ILE A 90 28.95 14.80 6.04
CA ILE A 90 29.92 13.86 6.60
C ILE A 90 29.18 12.63 7.11
N LYS A 91 28.01 12.36 6.52
CA LYS A 91 27.24 11.19 6.89
C LYS A 91 28.11 9.93 6.89
N ALA A 92 27.90 9.08 7.88
CA ALA A 92 28.64 7.83 7.97
C ALA A 92 28.12 6.85 6.93
N MET A 93 29.04 6.17 6.26
CA MET A 93 28.68 5.27 5.18
C MET A 93 27.85 4.09 5.69
N SER A 94 27.01 3.56 4.82
CA SER A 94 26.26 2.35 5.13
C SER A 94 27.14 1.12 4.96
N MET A 95 26.58 -0.04 5.29
CA MET A 95 27.35 -1.28 5.19
C MET A 95 27.75 -1.56 3.75
N GLU A 96 26.77 -1.53 2.83
CA GLU A 96 27.08 -1.81 1.42
C GLU A 96 28.00 -0.74 0.84
N GLU A 97 27.81 0.52 1.24
CA GLU A 97 28.69 1.57 0.78
C GLU A 97 30.13 1.31 1.22
N THR A 98 30.30 0.89 2.47
CA THR A 98 31.65 0.60 2.97
C THR A 98 32.25 -0.60 2.25
N ASN A 99 31.43 -1.62 1.97
CA ASN A 99 31.95 -2.77 1.23
C ASN A 99 32.41 -2.37 -0.17
N GLU A 100 31.61 -1.55 -0.85
CA GLU A 100 31.99 -1.07 -2.17
C GLU A 100 33.25 -0.22 -2.10
N TYR A 101 33.35 0.64 -1.08
CA TYR A 101 34.54 1.47 -0.91
C TYR A 101 35.78 0.60 -0.74
N ILE A 102 35.68 -0.43 0.12
CA ILE A 102 36.83 -1.30 0.37
C ILE A 102 37.20 -2.04 -0.91
N LYS A 103 36.20 -2.54 -1.65
CA LYS A 103 36.49 -3.22 -2.91
C LYS A 103 37.20 -2.30 -3.88
N LYS A 104 36.70 -1.06 -4.03
CA LYS A 104 37.24 -0.16 -5.04
C LYS A 104 38.64 0.31 -4.69
N HIS A 105 38.84 0.79 -3.46
CA HIS A 105 40.07 1.46 -3.08
C HIS A 105 41.08 0.53 -2.42
N ILE A 106 40.72 -0.71 -2.12
CA ILE A 106 41.60 -1.67 -1.47
C ILE A 106 41.36 -3.03 -2.09
N GLY A 107 42.44 -3.76 -2.36
CA GLY A 107 42.32 -5.09 -2.91
C GLY A 107 42.39 -6.18 -1.87
N ARG A 108 41.89 -5.89 -0.66
CA ARG A 108 42.00 -6.82 0.45
C ARG A 108 40.82 -6.62 1.39
N LYS A 109 40.63 -7.60 2.27
CA LYS A 109 39.71 -7.43 3.38
C LYS A 109 40.41 -6.72 4.53
N VAL A 110 39.74 -5.74 5.11
CA VAL A 110 40.31 -4.96 6.20
C VAL A 110 40.29 -5.82 7.46
N VAL A 111 41.49 -6.15 7.95
CA VAL A 111 41.62 -6.96 9.16
C VAL A 111 41.55 -6.02 10.35
N VAL A 112 40.61 -6.27 11.25
CA VAL A 112 40.43 -5.48 12.46
C VAL A 112 40.55 -6.42 13.65
N VAL A 113 41.40 -6.06 14.61
CA VAL A 113 41.62 -6.84 15.83
C VAL A 113 41.27 -5.95 17.01
N GLY A 114 40.28 -6.36 17.79
CA GLY A 114 39.84 -5.58 18.93
C GLY A 114 39.93 -6.34 20.23
N ALA A 115 40.09 -5.63 21.34
CA ALA A 115 40.20 -6.28 22.63
C ALA A 115 40.14 -5.22 23.73
N THR A 116 39.74 -5.65 24.91
CA THR A 116 39.78 -4.82 26.12
C THR A 116 41.06 -5.17 26.86
N THR A 117 42.15 -4.50 26.52
CA THR A 117 43.46 -4.83 27.05
C THR A 117 43.57 -4.44 28.52
N GLY A 118 44.60 -4.96 29.18
CA GLY A 118 44.79 -4.69 30.59
C GLY A 118 43.92 -5.58 31.46
N THR A 119 43.72 -5.15 32.70
CA THR A 119 42.88 -5.86 33.65
C THR A 119 41.41 -5.48 33.55
N ASP A 120 41.08 -4.48 32.73
CA ASP A 120 39.69 -4.04 32.59
C ASP A 120 38.83 -5.19 32.09
N ALA A 121 37.65 -5.38 32.69
CA ALA A 121 36.79 -6.49 32.34
C ALA A 121 35.58 -6.10 31.50
N HIS A 122 35.24 -4.86 31.35
CA HIS A 122 34.18 -4.35 30.58
C HIS A 122 34.38 -4.63 29.12
N THR A 123 33.46 -5.35 28.48
CA THR A 123 33.57 -5.66 27.06
C THR A 123 32.29 -5.40 26.27
N VAL A 124 31.20 -4.99 26.91
CA VAL A 124 29.97 -4.75 26.17
C VAL A 124 30.15 -3.62 25.18
N GLY A 125 31.01 -2.64 25.51
CA GLY A 125 31.23 -1.53 24.60
C GLY A 125 31.83 -1.97 23.28
N LEU A 126 32.86 -2.81 23.34
CA LEU A 126 33.51 -3.26 22.12
C LEU A 126 32.67 -4.29 21.38
N ASP A 127 31.92 -5.11 22.13
CA ASP A 127 31.02 -6.05 21.50
C ASP A 127 29.90 -5.35 20.76
N ALA A 128 29.45 -4.20 21.29
CA ALA A 128 28.45 -3.40 20.59
C ALA A 128 28.93 -2.95 19.23
N ILE A 129 30.25 -2.91 19.02
CA ILE A 129 30.82 -2.40 17.78
C ILE A 129 31.28 -3.53 16.87
N MET A 130 31.70 -4.66 17.44
CA MET A 130 32.35 -5.69 16.65
C MET A 130 31.42 -6.87 16.36
N ASN A 131 30.37 -7.17 17.17
CA ASN A 131 29.53 -8.36 17.00
C ASN A 131 28.35 -8.14 16.03
N MET A 132 27.85 -9.17 15.36
CA MET A 132 26.94 -9.01 14.22
C MET A 132 25.58 -8.38 14.48
N GLY A 134 25.22 -6.04 16.53
CA GLY A 134 25.71 -4.68 16.75
C GLY A 134 25.07 -4.02 17.96
N TYR A 135 24.53 -2.82 17.78
CA TYR A 135 23.98 -1.99 18.86
C TYR A 135 22.85 -1.11 18.34
N ALA A 136 21.75 -1.39 18.81
CA ALA A 136 20.56 -0.63 18.45
C ALA A 136 20.33 -0.65 16.95
N GLY A 137 20.51 -1.81 16.33
CA GLY A 137 20.27 -1.97 14.92
C GLY A 137 21.43 -1.60 14.02
N HIS A 138 22.53 -1.09 14.58
CA HIS A 138 23.71 -0.75 13.79
C HIS A 138 24.67 -1.93 13.85
N TYR A 139 24.62 -2.77 12.82
CA TYR A 139 25.38 -4.01 12.84
C TYR A 139 26.87 -3.75 12.94
N GLY A 140 27.57 -4.64 13.64
CA GLY A 140 28.97 -4.44 13.92
C GLY A 140 29.87 -4.72 12.73
N LEU A 141 31.15 -4.44 12.93
CA LEU A 141 32.13 -4.61 11.86
C LEU A 141 32.18 -6.04 11.37
N GLU A 142 31.84 -7.00 12.22
CA GLU A 142 31.93 -8.40 11.84
C GLU A 142 30.93 -8.76 10.76
N ARG A 143 29.76 -8.12 10.73
CA ARG A 143 28.79 -8.39 9.68
C ARG A 143 29.20 -7.82 8.34
N TYR A 144 30.13 -6.87 8.32
CA TYR A 144 30.60 -6.30 7.06
C TYR A 144 31.27 -7.39 6.23
N GLU A 145 30.92 -7.43 4.94
CA GLU A 145 31.43 -8.49 4.07
C GLU A 145 32.96 -8.40 3.94
N MET A 146 33.50 -7.20 3.81
CA MET A 146 34.90 -7.00 3.51
C MET A 146 35.74 -6.63 4.74
N ILE A 147 35.38 -7.15 5.91
CA ILE A 147 36.14 -6.91 7.14
C ILE A 147 36.29 -8.23 7.88
N GLU A 148 37.50 -8.50 8.36
CA GLU A 148 37.81 -9.69 9.14
C GLU A 148 38.02 -9.25 10.59
N ALA A 149 36.94 -9.22 11.36
CA ALA A 149 37.00 -8.80 12.75
C ALA A 149 37.48 -9.96 13.61
N TYR A 150 38.33 -9.65 14.59
CA TYR A 150 38.90 -10.63 15.51
C TYR A 150 38.81 -10.05 16.92
N ASN A 151 37.70 -10.31 17.59
CA ASN A 151 37.53 -9.89 18.98
C ASN A 151 38.23 -10.90 19.87
N LEU A 152 39.19 -10.43 20.66
CA LEU A 152 40.09 -11.35 21.35
C LEU A 152 39.54 -11.77 22.70
N GLY A 153 39.12 -10.82 23.54
CA GLY A 153 38.63 -11.16 24.85
C GLY A 153 38.37 -9.92 25.68
N SER A 154 38.60 -10.07 26.99
CA SER A 154 38.23 -9.07 27.97
C SER A 154 39.40 -8.51 28.76
N GLN A 155 40.42 -9.31 29.06
CA GLN A 155 41.54 -8.85 29.88
C GLN A 155 42.86 -9.30 29.27
N VAL A 156 43.01 -9.14 27.96
CA VAL A 156 44.21 -9.58 27.24
C VAL A 156 45.35 -8.61 27.53
N PRO A 157 46.51 -9.08 27.98
CA PRO A 157 47.65 -8.16 28.14
C PRO A 157 48.05 -7.55 26.81
N ASN A 158 48.60 -6.33 26.88
CA ASN A 158 49.01 -5.64 25.66
C ASN A 158 49.96 -6.49 24.83
N GLU A 159 50.84 -7.26 25.48
CA GLU A 159 51.76 -8.11 24.73
C GLU A 159 51.00 -9.13 23.90
N GLU A 160 49.98 -9.76 24.49
CA GLU A 160 49.17 -10.71 23.73
C GLU A 160 48.42 -10.02 22.61
N PHE A 161 47.93 -8.80 22.86
CA PHE A 161 47.22 -8.05 21.84
C PHE A 161 48.13 -7.79 20.63
N VAL A 162 49.34 -7.32 20.89
CA VAL A 162 50.28 -7.03 19.79
C VAL A 162 50.67 -8.33 19.08
N LYS A 163 50.88 -9.40 19.84
CA LYS A 163 51.25 -10.67 19.23
C LYS A 163 50.15 -11.16 18.30
N LYS A 164 48.89 -11.08 18.74
CA LYS A 164 47.78 -11.50 17.90
C LYS A 164 47.65 -10.59 16.68
N ALA A 165 47.85 -9.28 16.85
CA ALA A 165 47.78 -8.38 15.71
C ALA A 165 48.83 -8.73 14.67
N ILE A 166 50.05 -9.03 15.12
CA ILE A 166 51.09 -9.45 14.18
C ILE A 166 50.72 -10.77 13.51
N GLU A 167 50.20 -11.71 14.30
CA GLU A 167 49.86 -13.03 13.76
C GLU A 167 48.81 -12.94 12.68
N VAL A 168 47.78 -12.12 12.90
CA VAL A 168 46.67 -12.08 11.95
C VAL A 168 46.96 -11.10 10.81
N GLY A 169 47.91 -10.20 10.98
CA GLY A 169 48.16 -9.17 9.99
C GLY A 169 47.11 -8.08 10.05
N ALA A 170 46.96 -7.48 11.24
CA ALA A 170 45.88 -6.54 11.47
C ALA A 170 46.16 -5.21 10.77
N ASP A 171 45.15 -4.71 10.07
CA ASP A 171 45.18 -3.38 9.49
C ASP A 171 44.86 -2.30 10.51
N ALA A 172 43.93 -2.58 11.43
CA ALA A 172 43.55 -1.62 12.46
C ALA A 172 43.39 -2.35 13.78
N LEU A 173 43.68 -1.66 14.88
CA LEU A 173 43.58 -2.21 16.22
C LEU A 173 42.62 -1.35 17.03
N LEU A 174 41.65 -2.00 17.67
CA LEU A 174 40.64 -1.33 18.50
C LEU A 174 40.88 -1.75 19.94
N VAL A 175 41.02 -0.77 20.83
CA VAL A 175 41.25 -1.02 22.25
C VAL A 175 40.15 -0.30 23.03
N SER A 176 39.52 -1.01 23.95
CA SER A 176 38.42 -0.46 24.75
C SER A 176 38.86 -0.32 26.20
N GLN A 177 38.60 0.84 26.78
CA GLN A 177 38.94 1.12 28.16
C GLN A 177 37.82 1.93 28.80
N THR A 178 37.36 1.48 29.98
CA THR A 178 36.23 2.12 30.65
C THR A 178 36.56 2.49 32.09
N VAL A 179 37.31 1.63 32.77
CA VAL A 179 37.62 1.84 34.19
C VAL A 179 38.73 2.89 34.28
N THR A 180 38.40 4.06 34.82
CA THR A 180 39.31 5.17 34.90
C THR A 180 39.90 5.38 36.29
N GLN A 181 39.73 4.42 37.20
CA GLN A 181 40.28 4.59 38.54
C GLN A 181 41.78 4.77 38.49
N LYS A 182 42.26 5.85 39.12
CA LYS A 182 43.69 6.16 39.17
C LYS A 182 44.27 6.26 37.77
N ASP A 183 43.47 6.71 36.81
CA ASP A 183 43.90 6.86 35.41
C ASP A 183 44.55 5.57 34.90
N ALA A 184 43.94 4.43 35.21
CA ALA A 184 44.47 3.16 34.72
C ALA A 184 44.39 3.08 33.21
N HIS A 185 43.32 3.59 32.61
CA HIS A 185 43.20 3.57 31.15
C HIS A 185 44.32 4.37 30.49
N ILE A 186 44.65 5.53 31.07
CA ILE A 186 45.74 6.33 30.51
C ILE A 186 47.04 5.53 30.50
N LYS A 187 47.38 4.94 31.64
CA LYS A 187 48.62 4.18 31.74
C LYS A 187 48.62 3.02 30.77
N ASN A 188 47.50 2.29 30.68
CA ASN A 188 47.45 1.11 29.83
C ASN A 188 47.58 1.49 28.35
N LEU A 189 46.87 2.54 27.93
CA LEU A 189 46.97 2.97 26.54
C LEU A 189 48.38 3.46 26.22
N THR A 190 48.99 4.22 27.14
CA THR A 190 50.35 4.68 26.91
C THR A 190 51.30 3.50 26.80
N HIS A 191 51.11 2.48 27.65
CA HIS A 191 51.96 1.30 27.58
C HIS A 191 51.80 0.57 26.25
N LEU A 192 50.56 0.47 25.77
CA LEU A 192 50.33 -0.19 24.48
C LEU A 192 51.02 0.57 23.35
N VAL A 193 50.90 1.90 23.35
CA VAL A 193 51.54 2.70 22.32
C VAL A 193 53.06 2.53 22.39
N GLU A 194 53.61 2.53 23.61
CA GLU A 194 55.04 2.35 23.77
C GLU A 194 55.48 0.99 23.27
N LEU A 195 54.69 -0.05 23.54
CA LEU A 195 55.02 -1.39 23.06
C LEU A 195 55.02 -1.44 21.55
N LEU A 196 54.01 -0.83 20.91
CA LEU A 196 53.99 -0.80 19.45
C LEU A 196 55.19 -0.03 18.91
N GLU A 197 55.54 1.09 19.54
CA GLU A 197 56.70 1.86 19.09
C GLU A 197 57.98 1.04 19.21
N ALA A 198 58.15 0.33 20.31
CA ALA A 198 59.32 -0.52 20.48
C ALA A 198 59.36 -1.61 19.43
N GLU A 199 58.21 -2.23 19.15
CA GLU A 199 58.15 -3.24 18.10
C GLU A 199 58.43 -2.65 16.73
N GLY A 200 58.38 -1.32 16.59
CA GLY A 200 58.64 -0.68 15.32
C GLY A 200 57.51 -0.80 14.33
N ILE A 201 56.29 -1.07 14.78
CA ILE A 201 55.15 -1.25 13.90
C ILE A 201 54.02 -0.32 14.30
N ARG A 202 54.36 0.82 14.92
CA ARG A 202 53.34 1.82 15.17
C ARG A 202 52.71 2.30 13.87
N ASP A 203 53.55 2.55 12.86
CA ASP A 203 53.05 2.72 11.51
C ASP A 203 52.57 1.37 11.00
N LYS A 204 52.13 1.34 9.74
CA LYS A 204 51.60 0.14 9.09
C LYS A 204 50.25 -0.27 9.65
N VAL A 205 49.73 0.43 10.65
CA VAL A 205 48.51 0.02 11.35
C VAL A 205 47.85 1.25 11.94
N LEU A 206 46.52 1.19 12.06
CA LEU A 206 45.75 2.22 12.72
C LEU A 206 45.54 1.84 14.18
N LEU A 207 45.49 2.85 15.05
CA LEU A 207 45.24 2.66 16.47
C LEU A 207 44.02 3.49 16.85
N ILE A 208 43.03 2.85 17.47
CA ILE A 208 41.77 3.50 17.80
C ILE A 208 41.43 3.17 19.25
N CYS A 209 41.12 4.19 20.03
CA CYS A 209 40.64 3.98 21.40
C CYS A 209 39.12 3.85 21.42
N GLY A 210 38.59 3.72 22.63
CA GLY A 210 37.15 3.65 22.81
C GLY A 210 36.81 3.57 24.27
N GLY A 211 35.58 3.94 24.59
CA GLY A 211 35.08 3.84 25.94
C GLY A 211 34.15 4.97 26.30
N PRO A 212 33.56 4.90 27.49
CA PRO A 212 32.67 5.99 27.93
C PRO A 212 33.40 7.27 28.30
N ARG A 213 34.67 7.20 28.69
CA ARG A 213 35.43 8.37 29.11
C ARG A 213 36.57 8.68 28.15
N ILE A 214 36.46 8.24 26.89
CA ILE A 214 37.48 8.47 25.87
C ILE A 214 36.94 9.48 24.87
N THR A 215 37.76 10.48 24.56
CA THR A 215 37.40 11.53 23.62
C THR A 215 38.52 11.66 22.59
N HIS A 216 38.16 12.23 21.43
CA HIS A 216 39.14 12.33 20.35
C HIS A 216 40.37 13.11 20.79
N GLU A 217 40.18 14.18 21.55
CA GLU A 217 41.33 14.97 22.01
C GLU A 217 42.26 14.13 22.87
N LEU A 218 41.69 13.36 23.82
CA LEU A 218 42.52 12.54 24.68
C LEU A 218 43.25 11.47 23.89
N ALA A 219 42.56 10.83 22.94
CA ALA A 219 43.20 9.80 22.13
C ALA A 219 44.36 10.39 21.33
N LYS A 220 44.13 11.52 20.66
CA LYS A 220 45.21 12.16 19.90
C LYS A 220 46.36 12.55 20.81
N GLU A 221 46.06 13.00 22.03
CA GLU A 221 47.14 13.31 22.98
C GLU A 221 47.94 12.06 23.32
N LEU A 222 47.27 10.93 23.51
CA LEU A 222 47.96 9.69 23.83
C LEU A 222 48.80 9.17 22.66
N GLY A 223 48.48 9.58 21.44
CA GLY A 223 49.19 9.10 20.28
C GLY A 223 48.42 8.12 19.42
N TYR A 224 47.11 8.06 19.55
CA TYR A 224 46.28 7.16 18.77
C TYR A 224 45.69 7.88 17.56
N ASP A 225 45.26 7.08 16.58
CA ASP A 225 44.50 7.59 15.44
C ASP A 225 43.02 7.70 15.83
N ALA A 226 42.72 8.74 16.61
CA ALA A 226 41.36 9.06 17.01
C ALA A 226 40.84 8.10 18.09
N GLY A 227 39.77 8.50 18.77
CA GLY A 227 39.14 7.69 19.79
C GLY A 227 37.66 8.02 19.90
N PHE A 228 36.82 7.01 20.12
CA PHE A 228 35.38 7.15 20.03
C PHE A 228 34.74 7.05 21.40
N GLY A 229 33.80 7.95 21.68
CA GLY A 229 33.17 8.03 22.98
C GLY A 229 31.89 7.21 23.07
N PRO A 230 31.07 7.50 24.09
CA PRO A 230 29.88 6.66 24.33
C PRO A 230 28.85 6.71 23.21
N GLY A 231 28.85 7.73 22.38
CA GLY A 231 27.83 7.90 21.36
C GLY A 231 28.12 7.25 20.03
N THR A 232 29.16 6.42 19.95
CA THR A 232 29.59 5.87 18.68
C THR A 232 28.87 4.58 18.34
N PHE A 233 28.69 4.35 17.04
CA PHE A 233 28.16 3.11 16.50
C PHE A 233 29.20 2.45 15.60
N ALA A 234 28.85 1.27 15.09
CA ALA A 234 29.80 0.51 14.28
C ALA A 234 30.05 1.18 12.93
N ASP A 235 29.03 1.81 12.34
CA ASP A 235 29.23 2.46 11.05
C ASP A 235 30.24 3.59 11.15
N HIS A 236 30.21 4.34 12.26
CA HIS A 236 31.20 5.38 12.47
C HIS A 236 32.61 4.83 12.39
N VAL A 237 32.88 3.75 13.14
CA VAL A 237 34.22 3.18 13.18
C VAL A 237 34.59 2.62 11.81
N ALA A 238 33.66 1.93 11.15
CA ALA A 238 33.96 1.37 9.84
C ALA A 238 34.33 2.48 8.86
N THR A 239 33.53 3.55 8.83
CA THR A 239 33.81 4.66 7.92
C THR A 239 35.16 5.29 8.23
N PHE A 240 35.45 5.51 9.51
CA PHE A 240 36.73 6.11 9.87
C PHE A 240 37.88 5.23 9.42
N ILE A 241 37.82 3.94 9.73
CA ILE A 241 38.93 3.05 9.39
C ILE A 241 39.13 3.02 7.87
N VAL A 242 38.04 2.84 7.14
CA VAL A 242 38.14 2.72 5.69
C VAL A 242 38.69 4.01 5.08
N THR A 243 38.16 5.16 5.51
CA THR A 243 38.60 6.43 4.95
C THR A 243 40.05 6.71 5.30
N GLU A 244 40.45 6.44 6.54
CA GLU A 244 41.79 6.78 6.98
C GLU A 244 42.83 5.83 6.43
N MET A 245 42.43 4.61 6.05
CA MET A 245 43.38 3.70 5.44
C MET A 245 43.68 4.07 3.99
N VAL A 246 42.85 4.89 3.37
CA VAL A 246 43.10 5.39 2.02
C VAL A 246 43.73 6.79 2.06
N LYS A 247 43.21 7.68 2.92
CA LYS A 247 43.84 8.97 3.11
C LYS A 247 45.32 8.81 3.44
N ARG A 248 45.62 7.91 4.37
CA ARG A 248 46.98 7.50 4.66
C ARG A 248 47.14 6.05 4.22
N LYS A 249 48.12 5.80 3.36
CA LYS A 249 48.34 4.43 2.85
C LYS A 249 48.88 3.57 3.97
N ILE A 250 48.06 2.66 4.48
CA ILE A 250 48.40 1.84 5.64
C ILE A 250 48.78 0.46 5.15
N PRO A 251 50.06 0.08 5.17
CA PRO A 251 50.46 -1.29 4.81
C PRO A 251 50.26 -2.29 5.94
N GLY A 252 49.07 -2.90 5.97
CA GLY A 252 48.71 -3.84 7.01
C GLY A 252 49.80 -4.84 7.34
N LEU A 253 49.79 -5.36 8.57
CA LEU A 253 50.90 -6.16 9.07
C LEU A 253 51.01 -7.52 8.40
N LYS A 254 50.21 -7.83 7.37
CA LYS A 254 50.39 -9.09 6.67
C LYS A 254 51.76 -9.19 6.03
N GLY A 255 52.32 -8.05 5.61
CA GLY A 255 53.68 -8.05 5.08
C GLY A 255 54.76 -8.09 6.13
N TYR A 256 54.42 -7.84 7.39
CA TYR A 256 55.39 -7.90 8.48
C TYR A 256 55.67 -9.36 8.84
N LYS A 257 56.69 -9.56 9.67
CA LYS A 257 57.07 -10.89 10.14
C LYS A 257 55.85 -11.64 10.66
N TYR B 2 13.20 18.34 25.67
CA TYR B 2 11.96 19.09 25.83
C TYR B 2 11.09 18.48 26.93
N ASP B 3 10.18 19.29 27.48
CA ASP B 3 9.27 18.81 28.50
C ASP B 3 8.20 17.94 27.86
N THR B 4 7.95 16.78 28.44
CA THR B 4 7.00 15.82 27.88
C THR B 4 5.59 15.95 28.46
N THR B 5 5.37 16.90 29.37
CA THR B 5 4.04 17.11 29.90
C THR B 5 3.15 17.80 28.89
N LEU B 6 1.92 17.32 28.74
CA LEU B 6 0.98 17.90 27.79
C LEU B 6 0.42 19.20 28.35
N ASP B 7 0.49 20.26 27.54
CA ASP B 7 -0.09 21.55 27.87
C ASP B 7 -1.10 21.89 26.79
N LEU B 8 -2.37 22.06 27.18
CA LEU B 8 -3.42 22.29 26.20
C LEU B 8 -3.39 23.69 25.61
N THR B 9 -2.65 24.62 26.20
CA THR B 9 -2.45 25.92 25.59
C THR B 9 -1.35 25.91 24.53
N ARG B 10 -0.60 24.81 24.44
CA ARG B 10 0.57 24.72 23.59
C ARG B 10 0.58 23.37 22.87
N VAL B 11 -0.58 22.97 22.35
CA VAL B 11 -0.69 21.68 21.68
C VAL B 11 0.27 21.63 20.50
N LYS B 12 0.98 20.52 20.37
CA LYS B 12 2.01 20.34 19.36
C LYS B 12 1.84 18.95 18.75
N PRO B 13 2.27 18.75 17.50
CA PRO B 13 2.16 17.41 16.91
C PRO B 13 2.84 16.35 17.76
N TYR B 14 2.66 15.08 17.40
CA TYR B 14 3.08 13.98 18.25
C TYR B 14 3.74 12.92 17.38
N GLY B 15 4.94 12.52 17.77
CA GLY B 15 5.64 11.44 17.09
C GLY B 15 5.55 10.15 17.89
N ASP B 16 6.62 9.84 18.62
CA ASP B 16 6.61 8.73 19.56
C ASP B 16 6.78 9.21 21.00
N THR B 17 6.95 10.52 21.22
CA THR B 17 7.06 11.10 22.55
C THR B 17 6.17 12.33 22.62
N MET B 18 5.63 12.59 23.81
CA MET B 18 4.74 13.73 23.99
C MET B 18 5.48 15.04 23.85
N ASN B 19 4.81 16.00 23.22
CA ASN B 19 5.25 17.40 23.12
C ASN B 19 6.41 17.59 22.15
N ASP B 20 6.76 16.58 21.36
CA ASP B 20 7.63 16.82 20.22
C ASP B 20 6.80 17.40 19.08
N GLY B 21 7.39 17.50 17.89
CA GLY B 21 6.72 18.07 16.75
C GLY B 21 6.76 17.26 15.48
N LYS B 22 7.08 15.97 15.54
CA LYS B 22 7.30 15.19 14.34
C LYS B 22 6.11 15.29 13.40
N VAL B 23 6.36 15.85 12.22
CA VAL B 23 5.35 15.99 11.17
C VAL B 23 5.98 15.52 9.86
N GLN B 24 5.14 15.06 8.95
CA GLN B 24 5.60 14.51 7.68
C GLN B 24 5.14 15.40 6.53
N LEU B 25 6.03 15.61 5.57
CA LEU B 25 5.74 16.37 4.36
C LEU B 25 6.05 15.53 3.14
N SER B 26 5.47 15.91 2.01
CA SER B 26 5.79 15.32 0.72
C SER B 26 5.31 16.24 -0.38
N PHE B 27 6.24 16.65 -1.25
CA PHE B 27 5.93 17.62 -2.27
C PHE B 27 6.91 17.46 -3.42
N THR B 28 6.51 17.95 -4.59
CA THR B 28 7.33 17.90 -5.78
C THR B 28 7.87 19.29 -6.11
N LEU B 29 9.19 19.40 -6.21
CA LEU B 29 9.77 20.65 -6.68
C LEU B 29 10.04 20.57 -8.17
N PRO B 30 9.85 21.65 -8.93
CA PRO B 30 10.13 21.64 -10.37
C PRO B 30 11.60 21.90 -10.70
N VAL B 31 12.48 21.12 -10.07
CA VAL B 31 13.93 21.26 -10.27
C VAL B 31 14.55 19.91 -10.51
N PRO B 32 15.67 19.88 -11.24
CA PRO B 32 16.38 18.61 -11.45
C PRO B 32 16.86 18.04 -10.12
N ASP B 33 16.85 16.71 -10.04
CA ASP B 33 17.32 16.03 -8.84
C ASP B 33 18.81 16.28 -8.63
N GLY B 34 19.23 16.15 -7.37
CA GLY B 34 20.63 16.34 -7.02
C GLY B 34 20.79 16.90 -5.62
N ALA B 35 22.03 17.19 -5.23
CA ALA B 35 22.27 17.76 -3.91
C ALA B 35 21.64 19.14 -3.79
N LYS B 36 21.71 19.95 -4.84
CA LYS B 36 21.11 21.28 -4.79
C LYS B 36 19.60 21.19 -4.61
N ALA B 37 18.95 20.23 -5.26
CA ALA B 37 17.52 20.04 -5.07
C ALA B 37 17.19 19.63 -3.64
N VAL B 38 18.01 18.76 -3.04
CA VAL B 38 17.78 18.35 -1.66
C VAL B 38 17.94 19.55 -0.73
N GLU B 39 18.96 20.38 -0.96
CA GLU B 39 19.14 21.56 -0.14
C GLU B 39 17.97 22.52 -0.31
N ALA B 40 17.48 22.69 -1.53
CA ALA B 40 16.32 23.55 -1.76
C ALA B 40 15.11 23.03 -1.01
N ALA B 41 14.88 21.72 -1.05
CA ALA B 41 13.75 21.14 -0.34
C ALA B 41 13.88 21.34 1.16
N LYS B 42 15.08 21.13 1.71
CA LYS B 42 15.28 21.28 3.14
C LYS B 42 15.11 22.73 3.57
N GLN B 43 15.60 23.67 2.76
CA GLN B 43 15.40 25.09 3.06
C GLN B 43 13.92 25.47 2.98
N LEU B 44 13.19 24.94 2.00
CA LEU B 44 11.78 25.22 1.89
C LEU B 44 11.01 24.68 3.10
N ALA B 45 11.33 23.46 3.51
CA ALA B 45 10.67 22.89 4.69
C ALA B 45 11.10 23.60 5.97
N LYS B 46 12.30 24.18 5.99
CA LYS B 46 12.75 24.92 7.16
C LYS B 46 11.97 26.21 7.32
N LYS B 47 11.50 26.80 6.22
CA LYS B 47 10.69 28.01 6.31
C LYS B 47 9.29 27.71 6.82
N MET B 48 8.81 26.49 6.61
CA MET B 48 7.50 26.08 7.12
C MET B 48 7.51 25.85 8.62
N GLY B 49 8.68 25.84 9.27
CA GLY B 49 8.74 25.68 10.70
C GLY B 49 9.28 24.35 11.18
N LEU B 50 9.85 23.54 10.29
CA LEU B 50 10.47 22.30 10.73
C LEU B 50 11.89 22.59 11.23
N GLU B 51 12.19 22.10 12.44
CA GLU B 51 13.43 22.47 13.09
C GLU B 51 14.63 21.75 12.49
N ASN B 52 14.47 20.46 12.17
CA ASN B 52 15.59 19.61 11.76
C ASN B 52 15.22 18.83 10.50
N PRO B 53 14.66 19.51 9.50
CA PRO B 53 14.13 18.79 8.33
C PRO B 53 15.18 17.89 7.71
N MET B 54 14.81 16.63 7.53
CA MET B 54 15.67 15.63 6.89
C MET B 54 14.92 15.02 5.72
N VAL B 55 15.56 15.01 4.55
CA VAL B 55 14.91 14.47 3.36
C VAL B 55 14.99 12.96 3.42
N VAL B 56 13.92 12.33 3.93
CA VAL B 56 13.88 10.89 4.04
C VAL B 56 14.02 10.24 2.67
N TYR B 57 13.37 10.82 1.66
CA TYR B 57 13.34 10.22 0.33
C TYR B 57 13.33 11.32 -0.71
N HIS B 58 13.99 11.06 -1.83
CA HIS B 58 13.94 11.95 -2.98
C HIS B 58 14.29 11.16 -4.23
N ALA B 59 13.47 11.31 -5.26
CA ALA B 59 13.63 10.58 -6.50
C ALA B 59 13.11 11.43 -7.65
N PRO B 60 13.77 11.42 -8.81
CA PRO B 60 13.33 12.28 -9.92
C PRO B 60 12.10 11.71 -10.61
N LEU B 61 11.03 12.49 -10.62
CA LEU B 61 9.86 12.15 -11.41
C LEU B 61 10.10 12.36 -12.90
N ASP B 62 10.86 13.38 -13.26
CA ASP B 62 11.23 13.65 -14.64
C ASP B 62 12.60 14.31 -14.63
N LYS B 63 13.05 14.70 -15.82
CA LYS B 63 14.34 15.38 -15.94
C LYS B 63 14.36 16.70 -15.18
N ASN B 64 13.20 17.26 -14.85
CA ASN B 64 13.11 18.56 -14.19
C ASN B 64 12.15 18.57 -13.01
N PHE B 65 11.86 17.39 -12.45
CA PHE B 65 10.96 17.29 -11.31
C PHE B 65 11.52 16.29 -10.31
N THR B 66 11.39 16.61 -9.03
CA THR B 66 11.86 15.76 -7.94
C THR B 66 10.77 15.66 -6.88
N PHE B 67 10.57 14.45 -6.37
CA PHE B 67 9.58 14.20 -5.33
C PHE B 67 10.28 13.94 -4.01
N PHE B 68 9.84 14.62 -2.96
CA PHE B 68 10.50 14.59 -1.66
C PHE B 68 9.56 14.07 -0.59
N ILE B 69 10.15 13.46 0.44
CA ILE B 69 9.47 13.15 1.69
C ILE B 69 10.39 13.62 2.82
N ILE B 70 9.85 14.41 3.74
CA ILE B 70 10.64 15.09 4.75
C ILE B 70 10.01 14.89 6.11
N TYR B 71 10.84 14.69 7.12
CA TYR B 71 10.41 14.60 8.51
C TYR B 71 11.14 15.66 9.32
N GLY B 72 10.40 16.29 10.24
CA GLY B 72 10.99 17.35 11.04
C GLY B 72 10.15 17.63 12.27
N SER B 73 10.77 18.30 13.23
CA SER B 73 10.11 18.63 14.48
C SER B 73 9.57 20.07 14.40
N LEU B 74 8.26 20.19 14.26
CA LEU B 74 7.64 21.49 14.09
C LEU B 74 7.86 22.37 15.33
N ILE B 75 8.06 23.66 15.09
CA ILE B 75 8.30 24.59 16.20
C ILE B 75 7.01 25.28 16.61
N HIS B 76 6.05 25.37 15.70
CA HIS B 76 4.80 26.08 15.97
C HIS B 76 3.94 25.30 16.96
N THR B 77 3.04 26.02 17.62
CA THR B 77 2.11 25.42 18.57
C THR B 77 0.76 26.11 18.44
N VAL B 78 -0.29 25.41 18.84
CA VAL B 78 -1.66 25.89 18.71
C VAL B 78 -2.31 25.91 20.09
N ASP B 79 -3.03 27.00 20.38
CA ASP B 79 -3.72 27.16 21.65
C ASP B 79 -5.06 26.44 21.60
N TYR B 80 -5.01 25.15 21.91
CA TYR B 80 -6.19 24.31 21.79
C TYR B 80 -7.30 24.71 22.77
N THR B 81 -6.93 25.05 24.00
CA THR B 81 -7.97 25.29 25.01
C THR B 81 -8.85 26.48 24.63
N SER B 82 -8.27 27.55 24.11
CA SER B 82 -9.03 28.73 23.71
C SER B 82 -9.61 28.63 22.30
N ILE B 83 -9.31 27.55 21.57
CA ILE B 83 -9.79 27.42 20.21
C ILE B 83 -11.30 27.34 20.21
N GLN B 84 -11.93 28.03 19.25
CA GLN B 84 -13.38 28.07 19.12
C GLN B 84 -13.77 27.43 17.79
N VAL B 85 -14.85 26.64 17.82
CA VAL B 85 -15.31 25.98 16.60
C VAL B 85 -16.08 26.97 15.75
N GLN B 86 -15.70 27.09 14.48
CA GLN B 86 -16.42 27.92 13.53
C GLN B 86 -17.67 27.17 13.09
N GLU B 87 -18.81 27.58 13.66
CA GLU B 87 -20.08 26.95 13.30
C GLU B 87 -20.54 27.36 11.91
N LEU B 88 -19.95 28.40 11.33
CA LEU B 88 -20.36 28.88 10.01
C LEU B 88 -19.97 27.94 8.88
N GLU B 89 -19.16 26.92 9.16
CA GLU B 89 -18.71 26.00 8.12
C GLU B 89 -19.86 25.10 7.68
N ILE B 90 -20.45 25.41 6.53
CA ILE B 90 -21.53 24.64 5.95
C ILE B 90 -21.14 24.24 4.53
N LYS B 91 -21.44 22.99 4.18
CA LYS B 91 -21.02 22.45 2.90
C LYS B 91 -22.12 21.56 2.34
N ALA B 92 -22.06 21.33 1.03
CA ALA B 92 -23.04 20.48 0.37
C ALA B 92 -22.92 19.05 0.87
N MET B 93 -24.06 18.43 1.15
CA MET B 93 -24.09 17.07 1.65
C MET B 93 -23.60 16.09 0.58
N SER B 94 -23.05 14.97 1.03
CA SER B 94 -22.70 13.90 0.13
C SER B 94 -23.96 13.25 -0.43
N MET B 95 -23.79 12.36 -1.41
CA MET B 95 -24.92 11.67 -2.01
C MET B 95 -25.68 10.87 -0.96
N GLU B 96 -25.01 9.89 -0.34
CA GLU B 96 -25.68 9.06 0.65
C GLU B 96 -26.14 9.87 1.86
N GLU B 97 -25.40 10.93 2.21
CA GLU B 97 -25.85 11.81 3.28
C GLU B 97 -27.19 12.45 2.95
N THR B 98 -27.34 12.94 1.71
CA THR B 98 -28.62 13.50 1.30
C THR B 98 -29.70 12.43 1.26
N ASN B 99 -29.34 11.22 0.82
CA ASN B 99 -30.32 10.14 0.80
C ASN B 99 -30.86 9.85 2.20
N GLU B 100 -29.97 9.73 3.18
CA GLU B 100 -30.42 9.46 4.53
C GLU B 100 -31.14 10.66 5.14
N TYR B 101 -30.73 11.88 4.79
CA TYR B 101 -31.44 13.06 5.24
C TYR B 101 -32.90 13.03 4.75
N ILE B 102 -33.08 12.75 3.46
CA ILE B 102 -34.44 12.66 2.91
C ILE B 102 -35.21 11.54 3.59
N LYS B 103 -34.57 10.38 3.74
CA LYS B 103 -35.24 9.24 4.33
C LYS B 103 -35.66 9.51 5.77
N LYS B 104 -34.88 10.31 6.50
CA LYS B 104 -35.19 10.60 7.89
C LYS B 104 -36.25 11.68 8.03
N HIS B 105 -36.00 12.85 7.45
CA HIS B 105 -36.87 14.00 7.66
C HIS B 105 -38.09 14.04 6.74
N ILE B 106 -38.10 13.22 5.69
CA ILE B 106 -39.20 13.18 4.74
C ILE B 106 -39.53 11.73 4.42
N GLY B 107 -40.81 11.38 4.50
CA GLY B 107 -41.25 10.05 4.13
C GLY B 107 -41.15 9.79 2.64
N ARG B 108 -41.55 10.77 1.84
CA ARG B 108 -41.65 10.58 0.39
C ARG B 108 -40.28 10.59 -0.27
N LYS B 109 -40.28 10.24 -1.55
CA LYS B 109 -39.15 10.56 -2.41
C LYS B 109 -39.30 11.98 -2.95
N VAL B 110 -38.23 12.74 -2.89
CA VAL B 110 -38.27 14.11 -3.39
C VAL B 110 -38.48 14.08 -4.89
N VAL B 111 -39.69 14.46 -5.33
CA VAL B 111 -40.03 14.49 -6.74
C VAL B 111 -39.57 15.83 -7.30
N VAL B 112 -38.66 15.79 -8.26
CA VAL B 112 -38.11 16.99 -8.90
C VAL B 112 -38.46 16.94 -10.37
N VAL B 113 -39.01 18.03 -10.89
CA VAL B 113 -39.35 18.16 -12.30
C VAL B 113 -38.61 19.38 -12.83
N GLY B 114 -37.61 19.14 -13.67
CA GLY B 114 -36.84 20.22 -14.27
C GLY B 114 -37.04 20.24 -15.77
N ALA B 115 -36.93 21.44 -16.35
CA ALA B 115 -37.11 21.59 -17.78
C ALA B 115 -36.69 22.99 -18.19
N THR B 116 -36.02 23.09 -19.33
CA THR B 116 -35.84 24.37 -19.98
C THR B 116 -37.14 24.81 -20.62
N THR B 117 -37.54 26.05 -20.37
CA THR B 117 -38.85 26.54 -20.77
C THR B 117 -38.68 27.67 -21.77
N GLY B 118 -39.76 27.94 -22.50
CA GLY B 118 -39.74 28.99 -23.50
C GLY B 118 -39.23 28.46 -24.82
N THR B 119 -38.37 29.24 -25.47
CA THR B 119 -37.81 28.88 -26.76
C THR B 119 -36.33 28.48 -26.68
N ASP B 120 -35.80 28.27 -25.47
CA ASP B 120 -34.39 27.97 -25.32
C ASP B 120 -34.09 26.54 -25.75
N ALA B 121 -33.07 26.38 -26.59
CA ALA B 121 -32.58 25.05 -26.94
C ALA B 121 -31.44 24.60 -26.03
N HIS B 122 -30.95 25.39 -25.14
CA HIS B 122 -29.89 25.15 -24.24
C HIS B 122 -30.30 24.22 -23.13
N THR B 123 -29.70 23.03 -23.05
CA THR B 123 -30.06 22.08 -22.02
C THR B 123 -28.86 21.41 -21.35
N VAL B 124 -27.63 21.78 -21.71
CA VAL B 124 -26.47 21.09 -21.15
C VAL B 124 -26.31 21.39 -19.67
N GLY B 125 -26.89 22.50 -19.20
CA GLY B 125 -26.80 22.80 -17.78
C GLY B 125 -27.75 21.95 -16.95
N LEU B 126 -29.02 21.95 -17.29
CA LEU B 126 -29.98 21.14 -16.54
C LEU B 126 -29.67 19.66 -16.67
N ASP B 127 -29.13 19.24 -17.81
CA ASP B 127 -28.65 17.88 -17.94
C ASP B 127 -27.44 17.63 -17.06
N ALA B 128 -26.58 18.64 -16.91
CA ALA B 128 -25.47 18.52 -15.98
C ALA B 128 -25.97 18.36 -14.55
N ILE B 129 -27.12 18.93 -14.24
CA ILE B 129 -27.67 18.87 -12.89
C ILE B 129 -28.42 17.57 -12.65
N MET B 130 -29.13 17.07 -13.64
CA MET B 130 -30.13 16.02 -13.42
C MET B 130 -29.72 14.65 -13.93
N ASN B 131 -28.83 14.58 -14.91
CA ASN B 131 -28.45 13.29 -15.48
C ASN B 131 -27.60 12.49 -14.49
N MET B 132 -27.65 11.17 -14.63
CA MET B 132 -26.91 10.30 -13.73
C MET B 132 -25.43 10.67 -13.69
N GLY B 134 -24.04 13.41 -14.21
CA GLY B 134 -23.81 14.66 -13.53
C GLY B 134 -22.86 15.56 -14.29
N TYR B 135 -21.86 16.08 -13.60
CA TYR B 135 -20.97 17.10 -14.15
C TYR B 135 -19.66 17.07 -13.40
N ALA B 136 -18.59 16.64 -14.06
CA ALA B 136 -17.24 16.63 -13.49
C ALA B 136 -17.19 15.74 -12.25
N GLY B 137 -17.84 14.59 -12.31
CA GLY B 137 -17.85 13.65 -11.20
C GLY B 137 -18.91 13.92 -10.16
N HIS B 138 -19.66 15.01 -10.28
CA HIS B 138 -20.73 15.33 -9.35
C HIS B 138 -22.03 14.80 -9.95
N TYR B 139 -22.40 13.58 -9.56
CA TYR B 139 -23.53 12.90 -10.18
C TYR B 139 -24.81 13.70 -9.98
N GLY B 140 -25.72 13.60 -10.96
CA GLY B 140 -26.92 14.40 -10.96
C GLY B 140 -27.99 13.90 -10.00
N LEU B 141 -29.10 14.63 -10.01
CA LEU B 141 -30.15 14.38 -9.03
C LEU B 141 -30.77 13.01 -9.19
N GLU B 142 -30.98 12.56 -10.43
CA GLU B 142 -31.61 11.26 -10.63
C GLU B 142 -30.72 10.10 -10.19
N ARG B 143 -29.42 10.32 -10.03
CA ARG B 143 -28.57 9.30 -9.44
C ARG B 143 -28.92 9.06 -7.98
N TYR B 144 -29.45 10.07 -7.30
CA TYR B 144 -29.82 9.94 -5.90
C TYR B 144 -30.92 8.91 -5.75
N GLU B 145 -30.79 8.05 -4.72
CA GLU B 145 -31.77 7.00 -4.52
C GLU B 145 -33.15 7.56 -4.20
N MET B 146 -33.22 8.62 -3.38
CA MET B 146 -34.47 9.13 -2.86
C MET B 146 -34.97 10.36 -3.60
N ILE B 147 -34.71 10.46 -4.91
CA ILE B 147 -35.19 11.57 -5.72
C ILE B 147 -35.75 11.00 -7.01
N GLU B 148 -36.96 11.44 -7.38
CA GLU B 148 -37.60 11.07 -8.63
C GLU B 148 -37.49 12.25 -9.59
N ALA B 149 -36.38 12.29 -10.33
CA ALA B 149 -36.11 13.40 -11.24
C ALA B 149 -36.77 13.14 -12.58
N TYR B 150 -37.41 14.18 -13.13
CA TYR B 150 -38.05 14.12 -14.43
C TYR B 150 -37.53 15.30 -15.25
N ASN B 151 -36.96 15.01 -16.41
CA ASN B 151 -36.42 16.03 -17.30
C ASN B 151 -37.29 16.08 -18.55
N LEU B 152 -37.84 17.26 -18.85
CA LEU B 152 -38.82 17.41 -19.91
C LEU B 152 -38.23 17.95 -21.21
N GLY B 153 -36.99 18.42 -21.20
CA GLY B 153 -36.33 18.81 -22.43
C GLY B 153 -36.09 20.29 -22.60
N SER B 154 -35.85 20.71 -23.85
CA SER B 154 -35.37 22.05 -24.13
C SER B 154 -36.48 23.09 -24.25
N GLN B 155 -37.35 22.94 -25.25
CA GLN B 155 -38.36 23.94 -25.55
C GLN B 155 -39.73 23.56 -24.98
N VAL B 156 -39.84 23.59 -23.66
CA VAL B 156 -41.07 23.20 -22.98
C VAL B 156 -41.89 24.45 -22.65
N PRO B 157 -43.07 24.63 -23.23
CA PRO B 157 -43.90 25.77 -22.85
C PRO B 157 -44.26 25.72 -21.37
N ASN B 158 -44.38 26.91 -20.77
CA ASN B 158 -44.66 26.98 -19.34
C ASN B 158 -45.93 26.22 -18.98
N GLU B 159 -46.94 26.27 -19.85
CA GLU B 159 -48.17 25.53 -19.59
C GLU B 159 -47.89 24.04 -19.46
N GLU B 160 -47.12 23.50 -20.41
CA GLU B 160 -46.75 22.09 -20.32
C GLU B 160 -45.94 21.79 -19.08
N PHE B 161 -45.05 22.72 -18.70
CA PHE B 161 -44.23 22.51 -17.52
C PHE B 161 -45.07 22.38 -16.26
N VAL B 162 -46.01 23.32 -16.07
CA VAL B 162 -46.87 23.26 -14.89
C VAL B 162 -47.79 22.06 -14.95
N LYS B 163 -48.29 21.72 -16.14
CA LYS B 163 -49.16 20.56 -16.29
C LYS B 163 -48.43 19.29 -15.88
N LYS B 164 -47.19 19.13 -16.36
CA LYS B 164 -46.40 17.96 -15.99
C LYS B 164 -46.08 17.95 -14.50
N ALA B 165 -45.80 19.12 -13.93
CA ALA B 165 -45.54 19.20 -12.50
C ALA B 165 -46.76 18.73 -11.70
N ILE B 166 -47.95 19.16 -12.10
CA ILE B 166 -49.16 18.73 -11.41
C ILE B 166 -49.36 17.23 -11.60
N GLU B 167 -49.18 16.74 -12.83
CA GLU B 167 -49.41 15.33 -13.11
C GLU B 167 -48.49 14.44 -12.29
N VAL B 168 -47.21 14.82 -12.20
CA VAL B 168 -46.23 13.99 -11.51
C VAL B 168 -46.27 14.17 -10.00
N GLY B 169 -46.81 15.29 -9.51
CA GLY B 169 -46.79 15.59 -8.10
C GLY B 169 -45.43 16.09 -7.66
N ALA B 170 -44.93 17.12 -8.35
CA ALA B 170 -43.57 17.59 -8.12
C ALA B 170 -43.47 18.36 -6.82
N ASP B 171 -42.51 17.97 -5.98
CA ASP B 171 -42.18 18.73 -4.79
C ASP B 171 -41.36 19.98 -5.09
N ALA B 172 -40.60 19.97 -6.18
CA ALA B 172 -39.78 21.11 -6.56
C ALA B 172 -39.70 21.19 -8.07
N LEU B 173 -39.49 22.40 -8.58
CA LEU B 173 -39.45 22.67 -10.01
C LEU B 173 -38.14 23.37 -10.34
N LEU B 174 -37.47 22.90 -11.38
CA LEU B 174 -36.20 23.45 -11.83
C LEU B 174 -36.40 24.02 -13.23
N VAL B 175 -36.02 25.28 -13.43
CA VAL B 175 -36.14 25.95 -14.72
C VAL B 175 -34.77 26.50 -15.10
N SER B 176 -34.35 26.23 -16.33
CA SER B 176 -33.05 26.65 -16.83
C SER B 176 -33.24 27.65 -17.96
N GLN B 177 -32.55 28.79 -17.85
CA GLN B 177 -32.59 29.83 -18.86
C GLN B 177 -31.18 30.29 -19.17
N THR B 178 -30.84 30.34 -20.46
CA THR B 178 -29.49 30.69 -20.89
C THR B 178 -29.48 31.91 -21.78
N VAL B 179 -30.40 31.99 -22.73
CA VAL B 179 -30.41 33.07 -23.71
C VAL B 179 -31.05 34.29 -23.05
N THR B 180 -30.26 35.35 -22.87
CA THR B 180 -30.71 36.57 -22.23
C THR B 180 -30.96 37.70 -23.21
N GLN B 181 -31.11 37.39 -24.50
CA GLN B 181 -31.33 38.43 -25.50
C GLN B 181 -32.63 39.17 -25.23
N LYS B 182 -32.55 40.50 -25.18
CA LYS B 182 -33.72 41.34 -24.98
C LYS B 182 -34.37 40.96 -23.65
N ASP B 183 -33.56 40.45 -22.72
CA ASP B 183 -34.02 39.98 -21.41
C ASP B 183 -35.20 39.00 -21.55
N ALA B 184 -35.10 38.09 -22.51
CA ALA B 184 -36.17 37.12 -22.71
C ALA B 184 -36.26 36.14 -21.56
N HIS B 185 -35.15 35.93 -20.84
CA HIS B 185 -35.17 34.97 -19.74
C HIS B 185 -36.03 35.49 -18.58
N ILE B 186 -35.83 36.74 -18.16
CA ILE B 186 -36.60 37.23 -17.02
C ILE B 186 -38.08 37.31 -17.37
N LYS B 187 -38.41 37.66 -18.61
CA LYS B 187 -39.81 37.70 -19.02
C LYS B 187 -40.45 36.33 -18.87
N ASN B 188 -39.78 35.29 -19.35
CA ASN B 188 -40.33 33.94 -19.27
C ASN B 188 -40.41 33.47 -17.83
N LEU B 189 -39.42 33.80 -17.00
CA LEU B 189 -39.47 33.42 -15.59
C LEU B 189 -40.64 34.10 -14.88
N THR B 190 -40.86 35.39 -15.14
CA THR B 190 -42.00 36.07 -14.54
C THR B 190 -43.31 35.47 -15.03
N HIS B 191 -43.38 35.10 -16.32
CA HIS B 191 -44.57 34.44 -16.81
C HIS B 191 -44.80 33.11 -16.09
N LEU B 192 -43.73 32.35 -15.85
CA LEU B 192 -43.87 31.08 -15.15
C LEU B 192 -44.40 31.29 -13.74
N VAL B 193 -43.84 32.26 -13.02
CA VAL B 193 -44.29 32.53 -11.66
C VAL B 193 -45.73 32.98 -11.66
N GLU B 194 -46.10 33.85 -12.61
CA GLU B 194 -47.47 34.31 -12.70
C GLU B 194 -48.43 33.15 -12.98
N LEU B 195 -48.05 32.25 -13.87
CA LEU B 195 -48.90 31.10 -14.16
C LEU B 195 -49.06 30.21 -12.94
N LEU B 196 -47.97 29.96 -12.21
CA LEU B 196 -48.08 29.16 -10.99
C LEU B 196 -48.98 29.83 -9.96
N GLU B 197 -48.84 31.14 -9.78
CA GLU B 197 -49.67 31.85 -8.81
C GLU B 197 -51.14 31.83 -9.24
N ALA B 198 -51.41 31.98 -10.54
CA ALA B 198 -52.78 31.90 -11.03
C ALA B 198 -53.36 30.52 -10.77
N GLU B 199 -52.57 29.47 -10.99
CA GLU B 199 -53.00 28.12 -10.68
C GLU B 199 -53.24 27.91 -9.19
N GLY B 200 -52.76 28.81 -8.34
CA GLY B 200 -52.96 28.68 -6.91
C GLY B 200 -52.04 27.70 -6.24
N ILE B 201 -50.96 27.30 -6.90
CA ILE B 201 -50.05 26.30 -6.36
C ILE B 201 -48.62 26.84 -6.33
N ARG B 202 -48.48 28.16 -6.21
CA ARG B 202 -47.15 28.71 -6.03
C ARG B 202 -46.50 28.15 -4.77
N ASP B 203 -47.25 28.05 -3.69
CA ASP B 203 -46.80 27.32 -2.51
C ASP B 203 -46.82 25.83 -2.86
N LYS B 204 -46.51 25.00 -1.87
CA LYS B 204 -46.54 23.54 -2.05
C LYS B 204 -45.36 23.05 -2.87
N VAL B 205 -44.55 23.96 -3.42
CA VAL B 205 -43.46 23.59 -4.29
C VAL B 205 -42.31 24.58 -4.13
N LEU B 206 -41.10 24.05 -4.04
CA LEU B 206 -39.92 24.86 -4.27
C LEU B 206 -39.85 25.21 -5.75
N LEU B 207 -39.43 26.44 -6.06
CA LEU B 207 -39.38 26.92 -7.43
C LEU B 207 -37.99 27.50 -7.66
N ILE B 208 -37.05 26.63 -8.03
CA ILE B 208 -35.64 27.00 -8.17
C ILE B 208 -35.39 27.45 -9.60
N CYS B 209 -34.44 28.38 -9.76
CA CYS B 209 -34.05 28.89 -11.06
C CYS B 209 -32.62 28.49 -11.36
N GLY B 210 -32.26 28.49 -12.64
CA GLY B 210 -30.92 28.14 -13.04
C GLY B 210 -30.53 28.84 -14.32
N GLY B 211 -29.23 28.91 -14.56
CA GLY B 211 -28.71 29.49 -15.76
C GLY B 211 -27.32 30.05 -15.59
N PRO B 212 -26.70 30.49 -16.69
CA PRO B 212 -25.36 31.07 -16.59
C PRO B 212 -25.34 32.54 -16.22
N ARG B 213 -26.41 33.28 -16.53
CA ARG B 213 -26.47 34.72 -16.27
C ARG B 213 -27.59 35.05 -15.32
N ILE B 214 -27.95 34.13 -14.43
CA ILE B 214 -28.92 34.37 -13.37
C ILE B 214 -28.21 34.16 -12.04
N THR B 215 -28.54 35.00 -11.06
CA THR B 215 -27.92 34.99 -9.75
C THR B 215 -29.00 34.98 -8.68
N HIS B 216 -28.61 34.62 -7.46
CA HIS B 216 -29.56 34.52 -6.37
C HIS B 216 -30.38 35.80 -6.21
N GLU B 217 -29.73 36.96 -6.37
CA GLU B 217 -30.46 38.22 -6.25
C GLU B 217 -31.55 38.33 -7.31
N LEU B 218 -31.22 37.98 -8.55
CA LEU B 218 -32.22 38.04 -9.62
C LEU B 218 -33.36 37.07 -9.34
N ALA B 219 -33.03 35.84 -8.91
CA ALA B 219 -34.07 34.87 -8.63
C ALA B 219 -35.01 35.37 -7.55
N LYS B 220 -34.45 35.84 -6.43
CA LYS B 220 -35.29 36.35 -5.35
C LYS B 220 -36.10 37.55 -5.82
N GLU B 221 -35.55 38.35 -6.72
CA GLU B 221 -36.31 39.48 -7.27
C GLU B 221 -37.54 39.00 -8.03
N LEU B 222 -37.40 37.92 -8.80
CA LEU B 222 -38.49 37.42 -9.63
C LEU B 222 -39.48 36.57 -8.84
N GLY B 223 -39.19 36.22 -7.59
CA GLY B 223 -40.07 35.41 -6.80
C GLY B 223 -39.72 33.94 -6.74
N TYR B 224 -38.51 33.55 -7.14
CA TYR B 224 -38.09 32.16 -7.09
C TYR B 224 -37.44 31.84 -5.75
N ASP B 225 -37.50 30.56 -5.39
CA ASP B 225 -36.79 30.04 -4.22
C ASP B 225 -35.34 29.76 -4.62
N ALA B 226 -34.54 30.84 -4.61
CA ALA B 226 -33.12 30.78 -4.92
C ALA B 226 -32.86 30.51 -6.39
N GLY B 227 -31.64 30.81 -6.84
CA GLY B 227 -31.24 30.56 -8.21
C GLY B 227 -29.76 30.33 -8.28
N PHE B 228 -29.36 29.36 -9.10
CA PHE B 228 -28.00 28.86 -9.13
C PHE B 228 -27.31 29.25 -10.42
N GLY B 229 -26.11 29.82 -10.30
CA GLY B 229 -25.37 30.33 -11.43
C GLY B 229 -24.45 29.29 -12.05
N PRO B 230 -23.49 29.76 -12.86
CA PRO B 230 -22.67 28.81 -13.62
C PRO B 230 -21.80 27.89 -12.78
N GLY B 231 -21.52 28.25 -11.53
CA GLY B 231 -20.63 27.45 -10.71
C GLY B 231 -21.27 26.33 -9.93
N THR B 232 -22.55 26.06 -10.16
CA THR B 232 -23.28 25.10 -9.35
C THR B 232 -23.09 23.68 -9.84
N PHE B 233 -23.11 22.75 -8.89
CA PHE B 233 -23.12 21.32 -9.16
C PHE B 233 -24.42 20.70 -8.65
N ALA B 234 -24.57 19.40 -8.90
CA ALA B 234 -25.80 18.71 -8.53
C ALA B 234 -25.98 18.63 -7.02
N ASP B 235 -24.90 18.39 -6.28
CA ASP B 235 -25.02 18.25 -4.83
C ASP B 235 -25.46 19.55 -4.19
N HIS B 236 -25.03 20.70 -4.71
CA HIS B 236 -25.52 21.98 -4.22
C HIS B 236 -27.04 22.05 -4.32
N VAL B 237 -27.56 21.73 -5.50
CA VAL B 237 -29.00 21.80 -5.72
C VAL B 237 -29.73 20.82 -4.82
N ALA B 238 -29.22 19.60 -4.69
CA ALA B 238 -29.87 18.61 -3.85
C ALA B 238 -29.90 19.07 -2.40
N THR B 239 -28.78 19.57 -1.89
CA THR B 239 -28.72 20.03 -0.52
C THR B 239 -29.72 21.15 -0.28
N PHE B 240 -29.76 22.13 -1.19
CA PHE B 240 -30.73 23.22 -1.02
C PHE B 240 -32.14 22.69 -1.08
N ILE B 241 -32.43 21.81 -2.05
CA ILE B 241 -33.80 21.39 -2.30
C ILE B 241 -34.33 20.60 -1.11
N VAL B 242 -33.47 19.85 -0.43
CA VAL B 242 -33.92 19.09 0.73
C VAL B 242 -33.94 19.96 1.98
N THR B 243 -32.93 20.81 2.18
CA THR B 243 -32.88 21.62 3.40
C THR B 243 -34.00 22.64 3.43
N GLU B 244 -34.18 23.41 2.34
CA GLU B 244 -35.25 24.39 2.29
C GLU B 244 -36.62 23.73 2.33
N MET B 245 -36.72 22.48 1.87
CA MET B 245 -37.99 21.77 1.91
C MET B 245 -38.32 21.31 3.32
N VAL B 246 -37.32 20.87 4.08
CA VAL B 246 -37.56 20.52 5.47
C VAL B 246 -37.83 21.76 6.31
N LYS B 247 -37.07 22.84 6.07
CA LYS B 247 -37.26 24.08 6.82
C LYS B 247 -38.69 24.60 6.63
N ARG B 248 -39.03 24.98 5.40
CA ARG B 248 -40.40 25.32 5.06
C ARG B 248 -41.11 24.03 4.67
N LYS B 249 -41.98 23.55 5.54
CA LYS B 249 -42.65 22.26 5.33
C LYS B 249 -43.70 22.42 4.24
N ILE B 250 -43.25 22.28 3.00
CA ILE B 250 -44.16 22.45 1.86
C ILE B 250 -44.64 21.08 1.40
N PRO B 251 -45.93 20.90 1.10
CA PRO B 251 -46.39 19.60 0.59
C PRO B 251 -46.29 19.50 -0.92
N GLY B 252 -45.72 18.41 -1.42
CA GLY B 252 -45.67 18.21 -2.86
C GLY B 252 -47.05 18.28 -3.49
N LEU B 253 -47.05 18.34 -4.83
CA LEU B 253 -48.32 18.46 -5.55
C LEU B 253 -49.07 17.13 -5.67
N LYS B 254 -48.58 16.06 -5.02
CA LYS B 254 -49.34 14.82 -5.00
C LYS B 254 -50.64 14.97 -4.21
N GLY B 255 -50.72 15.96 -3.33
CA GLY B 255 -51.94 16.27 -2.62
C GLY B 255 -52.84 17.29 -3.30
N TYR B 256 -52.46 17.75 -4.49
CA TYR B 256 -53.23 18.72 -5.26
C TYR B 256 -54.04 17.97 -6.31
N LYS B 257 -55.36 18.16 -6.29
CA LYS B 257 -56.24 17.51 -7.25
C LYS B 257 -56.49 18.41 -8.44
N ARG C 1 0.39 -37.72 3.82
CA ARG C 1 0.18 -36.33 4.23
C ARG C 1 -0.35 -35.51 3.06
N GLU C 2 -0.98 -34.38 3.37
CA GLU C 2 -1.59 -33.51 2.39
C GLU C 2 -0.74 -32.26 2.24
N SER C 3 -0.41 -31.92 0.99
CA SER C 3 0.47 -30.80 0.71
C SER C 3 0.03 -30.11 -0.57
N LYS C 4 -0.02 -28.77 -0.53
CA LYS C 4 -0.26 -27.99 -1.72
C LYS C 4 0.99 -27.79 -2.56
N LEU C 5 2.16 -28.12 -2.00
CA LEU C 5 3.44 -27.99 -2.70
C LEU C 5 3.95 -29.31 -3.25
N ASN C 6 3.21 -30.40 -3.09
CA ASN C 6 3.65 -31.72 -3.53
C ASN C 6 5.05 -32.03 -3.00
N LEU C 7 5.22 -31.79 -1.70
CA LEU C 7 6.53 -31.96 -1.08
C LEU C 7 6.97 -33.42 -1.15
N ASP C 8 8.28 -33.62 -1.22
CA ASP C 8 8.87 -34.96 -1.12
C ASP C 8 8.95 -35.30 0.35
N TRP C 9 7.90 -35.95 0.86
CA TRP C 9 7.82 -36.22 2.29
C TRP C 9 8.95 -37.14 2.75
N GLU C 10 9.46 -37.99 1.86
CA GLU C 10 10.64 -38.77 2.20
C GLU C 10 11.84 -37.88 2.47
N LEU C 11 12.01 -36.84 1.65
CA LEU C 11 13.09 -35.88 1.88
C LEU C 11 12.91 -35.16 3.20
N VAL C 12 11.68 -34.77 3.52
CA VAL C 12 11.42 -34.08 4.79
C VAL C 12 11.73 -35.00 5.96
N ASP C 13 11.35 -36.27 5.85
CA ASP C 13 11.67 -37.23 6.91
C ASP C 13 13.17 -37.39 7.07
N LYS C 14 13.90 -37.44 5.94
CA LYS C 14 15.36 -37.54 6.01
C LYS C 14 15.97 -36.33 6.68
N ALA C 15 15.48 -35.14 6.35
CA ALA C 15 16.00 -33.92 6.97
C ALA C 15 15.71 -33.90 8.46
N ARG C 16 14.50 -34.32 8.85
CA ARG C 16 14.18 -34.40 10.27
C ARG C 16 15.08 -35.40 10.98
N GLU C 17 15.36 -36.53 10.33
CA GLU C 17 16.28 -37.51 10.90
C GLU C 17 17.65 -36.89 11.14
N ALA C 18 18.15 -36.15 10.14
CA ALA C 18 19.47 -35.54 10.26
C ALA C 18 19.49 -34.53 11.39
N ALA C 19 18.46 -33.68 11.48
CA ALA C 19 18.41 -32.68 12.53
C ALA C 19 18.32 -33.34 13.91
N ARG C 20 17.51 -34.39 14.03
CA ARG C 20 17.40 -35.08 15.31
C ARG C 20 18.72 -35.72 15.70
N ASN C 21 19.44 -36.28 14.74
CA ASN C 21 20.74 -36.87 15.05
C ASN C 21 21.74 -35.80 15.49
N ILE C 22 21.72 -34.64 14.85
CA ILE C 22 22.58 -33.54 15.28
C ILE C 22 22.28 -33.16 16.72
N VAL C 23 20.99 -32.98 17.03
CA VAL C 23 20.62 -32.59 18.38
C VAL C 23 20.96 -33.68 19.38
N LYS C 24 20.81 -34.94 18.98
CA LYS C 24 21.15 -36.06 19.85
C LYS C 24 22.63 -36.06 20.17
N ASP C 25 23.47 -35.82 19.17
CA ASP C 25 24.91 -35.76 19.41
C ASP C 25 25.27 -34.60 20.33
N THR C 26 24.64 -33.44 20.14
CA THR C 26 24.92 -32.31 21.02
C THR C 26 24.42 -32.57 22.44
N GLN C 27 23.35 -33.36 22.58
CA GLN C 27 22.79 -33.61 23.90
C GLN C 27 23.74 -34.42 24.76
N LYS C 28 24.64 -35.19 24.15
CA LYS C 28 25.64 -35.91 24.94
C LYS C 28 26.52 -34.95 25.72
N PHE C 29 26.96 -33.87 25.07
CA PHE C 29 27.70 -32.83 25.78
C PHE C 29 26.80 -32.07 26.75
N ILE C 30 25.60 -31.71 26.31
CA ILE C 30 24.74 -30.88 27.15
C ILE C 30 24.42 -31.58 28.47
N ASP C 31 24.16 -32.89 28.42
CA ASP C 31 23.72 -33.59 29.61
C ASP C 31 24.81 -33.68 30.67
N ALA C 32 26.08 -33.59 30.26
CA ALA C 32 27.19 -33.74 31.18
C ALA C 32 27.75 -32.42 31.69
N HIS C 33 27.14 -31.30 31.33
CA HIS C 33 27.64 -29.98 31.72
C HIS C 33 26.51 -29.08 32.19
N THR C 34 26.88 -28.12 33.03
CA THR C 34 25.99 -27.05 33.45
C THR C 34 26.76 -25.74 33.34
N THR C 35 26.09 -24.63 33.63
CA THR C 35 26.71 -23.32 33.60
C THR C 35 26.33 -22.53 34.83
N VAL C 36 27.00 -21.39 34.99
CA VAL C 36 26.74 -20.53 36.16
C VAL C 36 25.33 -19.97 36.09
N SER C 37 24.85 -19.65 34.88
CA SER C 37 23.52 -19.09 34.76
C SER C 37 22.46 -20.12 35.13
N VAL C 38 22.69 -21.40 34.82
CA VAL C 38 21.75 -22.43 35.23
C VAL C 38 21.67 -22.51 36.75
N GLU C 39 22.82 -22.43 37.41
CA GLU C 39 22.83 -22.45 38.88
C GLU C 39 22.15 -21.22 39.45
N ARG C 40 22.34 -20.06 38.82
CA ARG C 40 21.65 -18.86 39.27
C ARG C 40 20.15 -18.98 39.09
N THR C 41 19.70 -19.62 38.00
CA THR C 41 18.28 -19.88 37.82
C THR C 41 17.77 -20.84 38.89
N VAL C 42 18.56 -21.85 39.25
CA VAL C 42 18.18 -22.73 40.34
C VAL C 42 18.02 -21.94 41.63
N CYS C 43 18.95 -21.01 41.89
CA CYS C 43 18.85 -20.17 43.07
C CYS C 43 17.57 -19.34 43.03
N ARG C 44 17.27 -18.75 41.88
CA ARG C 44 16.07 -17.93 41.76
C ARG C 44 14.81 -18.75 41.99
N LEU C 45 14.75 -19.96 41.44
CA LEU C 45 13.57 -20.80 41.59
C LEU C 45 13.41 -21.29 43.02
N LEU C 46 14.43 -21.18 43.85
CA LEU C 46 14.34 -21.53 45.26
C LEU C 46 13.96 -20.34 46.14
N GLY C 47 13.70 -19.18 45.54
CA GLY C 47 13.25 -18.02 46.29
C GLY C 47 14.30 -16.97 46.56
N ILE C 48 15.51 -17.12 46.02
CA ILE C 48 16.55 -16.12 46.23
C ILE C 48 16.35 -14.98 45.25
N ASP C 49 16.24 -13.76 45.77
CA ASP C 49 16.01 -12.58 44.94
C ASP C 49 16.52 -11.36 45.71
N GLY C 50 16.68 -10.26 44.98
CA GLY C 50 17.17 -9.04 45.57
C GLY C 50 18.58 -8.71 45.13
N VAL C 51 19.15 -7.71 45.81
CA VAL C 51 20.51 -7.26 45.53
C VAL C 51 21.20 -6.94 46.85
N ASN C 52 22.52 -7.05 46.85
CA ASN C 52 23.32 -6.69 48.01
C ASN C 52 23.56 -5.18 48.02
N ASP C 53 24.42 -4.73 48.92
CA ASP C 53 24.67 -3.30 49.03
C ASP C 53 25.30 -2.73 47.77
N LEU C 54 26.03 -3.54 47.00
CA LEU C 54 26.68 -3.07 45.80
C LEU C 54 25.78 -3.11 44.58
N GLY C 55 24.58 -3.69 44.69
CA GLY C 55 23.69 -3.82 43.57
C GLY C 55 23.82 -5.11 42.79
N VAL C 56 24.69 -6.02 43.23
CA VAL C 56 24.83 -7.31 42.56
C VAL C 56 23.63 -8.19 42.95
N PRO C 57 22.93 -8.80 42.00
CA PRO C 57 21.82 -9.68 42.37
C PRO C 57 22.29 -10.80 43.28
N LEU C 58 21.45 -11.15 44.25
CA LEU C 58 21.81 -12.17 45.21
C LEU C 58 22.11 -13.53 44.57
N PRO C 59 21.38 -13.99 43.55
CA PRO C 59 21.79 -15.23 42.89
C PRO C 59 23.22 -15.16 42.36
N ASN C 60 23.61 -14.01 41.80
CA ASN C 60 24.99 -13.85 41.35
C ASN C 60 25.95 -13.97 42.51
N VAL C 61 25.64 -13.31 43.63
CA VAL C 61 26.51 -13.36 44.80
C VAL C 61 26.69 -14.80 45.26
N VAL C 62 25.59 -15.53 45.39
CA VAL C 62 25.64 -16.88 45.93
C VAL C 62 26.41 -17.80 44.99
N VAL C 63 26.14 -17.71 43.69
CA VAL C 63 26.82 -18.60 42.75
C VAL C 63 28.30 -18.26 42.66
N ASP C 64 28.65 -16.98 42.69
CA ASP C 64 30.07 -16.60 42.67
C ASP C 64 30.77 -17.12 43.92
N HIS C 65 30.12 -16.99 45.08
CA HIS C 65 30.69 -17.53 46.31
C HIS C 65 30.92 -19.03 46.19
N ILE C 66 29.91 -19.77 45.70
CA ILE C 66 30.03 -21.22 45.61
C ILE C 66 31.13 -21.60 44.63
N LYS C 67 31.26 -20.86 43.53
CA LYS C 67 32.27 -21.20 42.53
C LYS C 67 33.67 -20.91 43.03
N SER C 68 33.88 -19.72 43.61
CA SER C 68 35.21 -19.34 44.03
C SER C 68 35.67 -20.11 45.26
N LYS C 69 34.81 -20.25 46.26
CA LYS C 69 35.18 -20.85 47.53
C LYS C 69 35.00 -22.36 47.55
N GLY C 70 34.08 -22.90 46.76
CA GLY C 70 33.73 -24.31 46.82
C GLY C 70 33.78 -24.95 45.45
N ASN C 71 32.96 -25.98 45.28
CA ASN C 71 32.93 -26.80 44.06
C ASN C 71 31.55 -26.66 43.43
N LEU C 72 31.43 -25.78 42.43
CA LEU C 72 30.13 -25.54 41.79
C LEU C 72 29.65 -26.73 40.98
N SER C 73 30.50 -27.73 40.73
CA SER C 73 30.07 -28.90 39.99
C SER C 73 29.00 -29.70 40.73
N LEU C 74 28.83 -29.47 42.04
CA LEU C 74 27.79 -30.13 42.81
C LEU C 74 26.44 -29.44 42.69
N GLY C 75 26.38 -28.28 42.06
CA GLY C 75 25.15 -27.54 41.92
C GLY C 75 24.92 -26.59 43.08
N ALA C 76 24.19 -25.51 42.78
CA ALA C 76 23.85 -24.55 43.83
C ALA C 76 22.79 -25.11 44.77
N ALA C 77 21.95 -26.03 44.28
CA ALA C 77 20.94 -26.63 45.13
C ALA C 77 21.57 -27.41 46.27
N THR C 78 22.67 -28.12 46.00
CA THR C 78 23.34 -28.86 47.06
C THR C 78 23.74 -27.95 48.21
N TYR C 79 24.42 -26.84 47.90
CA TYR C 79 24.91 -25.95 48.95
C TYR C 79 23.76 -25.23 49.63
N ILE C 80 22.73 -24.82 48.88
CA ILE C 80 21.60 -24.16 49.50
C ILE C 80 20.87 -25.11 50.46
N GLY C 81 20.69 -26.36 50.06
CA GLY C 81 20.06 -27.32 50.95
C GLY C 81 20.91 -27.61 52.17
N ASN C 82 22.23 -27.68 52.00
CA ASN C 82 23.11 -27.87 53.15
C ASN C 82 22.98 -26.70 54.12
N ALA C 83 22.94 -25.48 53.60
CA ALA C 83 22.75 -24.32 54.46
C ALA C 83 21.40 -24.36 55.16
N MET C 84 20.34 -24.75 54.44
CA MET C 84 19.03 -24.85 55.04
C MET C 84 19.01 -25.86 56.19
N ILE C 85 19.68 -26.99 56.00
CA ILE C 85 19.73 -28.01 57.05
C ILE C 85 20.53 -27.49 58.25
N TYR C 86 21.69 -26.90 57.98
CA TYR C 86 22.59 -26.53 59.07
C TYR C 86 22.05 -25.37 59.89
N THR C 87 21.59 -24.31 59.21
CA THR C 87 21.15 -23.10 59.90
C THR C 87 19.66 -23.07 60.14
N GLY C 88 18.87 -23.72 59.28
CA GLY C 88 17.44 -23.71 59.41
C GLY C 88 16.74 -22.52 58.78
N LEU C 89 17.49 -21.64 58.13
CA LEU C 89 16.90 -20.45 57.52
C LEU C 89 16.38 -20.76 56.11
N SER C 90 15.48 -19.92 55.64
CA SER C 90 14.98 -20.03 54.27
C SER C 90 16.08 -19.63 53.29
N PRO C 91 15.98 -20.08 52.04
CA PRO C 91 17.06 -19.76 51.09
C PRO C 91 17.30 -18.28 50.91
N GLN C 92 16.25 -17.44 50.98
CA GLN C 92 16.45 -16.01 50.86
C GLN C 92 17.29 -15.47 52.00
N GLU C 93 17.02 -15.92 53.22
CA GLU C 93 17.81 -15.48 54.37
C GLU C 93 19.25 -15.99 54.27
N ILE C 94 19.43 -17.20 53.74
CA ILE C 94 20.79 -17.72 53.53
C ILE C 94 21.54 -16.85 52.54
N ALA C 95 20.87 -16.46 51.45
CA ALA C 95 21.51 -15.59 50.47
C ALA C 95 21.87 -14.24 51.08
N GLU C 96 20.97 -13.68 51.90
CA GLU C 96 21.28 -12.41 52.55
C GLU C 96 22.47 -12.56 53.49
N ARG C 97 22.53 -13.66 54.25
CA ARG C 97 23.66 -13.90 55.13
C ARG C 97 24.95 -13.99 54.35
N VAL C 98 24.92 -14.70 53.22
CA VAL C 98 26.13 -14.84 52.40
C VAL C 98 26.55 -13.48 51.85
N ALA C 99 25.58 -12.68 51.41
CA ALA C 99 25.90 -11.35 50.90
C ALA C 99 26.54 -10.50 51.97
N LYS C 100 26.01 -10.54 53.19
CA LYS C 100 26.60 -9.79 54.30
C LYS C 100 27.94 -10.36 54.77
N GLY C 101 28.32 -11.53 54.29
CA GLY C 101 29.55 -12.16 54.73
C GLY C 101 29.46 -12.88 56.05
N GLU C 102 28.26 -12.99 56.62
CA GLU C 102 28.08 -13.66 57.90
C GLU C 102 28.08 -15.17 57.79
N LEU C 103 27.91 -15.71 56.58
CA LEU C 103 27.83 -17.14 56.37
C LEU C 103 28.74 -17.55 55.23
N ASP C 104 29.26 -18.78 55.30
CA ASP C 104 30.15 -19.32 54.28
C ASP C 104 29.61 -20.70 53.92
N LEU C 105 28.92 -20.79 52.77
CA LEU C 105 28.26 -22.03 52.39
C LEU C 105 29.22 -23.21 52.28
N THR C 106 30.48 -22.96 51.95
CA THR C 106 31.44 -24.04 51.75
C THR C 106 32.07 -24.53 53.04
N SER C 107 32.20 -23.67 54.04
CA SER C 107 32.80 -24.09 55.31
C SER C 107 31.83 -24.90 56.17
N ILE C 108 30.54 -24.81 55.89
CA ILE C 108 29.56 -25.54 56.69
C ILE C 108 29.81 -27.04 56.53
N PRO C 109 29.69 -27.85 57.59
CA PRO C 109 29.79 -29.30 57.40
C PRO C 109 28.72 -29.81 56.46
N MET C 110 29.06 -30.83 55.67
CA MET C 110 28.19 -31.30 54.61
C MET C 110 27.29 -32.42 55.13
N ALA C 111 25.98 -32.24 55.00
CA ALA C 111 25.03 -33.28 55.34
C ALA C 111 24.90 -34.28 54.19
N ASP C 112 24.26 -35.40 54.48
CA ASP C 112 24.06 -36.42 53.46
C ASP C 112 23.17 -35.88 52.34
N LEU C 113 23.50 -36.29 51.10
CA LEU C 113 22.79 -35.76 49.95
C LEU C 113 21.29 -36.02 50.02
N PHE C 114 20.89 -37.13 50.65
CA PHE C 114 19.47 -37.45 50.77
C PHE C 114 18.74 -36.39 51.59
N GLU C 115 19.34 -35.98 52.71
CA GLU C 115 18.77 -34.88 53.49
C GLU C 115 18.70 -33.60 52.68
N ILE C 116 19.74 -33.33 51.88
CA ILE C 116 19.76 -32.13 51.06
C ILE C 116 18.59 -32.13 50.10
N LYS C 117 18.38 -33.25 49.41
CA LYS C 117 17.29 -33.36 48.45
C LYS C 117 15.95 -33.19 49.12
N LEU C 118 15.75 -33.83 50.28
CA LEU C 118 14.49 -33.68 50.99
C LEU C 118 14.27 -32.23 51.39
N ALA C 119 15.31 -31.56 51.87
CA ALA C 119 15.16 -30.17 52.27
C ALA C 119 14.77 -29.28 51.10
N VAL C 120 15.36 -29.50 49.93
CA VAL C 120 15.08 -28.62 48.80
C VAL C 120 13.76 -28.97 48.12
N GLN C 121 13.25 -30.19 48.33
CA GLN C 121 12.11 -30.68 47.56
C GLN C 121 10.87 -29.83 47.78
N ASP C 122 10.60 -29.41 49.02
CA ASP C 122 9.38 -28.68 49.28
C ASP C 122 9.35 -27.34 48.57
N ILE C 123 10.45 -26.59 48.62
CA ILE C 123 10.51 -25.31 47.93
C ILE C 123 10.43 -25.51 46.42
N ALA C 124 11.11 -26.54 45.90
CA ALA C 124 11.04 -26.80 44.47
C ALA C 124 9.61 -27.09 44.05
N ILE C 125 8.91 -27.91 44.82
CA ILE C 125 7.54 -28.28 44.49
C ILE C 125 6.64 -27.04 44.54
N LYS C 126 6.84 -26.18 45.54
CA LYS C 126 6.03 -24.98 45.63
C LYS C 126 6.23 -24.07 44.42
N THR C 127 7.49 -23.89 43.99
CA THR C 127 7.74 -23.07 42.81
C THR C 127 7.11 -23.68 41.57
N VAL C 128 7.23 -25.00 41.41
CA VAL C 128 6.64 -25.66 40.25
C VAL C 128 5.13 -25.51 40.26
N GLU C 129 4.51 -25.60 41.44
CA GLU C 129 3.08 -25.39 41.55
C GLU C 129 2.70 -23.97 41.17
N LYS C 130 3.52 -23.00 41.56
CA LYS C 130 3.27 -21.61 41.15
C LYS C 130 3.29 -21.49 39.63
N ILE C 131 4.26 -22.12 38.98
CA ILE C 131 4.33 -22.04 37.52
C ILE C 131 3.13 -22.73 36.88
N ARG C 132 2.71 -23.87 37.43
CA ARG C 132 1.51 -24.54 36.94
C ARG C 132 0.29 -23.63 37.08
N GLU C 133 0.19 -22.94 38.21
CA GLU C 133 -0.93 -22.03 38.43
C GLU C 133 -0.93 -20.92 37.39
N ASN C 134 0.26 -20.38 37.08
CA ASN C 134 0.33 -19.33 36.06
C ASN C 134 -0.12 -19.86 34.70
N ARG C 135 0.32 -21.07 34.34
CA ARG C 135 -0.09 -21.66 33.07
C ARG C 135 -1.61 -21.82 33.03
N ARG C 136 -2.19 -22.38 34.10
CA ARG C 136 -3.63 -22.59 34.12
C ARG C 136 -4.38 -21.27 34.10
N LYS C 137 -3.81 -20.22 34.70
CA LYS C 137 -4.42 -18.91 34.64
C LYS C 137 -4.45 -18.38 33.23
N ARG C 138 -3.36 -18.54 32.49
CA ARG C 138 -3.35 -18.13 31.09
C ARG C 138 -4.39 -18.90 30.29
N GLU C 139 -4.48 -20.22 30.53
CA GLU C 139 -5.49 -21.02 29.83
C GLU C 139 -6.90 -20.55 30.17
N GLU C 140 -7.14 -20.22 31.44
CA GLU C 140 -8.45 -19.72 31.84
C GLU C 140 -8.78 -18.42 31.13
N PHE C 141 -7.82 -17.50 31.04
CA PHE C 141 -8.08 -16.24 30.33
C PHE C 141 -8.38 -16.51 28.86
N LEU C 142 -7.60 -17.36 28.21
CA LEU C 142 -7.82 -17.63 26.79
C LEU C 142 -9.19 -18.28 26.57
N LYS C 143 -9.57 -19.20 27.45
CA LYS C 143 -10.90 -19.80 27.34
C LYS C 143 -11.99 -18.75 27.57
N LYS C 144 -11.80 -17.87 28.54
CA LYS C 144 -12.81 -16.86 28.85
C LYS C 144 -13.06 -15.95 27.66
N TYR C 145 -11.99 -15.38 27.10
CA TYR C 145 -12.14 -14.42 26.03
C TYR C 145 -12.20 -15.06 24.65
N GLY C 146 -11.87 -16.34 24.54
CA GLY C 146 -11.80 -16.97 23.23
C GLY C 146 -10.57 -16.52 22.48
N ASP C 147 -10.03 -17.38 21.63
CA ASP C 147 -8.85 -17.07 20.84
C ASP C 147 -9.25 -16.91 19.38
N LYS C 148 -8.81 -15.82 18.76
CA LYS C 148 -9.17 -15.55 17.38
C LYS C 148 -8.54 -16.58 16.44
N GLU C 149 -9.26 -16.86 15.34
CA GLU C 149 -8.76 -17.83 14.37
C GLU C 149 -7.65 -17.24 13.50
N GLY C 150 -7.72 -15.95 13.19
CA GLY C 150 -6.78 -15.35 12.28
C GLY C 150 -5.45 -15.07 12.91
N PRO C 151 -4.55 -14.47 12.13
CA PRO C 151 -3.20 -14.16 12.65
C PRO C 151 -3.25 -13.18 13.80
N LEU C 152 -2.32 -13.34 14.73
CA LEU C 152 -2.18 -12.42 15.85
C LEU C 152 -1.27 -11.27 15.44
N LEU C 153 -1.79 -10.05 15.52
CA LEU C 153 -1.00 -8.87 15.17
C LEU C 153 0.03 -8.62 16.26
N TYR C 154 1.31 -8.69 15.90
CA TYR C 154 2.40 -8.61 16.86
C TYR C 154 3.12 -7.28 16.65
N VAL C 155 3.16 -6.46 17.70
CA VAL C 155 3.73 -5.12 17.64
C VAL C 155 4.84 -5.01 18.68
N ILE C 156 5.74 -4.06 18.46
CA ILE C 156 6.88 -3.83 19.34
C ILE C 156 6.76 -2.43 19.91
N VAL C 157 6.89 -2.32 21.24
CA VAL C 157 6.82 -1.05 21.94
C VAL C 157 7.96 -0.98 22.93
N ALA C 158 8.66 0.15 22.97
CA ALA C 158 9.77 0.30 23.91
C ALA C 158 10.17 1.77 23.96
N THR C 159 10.39 2.26 25.18
CA THR C 159 10.78 3.64 25.37
C THR C 159 11.86 3.81 26.43
N GLY C 160 12.34 2.72 27.03
CA GLY C 160 13.35 2.79 28.06
C GLY C 160 12.83 2.92 29.47
N ASN C 161 11.61 3.44 29.64
CA ASN C 161 10.98 3.57 30.95
C ASN C 161 9.76 2.66 30.98
N ILE C 162 9.71 1.79 31.98
CA ILE C 162 8.63 0.80 32.06
C ILE C 162 7.29 1.50 32.29
N TYR C 163 7.28 2.51 33.15
CA TYR C 163 6.03 3.20 33.47
C TYR C 163 5.45 3.96 32.28
N GLU C 164 6.25 4.24 31.25
CA GLU C 164 5.74 4.73 29.99
C GLU C 164 5.48 3.60 28.99
N ASP C 165 6.24 2.51 29.10
CA ASP C 165 6.01 1.37 28.24
C ASP C 165 4.64 0.79 28.47
N VAL C 166 4.16 0.82 29.72
CA VAL C 166 2.81 0.34 29.99
C VAL C 166 1.79 1.15 29.22
N VAL C 167 1.95 2.48 29.22
CA VAL C 167 1.01 3.33 28.49
C VAL C 167 1.07 3.04 26.99
N GLN C 168 2.29 2.95 26.44
CA GLN C 168 2.42 2.67 25.01
C GLN C 168 1.79 1.33 24.65
N ALA C 169 2.02 0.30 25.48
CA ALA C 169 1.51 -1.03 25.18
C ALA C 169 -0.01 -1.06 25.31
N GLN C 170 -0.56 -0.36 26.31
CA GLN C 170 -2.01 -0.30 26.43
C GLN C 170 -2.63 0.38 25.23
N ALA C 171 -2.03 1.48 24.77
CA ALA C 171 -2.53 2.15 23.57
C ALA C 171 -2.46 1.23 22.37
N ALA C 172 -1.34 0.52 22.21
CA ALA C 172 -1.21 -0.41 21.08
C ALA C 172 -2.25 -1.51 21.14
N ALA C 173 -2.49 -2.06 22.33
CA ALA C 173 -3.49 -3.11 22.48
C ALA C 173 -4.87 -2.58 22.11
N ARG C 174 -5.20 -1.38 22.57
CA ARG C 174 -6.48 -0.79 22.20
C ARG C 174 -6.57 -0.57 20.70
N GLN C 175 -5.42 -0.30 20.06
CA GLN C 175 -5.44 -0.09 18.61
C GLN C 175 -5.72 -1.39 17.86
N GLY C 176 -5.39 -2.54 18.44
CA GLY C 176 -5.69 -3.81 17.81
C GLY C 176 -4.62 -4.86 17.94
N ALA C 177 -3.50 -4.54 18.57
CA ALA C 177 -2.42 -5.50 18.71
C ALA C 177 -2.83 -6.66 19.61
N ASP C 178 -2.53 -7.88 19.16
CA ASP C 178 -2.81 -9.09 19.93
C ASP C 178 -1.62 -9.56 20.74
N VAL C 179 -0.40 -9.36 20.25
CA VAL C 179 0.82 -9.69 20.97
C VAL C 179 1.66 -8.42 21.06
N ILE C 180 2.14 -8.11 22.26
CA ILE C 180 2.94 -6.91 22.50
C ILE C 180 4.28 -7.35 23.05
N ALA C 181 5.35 -7.01 22.35
CA ALA C 181 6.70 -7.34 22.75
C ALA C 181 7.42 -6.07 23.17
N VAL C 182 7.92 -6.04 24.40
CA VAL C 182 8.71 -4.92 24.88
C VAL C 182 10.16 -5.14 24.44
N ILE C 183 10.61 -4.36 23.48
CA ILE C 183 11.96 -4.54 22.94
C ILE C 183 12.95 -4.42 24.09
N ARG C 184 13.73 -5.48 24.30
CA ARG C 184 14.70 -5.48 25.39
C ARG C 184 15.81 -4.48 25.11
N ALA C 185 16.40 -3.96 26.18
CA ALA C 185 17.53 -3.05 26.03
C ALA C 185 18.61 -3.72 25.20
N THR C 186 19.09 -3.01 24.18
CA THR C 186 20.02 -3.60 23.24
C THR C 186 21.32 -4.00 23.94
N ALA C 187 21.88 -5.12 23.49
CA ALA C 187 23.13 -5.68 24.00
C ALA C 187 22.99 -6.24 25.41
N GLN C 188 21.77 -6.42 25.91
CA GLN C 188 21.60 -7.04 27.21
C GLN C 188 21.97 -8.52 27.16
N SER C 189 22.03 -9.11 25.98
CA SER C 189 22.40 -10.51 25.86
C SER C 189 23.83 -10.77 26.30
N LEU C 190 24.63 -9.72 26.45
CA LEU C 190 26.03 -9.84 26.86
C LEU C 190 26.23 -9.66 28.35
N LEU C 191 25.18 -9.32 29.10
CA LEU C 191 25.29 -9.19 30.54
C LEU C 191 25.27 -10.56 31.20
N ASP C 192 26.11 -10.74 32.22
CA ASP C 192 26.15 -11.98 32.99
C ASP C 192 25.24 -11.93 34.21
N TYR C 193 24.28 -11.00 34.24
CA TYR C 193 23.37 -10.87 35.36
C TYR C 193 22.11 -10.18 34.88
N VAL C 194 21.01 -10.42 35.60
CA VAL C 194 19.72 -9.82 35.29
C VAL C 194 19.50 -8.66 36.26
N PRO C 195 19.44 -7.42 35.80
CA PRO C 195 19.26 -6.30 36.73
C PRO C 195 18.02 -6.47 37.58
N TYR C 196 17.94 -5.68 38.65
CA TYR C 196 16.91 -5.82 39.66
C TYR C 196 16.06 -4.56 39.75
N GLY C 197 14.79 -4.76 40.05
CA GLY C 197 13.86 -3.66 40.24
C GLY C 197 13.33 -3.12 38.93
N PRO C 198 12.35 -2.23 39.00
CA PRO C 198 11.82 -1.62 37.77
C PRO C 198 12.87 -0.70 37.14
N THR C 199 12.82 -0.63 35.82
CA THR C 199 13.77 0.17 35.04
C THR C 199 13.09 1.46 34.60
N THR C 200 13.72 2.59 34.93
CA THR C 200 13.19 3.90 34.56
C THR C 200 13.90 4.50 33.35
N GLU C 201 15.04 3.95 32.95
CA GLU C 201 15.76 4.48 31.79
C GLU C 201 16.59 3.36 31.17
N GLY C 202 16.66 3.39 29.85
CA GLY C 202 17.45 2.40 29.12
C GLY C 202 17.59 2.83 27.68
N PHE C 203 18.62 2.30 27.04
CA PHE C 203 18.96 2.64 25.66
C PHE C 203 18.52 1.53 24.73
N GLY C 204 17.82 1.90 23.66
CA GLY C 204 17.39 0.93 22.67
C GLY C 204 16.32 -0.02 23.15
N GLY C 205 15.68 0.27 24.27
CA GLY C 205 14.66 -0.60 24.82
C GLY C 205 14.67 -0.55 26.33
N THR C 206 13.94 -1.49 26.92
CA THR C 206 13.80 -1.59 28.36
C THR C 206 14.39 -2.92 28.82
N TYR C 207 15.18 -2.87 29.89
CA TYR C 207 15.82 -4.08 30.40
C TYR C 207 14.77 -5.13 30.72
N ALA C 208 15.19 -6.39 30.68
CA ALA C 208 14.31 -7.49 31.04
C ALA C 208 14.51 -7.85 32.51
N THR C 209 13.66 -7.30 33.37
CA THR C 209 13.72 -7.57 34.80
C THR C 209 12.37 -8.12 35.24
N GLN C 210 12.39 -8.87 36.34
CA GLN C 210 11.17 -9.51 36.82
C GLN C 210 10.11 -8.47 37.18
N GLU C 211 10.52 -7.37 37.82
CA GLU C 211 9.57 -6.33 38.16
C GLU C 211 8.93 -5.71 36.92
N ASN C 212 9.73 -5.53 35.86
CA ASN C 212 9.17 -5.03 34.61
C ASN C 212 8.14 -6.00 34.04
N PHE C 213 8.44 -7.30 34.09
CA PHE C 213 7.48 -8.29 33.63
C PHE C 213 6.19 -8.21 34.44
N ARG C 214 6.30 -8.09 35.76
CA ARG C 214 5.11 -8.01 36.59
C ARG C 214 4.28 -6.78 36.24
N ILE C 215 4.94 -5.63 36.12
CA ILE C 215 4.22 -4.39 35.82
C ILE C 215 3.52 -4.49 34.48
N MET C 216 4.24 -4.97 33.47
CA MET C 216 3.65 -5.09 32.14
C MET C 216 2.48 -6.06 32.13
N ARG C 217 2.61 -7.19 32.83
CA ARG C 217 1.52 -8.15 32.84
C ARG C 217 0.30 -7.60 33.54
N LYS C 218 0.50 -6.87 34.64
CA LYS C 218 -0.63 -6.24 35.32
C LYS C 218 -1.34 -5.26 34.40
N ALA C 219 -0.57 -4.39 33.73
CA ALA C 219 -1.18 -3.41 32.83
C ALA C 219 -1.93 -4.08 31.70
N LEU C 220 -1.32 -5.10 31.08
CA LEU C 220 -1.95 -5.79 29.98
C LEU C 220 -3.17 -6.61 30.42
N ASP C 221 -3.17 -7.10 31.65
CA ASP C 221 -4.38 -7.74 32.17
C ASP C 221 -5.50 -6.74 32.33
N GLU C 222 -5.19 -5.55 32.85
CA GLU C 222 -6.21 -4.51 32.94
C GLU C 222 -6.80 -4.22 31.56
N VAL C 223 -5.92 -4.03 30.57
CA VAL C 223 -6.42 -3.72 29.22
C VAL C 223 -7.16 -4.91 28.62
N SER C 224 -6.75 -6.14 28.94
CA SER C 224 -7.44 -7.31 28.41
C SER C 224 -8.85 -7.40 28.96
N GLU C 225 -9.02 -7.11 30.25
CA GLU C 225 -10.38 -7.01 30.80
C GLU C 225 -11.15 -5.88 30.12
N GLU C 226 -10.50 -4.75 29.86
CA GLU C 226 -11.17 -3.65 29.17
C GLU C 226 -11.70 -4.08 27.81
N LEU C 227 -10.83 -4.70 27.00
CA LEU C 227 -11.15 -5.00 25.61
C LEU C 227 -11.86 -6.34 25.43
N GLY C 228 -11.91 -7.17 26.46
CA GLY C 228 -12.56 -8.46 26.34
C GLY C 228 -11.83 -9.44 25.44
N ARG C 229 -10.53 -9.25 25.23
CA ARG C 229 -9.73 -10.23 24.49
C ARG C 229 -8.33 -10.27 25.08
N TYR C 230 -7.78 -11.47 25.17
CA TYR C 230 -6.50 -11.68 25.82
C TYR C 230 -5.37 -11.08 24.98
N ILE C 231 -4.56 -10.23 25.60
CA ILE C 231 -3.39 -9.64 24.96
C ILE C 231 -2.16 -10.30 25.55
N ARG C 232 -1.34 -10.88 24.68
CA ARG C 232 -0.16 -11.63 25.10
C ARG C 232 1.03 -10.70 25.25
N LEU C 233 2.00 -11.14 26.05
CA LEU C 233 3.20 -10.37 26.37
C LEU C 233 4.43 -11.17 25.95
N CYS C 234 5.36 -10.50 25.28
CA CYS C 234 6.54 -11.16 24.73
C CYS C 234 7.80 -10.41 25.17
N ASN C 235 8.90 -11.15 25.28
CA ASN C 235 10.19 -10.59 25.63
C ASN C 235 11.28 -11.52 25.12
N TYR C 236 12.54 -11.14 25.36
CA TYR C 236 13.69 -11.86 24.85
C TYR C 236 14.37 -12.59 26.00
N ALA C 237 14.99 -13.73 25.70
CA ALA C 237 15.70 -14.51 26.70
C ALA C 237 17.16 -14.76 26.33
N SER C 238 17.54 -14.54 25.08
CA SER C 238 18.84 -14.98 24.60
C SER C 238 19.98 -14.28 25.34
N GLY C 239 21.03 -15.06 25.64
CA GLY C 239 22.33 -14.52 25.94
C GLY C 239 22.74 -14.46 27.40
N LEU C 240 23.50 -15.46 27.84
CA LEU C 240 24.24 -15.44 29.10
C LEU C 240 23.34 -15.43 30.33
N CYS C 241 22.03 -15.29 30.14
CA CYS C 241 21.06 -15.36 31.22
C CYS C 241 19.77 -16.02 30.76
N MET C 242 19.87 -16.89 29.77
CA MET C 242 18.68 -17.47 29.15
C MET C 242 17.83 -18.19 30.20
N PRO C 243 18.38 -19.13 30.97
CA PRO C 243 17.54 -19.80 31.96
C PRO C 243 16.96 -18.86 32.99
N GLU C 244 17.70 -17.82 33.39
CA GLU C 244 17.19 -16.90 34.40
C GLU C 244 16.00 -16.12 33.89
N ILE C 245 16.11 -15.54 32.69
CA ILE C 245 15.01 -14.77 32.13
C ILE C 245 13.84 -15.68 31.82
N ALA C 246 14.11 -16.92 31.41
CA ALA C 246 13.04 -17.89 31.20
C ALA C 246 12.29 -18.14 32.51
N ALA C 247 13.02 -18.32 33.60
CA ALA C 247 12.38 -18.53 34.90
C ALA C 247 11.57 -17.32 35.31
N MET C 248 12.12 -16.12 35.10
CA MET C 248 11.38 -14.90 35.45
C MET C 248 10.10 -14.79 34.63
N GLY C 249 10.17 -15.11 33.34
CA GLY C 249 8.97 -15.10 32.52
C GLY C 249 7.95 -16.13 32.96
N ALA C 250 8.42 -17.32 33.30
CA ALA C 250 7.49 -18.35 33.78
C ALA C 250 6.82 -17.92 35.07
N LEU C 251 7.57 -17.28 35.97
CA LEU C 251 7.01 -16.85 37.24
C LEU C 251 6.09 -15.65 37.09
N GLU C 252 6.33 -14.80 36.08
CA GLU C 252 5.51 -13.62 35.84
C GLU C 252 4.48 -13.83 34.73
N ARG C 253 4.41 -15.03 34.18
CA ARG C 253 3.38 -15.39 33.21
C ARG C 253 3.49 -14.59 31.93
N LEU C 254 4.69 -14.58 31.34
CA LEU C 254 4.81 -14.14 29.95
C LEU C 254 4.20 -15.19 29.04
N ASP C 255 3.69 -14.75 27.90
CA ASP C 255 2.99 -15.62 26.97
C ASP C 255 3.85 -16.09 25.81
N VAL C 256 4.78 -15.27 25.34
CA VAL C 256 5.71 -15.63 24.28
C VAL C 256 7.09 -15.15 24.70
N MET C 257 8.12 -15.78 24.13
CA MET C 257 9.50 -15.44 24.50
C MET C 257 10.45 -15.94 23.43
N LEU C 258 11.34 -15.04 22.98
CA LEU C 258 12.35 -15.39 21.99
C LEU C 258 13.45 -16.20 22.65
N ASN C 259 13.59 -17.46 22.25
CA ASN C 259 14.52 -18.38 22.87
C ASN C 259 15.27 -19.16 21.78
N ASP C 260 15.78 -18.43 20.79
CA ASP C 260 16.54 -19.06 19.71
C ASP C 260 17.78 -19.74 20.28
N ALA C 261 18.03 -20.98 19.84
CA ALA C 261 19.18 -21.73 20.33
C ALA C 261 20.49 -21.16 19.79
N LEU C 262 20.53 -20.89 18.49
CA LEU C 262 21.79 -20.52 17.83
C LEU C 262 22.03 -19.02 17.77
N TYR C 263 21.09 -18.19 18.20
CA TYR C 263 21.26 -16.75 18.05
C TYR C 263 22.49 -16.27 18.81
N GLY C 264 22.63 -16.67 20.07
CA GLY C 264 23.74 -16.18 20.87
C GLY C 264 25.08 -16.51 20.27
N ILE C 265 25.22 -17.70 19.67
CA ILE C 265 26.49 -18.11 19.11
C ILE C 265 26.85 -17.28 17.89
N LEU C 266 25.88 -17.10 16.98
CA LEU C 266 26.19 -16.56 15.66
C LEU C 266 26.23 -15.04 15.67
N PHE C 267 25.30 -14.40 16.37
CA PHE C 267 25.13 -12.96 16.30
C PHE C 267 25.61 -12.21 17.53
N ARG C 268 26.08 -12.91 18.55
CA ARG C 268 26.62 -12.26 19.74
C ARG C 268 27.94 -12.88 20.21
N ASP C 269 28.46 -13.88 19.50
CA ASP C 269 29.78 -14.43 19.79
C ASP C 269 29.87 -15.02 21.18
N ILE C 270 28.76 -15.52 21.70
CA ILE C 270 28.78 -16.25 22.96
C ILE C 270 29.25 -17.67 22.70
N ASN C 271 30.11 -18.17 23.57
CA ASN C 271 30.70 -19.50 23.37
C ASN C 271 29.59 -20.53 23.21
N MET C 272 29.78 -21.44 22.23
CA MET C 272 28.71 -22.36 21.88
C MET C 272 28.39 -23.34 22.98
N LYS C 273 29.40 -23.80 23.74
CA LYS C 273 29.11 -24.74 24.81
C LYS C 273 28.18 -24.13 25.85
N ARG C 274 28.48 -22.91 26.29
CA ARG C 274 27.62 -22.25 27.27
C ARG C 274 26.22 -22.03 26.73
N THR C 275 26.12 -21.56 25.48
CA THR C 275 24.80 -21.31 24.91
C THR C 275 23.99 -22.60 24.80
N MET C 276 24.63 -23.69 24.39
CA MET C 276 23.92 -24.94 24.23
C MET C 276 23.48 -25.50 25.58
N VAL C 277 24.29 -25.35 26.62
CA VAL C 277 23.85 -25.82 27.94
C VAL C 277 22.74 -24.93 28.48
N ASP C 278 22.82 -23.62 28.26
CA ASP C 278 21.81 -22.71 28.79
C ASP C 278 20.46 -22.93 28.13
N GLN C 279 20.44 -23.03 26.80
CA GLN C 279 19.18 -23.11 26.08
C GLN C 279 18.37 -24.32 26.50
N PHE C 280 19.04 -25.42 26.89
CA PHE C 280 18.30 -26.61 27.30
C PHE C 280 17.43 -26.31 28.52
N PHE C 281 18.02 -25.75 29.58
CA PHE C 281 17.24 -25.45 30.76
C PHE C 281 16.23 -24.34 30.50
N SER C 282 16.61 -23.33 29.73
CA SER C 282 15.67 -22.26 29.41
C SER C 282 14.44 -22.82 28.71
N ARG C 283 14.66 -23.73 27.75
CA ARG C 283 13.55 -24.28 26.99
C ARG C 283 12.75 -25.27 27.83
N VAL C 284 13.40 -25.98 28.75
CA VAL C 284 12.65 -26.83 29.68
C VAL C 284 11.67 -25.99 30.48
N ILE C 285 12.16 -24.88 31.05
CA ILE C 285 11.31 -24.01 31.84
C ILE C 285 10.18 -23.46 30.99
N ASN C 286 10.51 -22.96 29.80
CA ASN C 286 9.49 -22.35 28.94
C ASN C 286 8.44 -23.38 28.53
N GLY C 287 8.86 -24.59 28.16
CA GLY C 287 7.91 -25.61 27.78
C GLY C 287 7.00 -26.01 28.92
N PHE C 288 7.56 -26.15 30.13
CA PHE C 288 6.72 -26.47 31.27
C PHE C 288 5.72 -25.35 31.55
N ALA C 289 6.16 -24.10 31.44
CA ALA C 289 5.30 -22.97 31.74
C ALA C 289 4.22 -22.74 30.69
N GLY C 290 4.30 -23.41 29.55
CA GLY C 290 3.33 -23.18 28.49
C GLY C 290 3.58 -21.93 27.68
N ILE C 291 4.83 -21.50 27.57
CA ILE C 291 5.18 -20.28 26.86
C ILE C 291 5.55 -20.64 25.43
N ILE C 292 5.01 -19.87 24.48
CA ILE C 292 5.39 -20.05 23.07
C ILE C 292 6.80 -19.52 22.87
N ILE C 293 7.62 -20.28 22.14
CA ILE C 293 9.04 -19.99 21.99
C ILE C 293 9.27 -19.55 20.55
N ASN C 294 9.65 -18.29 20.37
CA ASN C 294 9.99 -17.77 19.06
C ASN C 294 11.47 -18.00 18.78
N THR C 295 11.81 -18.04 17.50
CA THR C 295 13.20 -18.19 17.07
C THR C 295 13.57 -17.06 16.12
N GLY C 296 14.86 -16.79 16.05
CA GLY C 296 15.36 -15.60 15.37
C GLY C 296 16.00 -15.86 14.03
N GLU C 297 15.41 -16.71 13.21
CA GLU C 297 15.94 -16.95 11.87
C GLU C 297 15.87 -15.73 10.98
N ASP C 298 15.11 -14.70 11.36
CA ASP C 298 15.07 -13.49 10.55
C ASP C 298 16.45 -12.83 10.46
N ASN C 299 17.28 -13.00 11.48
CA ASN C 299 18.62 -12.44 11.44
C ASN C 299 19.46 -13.03 10.31
N TYR C 300 19.17 -14.28 9.91
CA TYR C 300 19.94 -14.92 8.86
C TYR C 300 19.84 -14.18 7.53
N LEU C 301 18.63 -13.76 7.17
CA LEU C 301 18.40 -13.20 5.85
C LEU C 301 18.71 -11.71 5.78
N THR C 302 18.92 -11.05 6.92
CA THR C 302 19.25 -9.64 6.91
C THR C 302 20.69 -9.45 6.43
N THR C 303 20.86 -8.53 5.48
CA THR C 303 22.16 -8.23 4.87
C THR C 303 22.68 -9.39 4.03
N ALA C 304 21.90 -10.47 3.93
CA ALA C 304 22.29 -11.62 3.12
C ALA C 304 21.33 -11.77 1.94
N ASP C 305 21.74 -12.58 0.98
CA ASP C 305 20.92 -12.85 -0.21
C ASP C 305 19.84 -13.85 0.18
N ALA C 306 18.63 -13.35 0.41
CA ALA C 306 17.54 -14.21 0.86
C ALA C 306 17.22 -15.32 -0.13
N TYR C 307 17.53 -15.11 -1.41
CA TYR C 307 17.26 -16.15 -2.40
C TYR C 307 18.27 -17.29 -2.29
N GLU C 308 19.51 -16.97 -1.96
CA GLU C 308 20.56 -17.98 -1.87
C GLU C 308 20.63 -18.65 -0.51
N LYS C 309 20.13 -18.00 0.53
CA LYS C 309 20.22 -18.50 1.89
C LYS C 309 18.89 -19.01 2.43
N ALA C 310 17.95 -19.34 1.55
CA ALA C 310 16.66 -19.86 2.01
C ALA C 310 16.83 -21.18 2.74
N HIS C 311 17.69 -22.07 2.22
CA HIS C 311 17.83 -23.39 2.81
C HIS C 311 18.46 -23.34 4.19
N THR C 312 19.35 -22.38 4.44
CA THR C 312 19.96 -22.27 5.77
C THR C 312 18.91 -21.97 6.81
N VAL C 313 17.92 -21.14 6.48
CA VAL C 313 16.86 -20.84 7.42
C VAL C 313 16.06 -22.10 7.75
N LEU C 314 15.76 -22.91 6.74
CA LEU C 314 15.02 -24.14 6.99
C LEU C 314 15.82 -25.11 7.84
N ALA C 315 17.13 -25.23 7.57
CA ALA C 315 17.96 -26.12 8.38
C ALA C 315 18.01 -25.64 9.82
N SER C 316 18.14 -24.33 10.02
CA SER C 316 18.15 -23.79 11.37
C SER C 316 16.82 -24.04 12.07
N GLN C 317 15.71 -23.90 11.33
CA GLN C 317 14.40 -24.17 11.91
C GLN C 317 14.27 -25.62 12.34
N LEU C 318 14.74 -26.55 11.49
CA LEU C 318 14.66 -27.96 11.86
C LEU C 318 15.52 -28.27 13.07
N ILE C 319 16.74 -27.71 13.12
CA ILE C 319 17.59 -27.94 14.28
C ILE C 319 16.96 -27.36 15.54
N ASN C 320 16.37 -26.17 15.43
CA ASN C 320 15.72 -25.56 16.59
C ASN C 320 14.54 -26.37 17.06
N GLU C 321 13.73 -26.88 16.12
CA GLU C 321 12.62 -27.73 16.50
C GLU C 321 13.12 -28.97 17.23
N GLN C 322 14.17 -29.60 16.72
CA GLN C 322 14.68 -30.81 17.37
C GLN C 322 15.31 -30.49 18.71
N PHE C 323 15.83 -29.28 18.89
CA PHE C 323 16.33 -28.87 20.20
C PHE C 323 15.19 -28.59 21.17
N ALA C 324 14.05 -28.14 20.68
CA ALA C 324 12.90 -27.89 21.56
C ALA C 324 12.24 -29.21 21.99
N LEU C 325 12.18 -30.19 21.08
CA LEU C 325 11.54 -31.45 21.41
C LEU C 325 12.30 -32.18 22.52
N ILE C 326 13.63 -32.13 22.48
CA ILE C 326 14.42 -32.80 23.51
C ILE C 326 14.19 -32.15 24.87
N ALA C 327 13.71 -30.91 24.88
CA ALA C 327 13.41 -30.18 26.12
C ALA C 327 11.97 -30.35 26.57
N GLY C 328 11.16 -31.10 25.83
CA GLY C 328 9.79 -31.35 26.21
C GLY C 328 8.78 -30.32 25.74
N ILE C 329 9.18 -29.42 24.87
CA ILE C 329 8.24 -28.40 24.38
C ILE C 329 7.30 -29.03 23.36
N PRO C 330 5.98 -28.94 23.53
CA PRO C 330 5.07 -29.43 22.49
C PRO C 330 5.22 -28.64 21.20
N GLU C 331 4.86 -29.27 20.09
CA GLU C 331 4.97 -28.61 18.79
C GLU C 331 4.08 -27.38 18.71
N GLU C 332 3.02 -27.33 19.53
CA GLU C 332 2.13 -26.18 19.52
C GLU C 332 2.74 -24.95 20.17
N GLN C 333 3.89 -25.08 20.83
CA GLN C 333 4.59 -23.96 21.43
C GLN C 333 5.89 -23.61 20.70
N MET C 334 6.07 -24.08 19.47
CA MET C 334 7.29 -23.83 18.72
C MET C 334 7.00 -22.78 17.66
N GLY C 335 7.14 -21.51 18.02
CA GLY C 335 6.93 -20.42 17.09
C GLY C 335 8.13 -20.17 16.19
N LEU C 336 8.43 -21.12 15.31
CA LEU C 336 9.57 -20.97 14.42
C LEU C 336 9.36 -19.77 13.51
N GLY C 337 10.40 -18.96 13.37
CA GLY C 337 10.29 -17.70 12.67
C GLY C 337 10.99 -17.69 11.31
N HIS C 338 10.38 -16.99 10.37
CA HIS C 338 10.97 -16.75 9.07
C HIS C 338 10.46 -15.41 8.57
N ALA C 339 11.18 -14.83 7.61
CA ALA C 339 10.97 -13.44 7.25
C ALA C 339 10.68 -13.31 5.76
N PHE C 340 10.01 -12.19 5.41
CA PHE C 340 9.68 -11.85 4.04
C PHE C 340 10.76 -10.91 3.48
N GLU C 341 11.96 -11.48 3.27
CA GLU C 341 13.16 -10.70 3.06
C GLU C 341 13.76 -10.86 1.67
N MET C 342 12.95 -11.13 0.65
CA MET C 342 13.49 -11.24 -0.69
C MET C 342 13.49 -9.86 -1.37
N ASN C 343 14.29 -9.76 -2.42
CA ASN C 343 14.48 -8.49 -3.11
C ASN C 343 13.19 -8.07 -3.80
N PRO C 344 12.67 -6.86 -3.57
CA PRO C 344 11.45 -6.44 -4.28
C PRO C 344 11.66 -6.18 -5.76
N ASP C 345 12.89 -6.15 -6.25
CA ASP C 345 13.14 -6.02 -7.68
C ASP C 345 13.31 -7.36 -8.37
N LEU C 346 13.17 -8.47 -7.65
CA LEU C 346 13.32 -9.79 -8.23
C LEU C 346 12.02 -10.21 -8.90
N ARG C 347 12.09 -10.55 -10.18
CA ARG C 347 10.93 -11.06 -10.89
C ARG C 347 10.50 -12.39 -10.28
N ASN C 348 9.20 -12.54 -10.07
CA ASN C 348 8.61 -13.72 -9.43
C ASN C 348 9.06 -13.87 -7.99
N GLY C 349 9.61 -12.83 -7.38
CA GLY C 349 10.03 -12.92 -5.99
C GLY C 349 8.90 -13.27 -5.06
N PHE C 350 7.70 -12.73 -5.33
CA PHE C 350 6.55 -13.07 -4.52
C PHE C 350 6.24 -14.56 -4.58
N LEU C 351 6.40 -15.17 -5.76
CA LEU C 351 6.17 -16.61 -5.87
C LEU C 351 7.15 -17.38 -5.00
N TYR C 352 8.42 -16.97 -4.99
CA TYR C 352 9.41 -17.67 -4.16
C TYR C 352 9.12 -17.49 -2.68
N GLU C 353 8.75 -16.28 -2.26
CA GLU C 353 8.41 -16.06 -0.86
C GLU C 353 7.19 -16.89 -0.45
N LEU C 354 6.18 -16.92 -1.32
CA LEU C 354 5.00 -17.74 -1.05
C LEU C 354 5.36 -19.21 -0.96
N ALA C 355 6.25 -19.68 -1.85
CA ALA C 355 6.68 -21.07 -1.81
C ALA C 355 7.38 -21.39 -0.50
N GLN C 356 8.28 -20.53 -0.06
CA GLN C 356 9.01 -20.78 1.18
C GLN C 356 8.07 -20.76 2.38
N ALA C 357 7.16 -19.79 2.43
CA ALA C 357 6.23 -19.72 3.54
C ALA C 357 5.33 -20.95 3.60
N GLN C 358 4.82 -21.37 2.44
CA GLN C 358 3.96 -22.55 2.41
C GLN C 358 4.74 -23.80 2.78
N MET C 359 6.00 -23.90 2.34
CA MET C 359 6.82 -25.05 2.72
C MET C 359 7.05 -25.09 4.22
N VAL C 360 7.34 -23.94 4.83
CA VAL C 360 7.55 -23.89 6.28
C VAL C 360 6.27 -24.31 7.00
N ARG C 361 5.13 -23.79 6.53
CA ARG C 361 3.85 -24.15 7.15
C ARG C 361 3.58 -25.64 7.02
N GLU C 362 3.86 -26.22 5.85
CA GLU C 362 3.58 -27.63 5.63
C GLU C 362 4.48 -28.53 6.47
N ILE C 363 5.76 -28.17 6.59
CA ILE C 363 6.68 -29.01 7.37
C ILE C 363 6.29 -28.98 8.84
N PHE C 364 5.94 -27.81 9.37
CA PHE C 364 5.55 -27.64 10.76
C PHE C 364 4.06 -27.33 10.82
N PRO C 365 3.21 -28.36 10.67
CA PRO C 365 1.76 -28.08 10.57
C PRO C 365 1.14 -27.52 11.84
N LYS C 366 1.65 -27.88 13.02
CA LYS C 366 1.03 -27.44 14.27
C LYS C 366 1.67 -26.20 14.86
N ALA C 367 2.87 -25.84 14.41
CA ALA C 367 3.59 -24.75 15.04
C ALA C 367 2.85 -23.43 14.85
N PRO C 368 2.82 -22.57 15.88
CA PRO C 368 2.33 -21.19 15.67
C PRO C 368 3.39 -20.32 15.00
N LEU C 369 3.60 -20.57 13.71
CA LEU C 369 4.73 -19.96 13.01
C LEU C 369 4.66 -18.45 13.04
N LYS C 370 5.81 -17.82 13.22
CA LYS C 370 5.94 -16.37 13.26
C LYS C 370 6.54 -15.90 11.93
N TYR C 371 5.92 -14.91 11.31
CA TYR C 371 6.37 -14.35 10.06
C TYR C 371 6.73 -12.88 10.27
N MET C 372 7.89 -12.49 9.77
CA MET C 372 8.47 -11.18 10.06
C MET C 372 8.53 -10.35 8.78
N PRO C 373 8.54 -9.02 8.91
CA PRO C 373 8.36 -8.15 7.76
C PRO C 373 9.67 -7.93 7.01
N PRO C 374 9.62 -7.33 5.82
CA PRO C 374 10.85 -6.97 5.13
C PRO C 374 11.52 -5.76 5.76
N THR C 375 12.84 -5.85 5.94
CA THR C 375 13.61 -4.73 6.46
C THR C 375 14.85 -4.40 5.64
N LYS C 376 15.49 -5.36 4.97
CA LYS C 376 16.72 -5.06 4.23
C LYS C 376 16.45 -4.09 3.09
N TYR C 377 15.38 -4.32 2.34
CA TYR C 377 15.09 -3.55 1.14
C TYR C 377 14.05 -2.45 1.39
N MET C 378 13.66 -2.22 2.63
CA MET C 378 12.82 -1.08 2.96
C MET C 378 13.63 0.20 2.83
N THR C 379 12.99 1.24 2.28
CA THR C 379 13.65 2.50 2.02
C THR C 379 12.83 3.64 2.63
N GLY C 380 13.25 4.87 2.33
CA GLY C 380 12.54 6.04 2.81
C GLY C 380 11.23 6.32 2.09
N ASN C 381 10.99 5.64 0.97
CA ASN C 381 9.72 5.78 0.25
C ASN C 381 8.66 5.04 1.06
N ILE C 382 7.96 5.79 1.91
CA ILE C 382 7.01 5.19 2.84
C ILE C 382 5.85 4.55 2.10
N PHE C 383 5.49 5.07 0.92
CA PHE C 383 4.34 4.52 0.20
C PHE C 383 4.66 3.15 -0.38
N LYS C 384 5.81 3.01 -1.03
CA LYS C 384 6.21 1.70 -1.51
C LYS C 384 6.46 0.75 -0.34
N GLY C 385 6.92 1.29 0.79
CA GLY C 385 7.05 0.47 1.97
C GLY C 385 5.72 -0.06 2.45
N HIS C 386 4.67 0.77 2.39
CA HIS C 386 3.34 0.31 2.73
C HIS C 386 2.86 -0.76 1.76
N VAL C 387 3.17 -0.61 0.47
CA VAL C 387 2.82 -1.65 -0.49
C VAL C 387 3.55 -2.95 -0.18
N GLN C 388 4.83 -2.87 0.17
CA GLN C 388 5.58 -4.07 0.54
C GLN C 388 4.97 -4.73 1.77
N ASP C 389 4.57 -3.92 2.76
CA ASP C 389 3.89 -4.47 3.93
C ASP C 389 2.59 -5.14 3.53
N ALA C 390 1.87 -4.56 2.57
CA ALA C 390 0.63 -5.17 2.10
C ALA C 390 0.91 -6.55 1.51
N MET C 391 1.95 -6.65 0.67
CA MET C 391 2.30 -7.95 0.11
C MET C 391 2.72 -8.93 1.19
N PHE C 392 3.45 -8.45 2.20
CA PHE C 392 3.84 -9.29 3.32
C PHE C 392 2.63 -9.84 4.05
N ASN C 393 1.63 -9.00 4.29
CA ASN C 393 0.38 -9.46 4.91
C ASN C 393 -0.34 -10.45 4.00
N VAL C 394 -0.32 -10.21 2.69
CA VAL C 394 -0.96 -11.11 1.76
C VAL C 394 -0.35 -12.51 1.88
N VAL C 395 0.97 -12.58 1.90
CA VAL C 395 1.61 -13.89 2.08
C VAL C 395 1.22 -14.49 3.43
N THR C 396 1.25 -13.67 4.48
CA THR C 396 0.89 -14.16 5.81
C THR C 396 -0.46 -14.86 5.79
N ILE C 397 -1.48 -14.22 5.20
CA ILE C 397 -2.80 -14.82 5.24
C ILE C 397 -2.93 -15.95 4.22
N MET C 398 -2.19 -15.90 3.11
CA MET C 398 -2.27 -16.95 2.12
C MET C 398 -1.66 -18.26 2.61
N THR C 399 -0.66 -18.20 3.50
CA THR C 399 -0.02 -19.41 3.99
C THR C 399 -0.38 -19.75 5.44
N LYS C 400 -1.34 -19.03 6.04
CA LYS C 400 -1.85 -19.36 7.37
C LYS C 400 -0.75 -19.31 8.43
N GLN C 401 0.05 -18.24 8.42
CA GLN C 401 0.97 -18.02 9.51
C GLN C 401 0.21 -17.56 10.75
N ARG C 402 0.62 -18.06 11.91
CA ARG C 402 -0.11 -17.74 13.13
C ARG C 402 0.25 -16.36 13.67
N ILE C 403 1.50 -16.14 14.05
CA ILE C 403 1.96 -14.87 14.59
C ILE C 403 2.48 -14.04 13.42
N HIS C 404 2.18 -12.75 13.44
CA HIS C 404 2.43 -11.84 12.33
C HIS C 404 3.05 -10.55 12.86
N LEU C 405 4.38 -10.47 12.85
CA LEU C 405 5.05 -9.24 13.26
C LEU C 405 4.77 -8.15 12.23
N LEU C 406 3.91 -7.21 12.61
CA LEU C 406 3.51 -6.15 11.69
C LEU C 406 4.71 -5.33 11.25
N GLY C 407 4.82 -5.10 9.95
CA GLY C 407 5.81 -4.18 9.44
C GLY C 407 5.28 -2.76 9.41
N MET C 408 6.22 -1.82 9.41
CA MET C 408 5.90 -0.39 9.43
C MET C 408 6.45 0.26 8.18
N LEU C 409 5.62 1.09 7.54
CA LEU C 409 6.06 1.79 6.33
C LEU C 409 7.25 2.69 6.60
N THR C 410 7.47 3.11 7.83
CA THR C 410 8.61 3.93 8.21
C THR C 410 9.71 3.12 8.88
N GLU C 411 9.80 1.81 8.59
CA GLU C 411 10.76 0.97 9.27
C GLU C 411 12.20 1.38 8.96
N ALA C 412 12.43 1.98 7.80
CA ALA C 412 13.79 2.26 7.37
C ALA C 412 14.32 3.61 7.85
N ILE C 413 13.51 4.41 8.54
CA ILE C 413 13.90 5.78 8.85
C ILE C 413 13.84 6.08 10.34
N HIS C 414 12.99 5.37 11.08
CA HIS C 414 12.89 5.61 12.52
C HIS C 414 11.95 4.60 13.14
N THR C 415 11.95 4.56 14.46
CA THR C 415 11.00 3.73 15.18
C THR C 415 9.58 4.24 14.93
N PRO C 416 8.61 3.35 14.74
CA PRO C 416 7.29 3.79 14.25
C PRO C 416 6.64 4.79 15.20
N PHE C 417 5.99 5.79 14.62
CA PHE C 417 5.11 6.64 15.38
C PHE C 417 3.84 5.88 15.74
N MET C 418 3.01 6.49 16.59
CA MET C 418 1.72 5.90 16.88
C MET C 418 0.85 5.86 15.63
N SER C 419 0.93 6.91 14.80
CA SER C 419 0.16 6.95 13.56
C SER C 419 0.62 5.86 12.60
N ASP C 420 1.93 5.64 12.49
CA ASP C 420 2.43 4.59 11.61
C ASP C 420 1.95 3.22 12.06
N ARG C 421 2.00 2.97 13.38
CA ARG C 421 1.51 1.70 13.90
C ARG C 421 0.01 1.53 13.63
N ALA C 422 -0.76 2.61 13.80
CA ALA C 422 -2.19 2.54 13.51
C ALA C 422 -2.43 2.23 12.04
N LEU C 423 -1.69 2.87 11.14
CA LEU C 423 -1.85 2.61 9.72
C LEU C 423 -1.51 1.16 9.38
N SER C 424 -0.42 0.65 9.95
CA SER C 424 -0.03 -0.73 9.71
C SER C 424 -1.11 -1.69 10.20
N ILE C 425 -1.64 -1.44 11.39
CA ILE C 425 -2.69 -2.30 11.94
C ILE C 425 -3.93 -2.25 11.06
N GLU C 426 -4.29 -1.06 10.60
CA GLU C 426 -5.46 -0.92 9.75
C GLU C 426 -5.30 -1.70 8.45
N SER C 427 -4.13 -1.56 7.80
CA SER C 427 -3.92 -2.28 6.55
C SER C 427 -3.91 -3.79 6.77
N ALA C 428 -3.27 -4.24 7.84
CA ALA C 428 -3.24 -5.67 8.13
C ALA C 428 -4.63 -6.23 8.37
N LYS C 429 -5.44 -5.51 9.16
CA LYS C 429 -6.80 -5.97 9.41
C LYS C 429 -7.62 -5.98 8.13
N TYR C 430 -7.46 -4.95 7.29
CA TYR C 430 -8.18 -4.91 6.02
C TYR C 430 -7.83 -6.12 5.17
N ILE C 431 -6.55 -6.42 5.02
CA ILE C 431 -6.14 -7.52 4.16
C ILE C 431 -6.56 -8.85 4.76
N PHE C 432 -6.47 -9.00 6.08
CA PHE C 432 -6.87 -10.25 6.71
C PHE C 432 -8.38 -10.46 6.65
N ASN C 433 -9.17 -9.39 6.59
CA ASN C 433 -10.61 -9.53 6.48
C ASN C 433 -11.02 -9.82 5.04
N ASN C 434 -10.41 -9.15 4.07
CA ASN C 434 -10.79 -9.35 2.68
C ASN C 434 -10.37 -10.72 2.17
N MET C 435 -9.28 -11.28 2.70
CA MET C 435 -8.78 -12.59 2.29
C MET C 435 -8.88 -13.61 3.42
N ALA C 436 -10.00 -13.63 4.14
CA ALA C 436 -10.10 -14.50 5.31
C ALA C 436 -9.92 -15.96 4.94
N ASP C 437 -10.56 -16.42 3.87
CA ASP C 437 -10.54 -17.82 3.48
C ASP C 437 -9.77 -18.06 2.19
N ILE C 438 -8.83 -17.19 1.85
CA ILE C 438 -8.07 -17.38 0.61
C ILE C 438 -7.19 -18.61 0.71
N ALA C 439 -6.63 -18.88 1.89
CA ALA C 439 -5.72 -20.02 2.03
C ALA C 439 -6.38 -21.32 1.62
N ASP C 440 -7.69 -21.47 1.86
CA ASP C 440 -8.38 -22.70 1.50
C ASP C 440 -8.66 -22.76 0.00
N GLU C 441 -8.89 -21.62 -0.64
CA GLU C 441 -9.31 -21.63 -2.04
C GLU C 441 -8.14 -22.00 -2.96
N ILE C 442 -6.98 -21.41 -2.74
CA ILE C 442 -5.89 -21.52 -3.68
C ILE C 442 -5.14 -22.84 -3.48
N TYR C 443 -4.83 -23.50 -4.60
CA TYR C 443 -3.83 -24.55 -4.63
C TYR C 443 -2.93 -24.27 -5.83
N PHE C 444 -1.76 -24.89 -5.86
CA PHE C 444 -0.71 -24.51 -6.78
C PHE C 444 -0.56 -25.53 -7.90
N LYS C 445 -0.10 -25.05 -9.05
CA LYS C 445 0.09 -25.90 -10.21
C LYS C 445 1.13 -26.98 -9.92
N GLU C 446 0.85 -28.20 -10.38
CA GLU C 446 1.80 -29.28 -10.22
C GLU C 446 3.01 -29.04 -11.12
N GLY C 447 4.20 -29.07 -10.52
CA GLY C 447 5.41 -28.80 -11.26
C GLY C 447 5.63 -27.35 -11.61
N GLY C 448 4.88 -26.44 -11.01
CA GLY C 448 5.02 -25.03 -11.32
C GLY C 448 6.22 -24.41 -10.62
N ILE C 449 6.30 -23.08 -10.74
CA ILE C 449 7.40 -22.35 -10.14
C ILE C 449 7.43 -22.56 -8.63
N ILE C 450 6.26 -22.48 -7.99
CA ILE C 450 6.21 -22.55 -6.53
C ILE C 450 6.65 -23.92 -6.02
N GLN C 451 6.12 -24.98 -6.61
CA GLN C 451 6.47 -26.33 -6.16
C GLN C 451 7.94 -26.61 -6.40
N ARG C 452 8.46 -26.23 -7.57
CA ARG C 452 9.87 -26.44 -7.87
C ARG C 452 10.75 -25.66 -6.90
N ARG C 453 10.38 -24.42 -6.59
CA ARG C 453 11.16 -23.64 -5.64
C ARG C 453 11.17 -24.29 -4.27
N ALA C 454 10.00 -24.77 -3.81
CA ALA C 454 9.94 -25.43 -2.52
C ALA C 454 10.82 -26.67 -2.49
N ASN C 455 10.75 -27.47 -3.56
CA ASN C 455 11.57 -28.69 -3.62
C ASN C 455 13.05 -28.35 -3.64
N GLU C 456 13.44 -27.30 -4.38
CA GLU C 456 14.84 -26.90 -4.43
C GLU C 456 15.35 -26.49 -3.05
N VAL C 457 14.58 -25.64 -2.36
CA VAL C 457 14.99 -25.21 -1.03
C VAL C 457 15.08 -26.39 -0.09
N LEU C 458 14.13 -27.33 -0.18
CA LEU C 458 14.15 -28.49 0.70
C LEU C 458 15.37 -29.36 0.43
N LYS C 459 15.71 -29.57 -0.84
CA LYS C 459 16.90 -30.37 -1.16
C LYS C 459 18.15 -29.70 -0.62
N LYS C 460 18.27 -28.39 -0.82
CA LYS C 460 19.44 -27.69 -0.32
C LYS C 460 19.54 -27.79 1.20
N ALA C 461 18.40 -27.63 1.89
CA ALA C 461 18.40 -27.74 3.35
C ALA C 461 18.79 -29.14 3.79
N TYR C 462 18.30 -30.18 3.10
CA TYR C 462 18.67 -31.54 3.46
C TYR C 462 20.16 -31.76 3.29
N GLU C 463 20.74 -31.25 2.20
CA GLU C 463 22.17 -31.42 1.99
C GLU C 463 22.96 -30.69 3.07
N LEU C 464 22.55 -29.48 3.43
CA LEU C 464 23.24 -28.74 4.48
C LEU C 464 23.15 -29.48 5.81
N LEU C 465 21.98 -30.03 6.13
CA LEU C 465 21.82 -30.78 7.37
C LEU C 465 22.67 -32.02 7.37
N LYS C 466 22.76 -32.70 6.23
CA LYS C 466 23.63 -33.87 6.14
C LYS C 466 25.09 -33.50 6.38
N GLU C 467 25.53 -32.39 5.79
CA GLU C 467 26.89 -31.92 6.06
C GLU C 467 27.11 -31.65 7.53
N ILE C 468 26.18 -30.94 8.16
CA ILE C 468 26.32 -30.59 9.57
C ILE C 468 26.34 -31.84 10.44
N GLU C 469 25.50 -32.82 10.10
CA GLU C 469 25.50 -34.07 10.85
C GLU C 469 26.84 -34.79 10.70
N GLN C 470 27.40 -34.79 9.50
CA GLN C 470 28.72 -35.40 9.31
C GLN C 470 29.77 -34.71 10.16
N GLU C 471 29.75 -33.37 10.17
CA GLU C 471 30.77 -32.63 10.92
C GLU C 471 30.53 -32.71 12.43
N GLY C 472 29.28 -32.72 12.85
CA GLY C 472 28.93 -32.36 14.20
C GLY C 472 28.56 -30.88 14.29
N LEU C 473 27.70 -30.56 15.26
CA LEU C 473 27.20 -29.19 15.33
C LEU C 473 28.31 -28.19 15.65
N PHE C 474 29.18 -28.53 16.60
CA PHE C 474 30.25 -27.61 16.98
C PHE C 474 31.21 -27.36 15.83
N LYS C 475 31.62 -28.43 15.13
CA LYS C 475 32.52 -28.26 14.00
C LYS C 475 31.84 -27.50 12.87
N ALA C 476 30.55 -27.76 12.64
CA ALA C 476 29.83 -27.04 11.60
C ALA C 476 29.77 -25.55 11.91
N LEU C 477 29.51 -25.20 13.17
CA LEU C 477 29.55 -23.79 13.56
C LEU C 477 30.95 -23.21 13.38
N GLU C 478 31.98 -24.00 13.71
CA GLU C 478 33.35 -23.56 13.53
C GLU C 478 33.67 -23.29 12.06
N GLN C 479 33.02 -24.01 11.15
CA GLN C 479 33.29 -23.87 9.73
C GLN C 479 32.38 -22.87 9.04
N GLY C 480 31.55 -22.15 9.79
CA GLY C 480 30.70 -21.13 9.20
C GLY C 480 29.61 -21.66 8.30
N LYS C 481 28.99 -22.79 8.66
CA LYS C 481 27.85 -23.28 7.91
C LYS C 481 26.65 -22.36 8.05
N PHE C 482 26.52 -21.67 9.17
CA PHE C 482 25.39 -20.79 9.45
C PHE C 482 25.84 -19.33 9.39
N ALA C 483 25.05 -18.50 8.70
CA ALA C 483 25.29 -17.07 8.62
C ALA C 483 26.72 -16.74 8.20
N ASP C 484 27.36 -17.64 7.45
CA ASP C 484 28.72 -17.46 6.93
C ASP C 484 29.65 -16.81 7.94
N ILE C 485 29.52 -17.15 9.22
CA ILE C 485 30.37 -16.63 10.29
C ILE C 485 31.01 -17.82 10.99
N LYS C 486 32.33 -17.77 11.14
CA LYS C 486 33.10 -18.86 11.73
C LYS C 486 33.32 -18.59 13.20
N ARG C 487 32.99 -19.57 14.03
CA ARG C 487 33.04 -19.42 15.49
C ARG C 487 33.97 -20.46 16.10
N PRO C 488 35.12 -20.07 16.64
CA PRO C 488 35.98 -21.05 17.30
C PRO C 488 35.25 -21.74 18.44
N ILE C 489 35.52 -23.03 18.61
CA ILE C 489 34.82 -23.81 19.63
C ILE C 489 35.14 -23.28 21.03
N ASP C 490 36.39 -22.91 21.27
CA ASP C 490 36.82 -22.42 22.58
C ASP C 490 36.77 -20.90 22.70
N GLY C 491 36.33 -20.21 21.64
CA GLY C 491 36.22 -18.76 21.68
C GLY C 491 34.87 -18.31 22.21
N GLY C 492 34.66 -17.00 22.16
CA GLY C 492 33.41 -16.42 22.60
C GLY C 492 33.38 -16.10 24.08
N LYS C 493 32.29 -15.48 24.50
CA LYS C 493 32.13 -15.04 25.86
C LYS C 493 31.40 -16.08 26.70
N GLY C 494 31.82 -16.20 27.96
CA GLY C 494 31.17 -17.11 28.88
C GLY C 494 31.68 -18.53 28.87
N LEU C 495 32.81 -18.80 28.20
CA LEU C 495 33.37 -20.14 28.20
C LEU C 495 33.80 -20.54 29.61
N GLU C 496 34.24 -19.57 30.41
CA GLU C 496 34.67 -19.85 31.78
C GLU C 496 33.51 -20.24 32.69
N GLY C 497 32.28 -19.97 32.29
CA GLY C 497 31.12 -20.27 33.10
C GLY C 497 30.57 -21.67 32.98
N VAL C 498 31.21 -22.52 32.19
CA VAL C 498 30.76 -23.90 31.98
C VAL C 498 31.57 -24.82 32.89
N VAL C 499 30.86 -25.66 33.65
CA VAL C 499 31.47 -26.58 34.61
C VAL C 499 30.90 -27.97 34.37
N GLU C 500 31.77 -28.97 34.36
CA GLU C 500 31.32 -30.34 34.18
C GLU C 500 30.63 -30.84 35.44
N LYS C 501 29.49 -31.50 35.25
CA LYS C 501 28.70 -31.99 36.37
C LYS C 501 29.47 -33.05 37.17
N ASP C 502 29.40 -32.94 38.49
CA ASP C 502 29.90 -33.98 39.36
C ASP C 502 28.97 -35.19 39.29
N PRO C 503 29.47 -36.39 39.60
CA PRO C 503 28.56 -37.55 39.65
C PRO C 503 27.40 -37.37 40.61
N ASN C 504 27.61 -36.65 41.71
CA ASN C 504 26.56 -36.38 42.68
C ASN C 504 25.86 -35.05 42.42
N TYR C 505 25.85 -34.60 41.17
CA TYR C 505 25.19 -33.33 40.84
C TYR C 505 23.70 -33.45 41.12
N PHE C 506 23.10 -32.35 41.58
CA PHE C 506 21.72 -32.34 42.02
C PHE C 506 21.01 -31.11 41.49
N ASN C 507 19.92 -31.32 40.75
CA ASN C 507 19.05 -30.25 40.29
C ASN C 507 17.61 -30.77 40.26
N PRO C 508 16.76 -30.36 41.21
CA PRO C 508 15.41 -30.94 41.25
C PRO C 508 14.49 -30.43 40.16
N PHE C 509 14.68 -29.18 39.72
CA PHE C 509 13.75 -28.58 38.78
C PHE C 509 13.79 -29.28 37.42
N ILE C 510 14.94 -29.77 36.99
CA ILE C 510 14.99 -30.48 35.71
C ILE C 510 14.00 -31.64 35.74
N ASP C 511 14.09 -32.47 36.77
CA ASP C 511 13.17 -33.60 36.88
C ASP C 511 11.72 -33.12 37.02
N LEU C 512 11.49 -32.15 37.91
CA LEU C 512 10.11 -31.74 38.19
C LEU C 512 9.42 -31.21 36.95
N MET C 513 10.10 -30.39 36.16
CA MET C 513 9.48 -29.78 34.98
C MET C 513 9.49 -30.71 33.78
N LEU C 514 10.56 -31.46 33.54
CA LEU C 514 10.62 -32.30 32.35
C LEU C 514 9.76 -33.55 32.49
N ARG C 515 9.73 -34.17 33.67
CA ARG C 515 8.94 -35.37 33.88
C ARG C 515 7.60 -35.09 34.56
N GLY C 516 7.28 -33.83 34.85
CA GLY C 516 6.00 -33.51 35.44
C GLY C 516 4.89 -33.48 34.41
N ASP C 517 3.67 -33.61 34.91
CA ASP C 517 2.48 -33.62 34.05
C ASP C 517 2.60 -34.67 32.96
N ARG D 1 -13.81 -27.27 -22.12
CA ARG D 1 -12.78 -26.24 -22.24
C ARG D 1 -12.00 -26.09 -20.94
N GLU D 2 -10.92 -25.32 -20.98
CA GLU D 2 -10.08 -25.14 -19.81
C GLU D 2 -10.59 -23.96 -18.98
N SER D 3 -10.85 -24.22 -17.70
CA SER D 3 -11.41 -23.21 -16.82
C SER D 3 -10.90 -23.45 -15.40
N LYS D 4 -10.45 -22.38 -14.76
CA LYS D 4 -10.08 -22.44 -13.35
C LYS D 4 -11.27 -22.26 -12.42
N LEU D 5 -12.42 -21.85 -12.95
CA LEU D 5 -13.63 -21.66 -12.16
C LEU D 5 -14.65 -22.78 -12.36
N ASN D 6 -14.32 -23.80 -13.14
CA ASN D 6 -15.26 -24.89 -13.42
C ASN D 6 -16.60 -24.33 -13.89
N LEU D 7 -16.53 -23.40 -14.84
CA LEU D 7 -17.73 -22.73 -15.31
C LEU D 7 -18.68 -23.72 -15.97
N ASP D 8 -19.97 -23.42 -15.89
CA ASP D 8 -21.00 -24.19 -16.59
C ASP D 8 -21.04 -23.65 -18.01
N TRP D 9 -20.28 -24.29 -18.90
CA TRP D 9 -20.15 -23.76 -20.25
C TRP D 9 -21.47 -23.82 -21.01
N GLU D 10 -22.35 -24.76 -20.68
CA GLU D 10 -23.68 -24.74 -21.27
C GLU D 10 -24.44 -23.47 -20.87
N LEU D 11 -24.32 -23.07 -19.61
CA LEU D 11 -24.96 -21.84 -19.17
C LEU D 11 -24.39 -20.62 -19.88
N VAL D 12 -23.06 -20.60 -20.08
CA VAL D 12 -22.44 -19.49 -20.80
C VAL D 12 -22.93 -19.45 -22.24
N ASP D 13 -23.05 -20.63 -22.87
CA ASP D 13 -23.56 -20.68 -24.23
C ASP D 13 -24.99 -20.17 -24.30
N LYS D 14 -25.82 -20.55 -23.31
CA LYS D 14 -27.19 -20.05 -23.28
C LYS D 14 -27.22 -18.54 -23.12
N ALA D 15 -26.37 -18.00 -22.25
CA ALA D 15 -26.33 -16.55 -22.06
C ALA D 15 -25.90 -15.84 -23.34
N ARG D 16 -24.90 -16.39 -24.04
CA ARG D 16 -24.48 -15.80 -25.29
C ARG D 16 -25.58 -15.88 -26.34
N GLU D 17 -26.32 -16.98 -26.36
CA GLU D 17 -27.46 -17.11 -27.28
C GLU D 17 -28.49 -16.02 -26.98
N ALA D 18 -28.80 -15.81 -25.71
CA ALA D 18 -29.79 -14.80 -25.35
C ALA D 18 -29.32 -13.41 -25.75
N ALA D 19 -28.05 -13.10 -25.48
CA ALA D 19 -27.51 -11.79 -25.84
C ALA D 19 -27.53 -11.59 -27.35
N ARG D 20 -27.17 -12.62 -28.11
CA ARG D 20 -27.16 -12.49 -29.56
C ARG D 20 -28.58 -12.30 -30.09
N ASN D 21 -29.56 -12.99 -29.51
CA ASN D 21 -30.94 -12.80 -29.93
C ASN D 21 -31.42 -11.39 -29.62
N ILE D 22 -31.06 -10.87 -28.44
CA ILE D 22 -31.41 -9.49 -28.11
C ILE D 22 -30.82 -8.54 -29.14
N VAL D 23 -29.55 -8.71 -29.46
CA VAL D 23 -28.88 -7.82 -30.39
C VAL D 23 -29.47 -7.94 -31.79
N LYS D 24 -29.87 -9.16 -32.17
CA LYS D 24 -30.49 -9.37 -33.48
C LYS D 24 -31.83 -8.65 -33.57
N ASP D 25 -32.65 -8.78 -32.52
CA ASP D 25 -33.93 -8.08 -32.51
C ASP D 25 -33.74 -6.57 -32.56
N THR D 26 -32.74 -6.05 -31.83
CA THR D 26 -32.46 -4.61 -31.91
C THR D 26 -31.96 -4.23 -33.30
N GLN D 27 -31.13 -5.08 -33.91
CA GLN D 27 -30.58 -4.78 -35.23
C GLN D 27 -31.68 -4.73 -36.28
N LYS D 28 -32.76 -5.50 -36.08
CA LYS D 28 -33.87 -5.42 -37.02
C LYS D 28 -34.37 -3.98 -37.15
N PHE D 29 -34.23 -3.19 -36.08
CA PHE D 29 -34.62 -1.78 -36.13
C PHE D 29 -33.48 -0.91 -36.65
N ILE D 30 -32.25 -1.19 -36.23
CA ILE D 30 -31.13 -0.30 -36.55
C ILE D 30 -30.93 -0.21 -38.06
N ASP D 31 -30.97 -1.35 -38.75
CA ASP D 31 -30.67 -1.36 -40.18
C ASP D 31 -31.72 -0.65 -41.01
N ALA D 32 -32.88 -0.32 -40.44
CA ALA D 32 -33.91 0.39 -41.16
C ALA D 32 -33.96 1.88 -40.84
N HIS D 33 -33.05 2.38 -39.99
CA HIS D 33 -33.03 3.76 -39.58
C HIS D 33 -31.60 4.30 -39.60
N THR D 34 -31.50 5.61 -39.74
CA THR D 34 -30.24 6.33 -39.63
C THR D 34 -30.49 7.57 -38.77
N THR D 35 -29.42 8.29 -38.47
CA THR D 35 -29.51 9.49 -37.64
C THR D 35 -28.75 10.64 -38.26
N VAL D 36 -28.92 11.81 -37.67
CA VAL D 36 -28.25 13.02 -38.17
C VAL D 36 -26.74 12.87 -38.04
N SER D 37 -26.28 12.34 -36.91
CA SER D 37 -24.84 12.20 -36.71
C SER D 37 -24.22 11.24 -37.72
N VAL D 38 -24.95 10.20 -38.11
CA VAL D 38 -24.43 9.27 -39.10
C VAL D 38 -24.23 9.98 -40.44
N GLU D 39 -25.21 10.79 -40.84
CA GLU D 39 -25.07 11.54 -42.08
C GLU D 39 -23.95 12.57 -42.00
N ARG D 40 -23.79 13.22 -40.84
CA ARG D 40 -22.69 14.15 -40.66
C ARG D 40 -21.35 13.44 -40.76
N THR D 41 -21.25 12.24 -40.20
CA THR D 41 -20.04 11.45 -40.36
C THR D 41 -19.80 11.08 -41.81
N VAL D 42 -20.85 10.76 -42.55
CA VAL D 42 -20.71 10.52 -43.98
C VAL D 42 -20.16 11.77 -44.65
N CYS D 43 -20.61 12.95 -44.23
CA CYS D 43 -20.08 14.19 -44.78
C CYS D 43 -18.60 14.33 -44.46
N ARG D 44 -18.20 14.02 -43.23
CA ARG D 44 -16.80 14.16 -42.84
C ARG D 44 -15.92 13.20 -43.63
N LEU D 45 -16.38 11.97 -43.83
CA LEU D 45 -15.57 10.98 -44.54
C LEU D 45 -15.43 11.31 -46.02
N LEU D 46 -16.26 12.22 -46.54
CA LEU D 46 -16.14 12.66 -47.92
C LEU D 46 -15.28 13.90 -48.07
N GLY D 47 -14.68 14.39 -46.98
CA GLY D 47 -13.77 15.51 -47.05
C GLY D 47 -14.33 16.84 -46.60
N ILE D 48 -15.57 16.87 -46.10
CA ILE D 48 -16.15 18.12 -45.63
C ILE D 48 -15.65 18.41 -44.22
N ASP D 49 -15.04 19.58 -44.03
CA ASP D 49 -14.49 19.96 -42.74
C ASP D 49 -14.45 21.47 -42.67
N GLY D 50 -14.25 21.99 -41.47
CA GLY D 50 -14.21 23.41 -41.25
C GLY D 50 -15.44 23.93 -40.53
N VAL D 51 -15.56 25.26 -40.52
CA VAL D 51 -16.67 25.95 -39.89
C VAL D 51 -17.04 27.16 -40.73
N ASN D 52 -18.32 27.52 -40.69
CA ASN D 52 -18.77 28.72 -41.36
C ASN D 52 -18.40 29.95 -40.52
N ASP D 53 -18.89 31.11 -40.95
CA ASP D 53 -18.56 32.34 -40.23
C ASP D 53 -19.05 32.34 -38.79
N LEU D 54 -20.14 31.63 -38.50
CA LEU D 54 -20.70 31.59 -37.16
C LEU D 54 -20.05 30.54 -36.27
N GLY D 55 -19.18 29.70 -36.82
CA GLY D 55 -18.54 28.66 -36.04
C GLY D 55 -19.23 27.32 -36.08
N VAL D 56 -20.32 27.18 -36.84
CA VAL D 56 -21.00 25.90 -36.96
C VAL D 56 -20.19 25.01 -37.89
N PRO D 57 -19.84 23.79 -37.50
CA PRO D 57 -19.09 22.91 -38.40
C PRO D 57 -19.83 22.70 -39.71
N LEU D 58 -19.07 22.69 -40.81
CA LEU D 58 -19.69 22.56 -42.12
C LEU D 58 -20.50 21.27 -42.28
N PRO D 59 -20.06 20.11 -41.77
CA PRO D 59 -20.96 18.94 -41.82
C PRO D 59 -22.30 19.20 -41.19
N ASN D 60 -22.32 19.91 -40.05
CA ASN D 60 -23.58 20.25 -39.41
C ASN D 60 -24.42 21.14 -40.33
N VAL D 61 -23.79 22.15 -40.93
CA VAL D 61 -24.52 23.05 -41.82
C VAL D 61 -25.15 22.27 -42.97
N VAL D 62 -24.35 21.44 -43.64
CA VAL D 62 -24.84 20.72 -44.81
C VAL D 62 -25.97 19.77 -44.42
N VAL D 63 -25.77 19.01 -43.34
CA VAL D 63 -26.76 18.01 -42.96
C VAL D 63 -28.05 18.68 -42.53
N ASP D 64 -27.98 19.76 -41.74
CA ASP D 64 -29.21 20.43 -41.33
C ASP D 64 -29.88 21.13 -42.50
N HIS D 65 -29.12 21.60 -43.48
CA HIS D 65 -29.73 22.14 -44.70
C HIS D 65 -30.51 21.06 -45.43
N ILE D 66 -29.89 19.90 -45.63
CA ILE D 66 -30.55 18.81 -46.33
C ILE D 66 -31.79 18.37 -45.57
N LYS D 67 -31.72 18.36 -44.23
CA LYS D 67 -32.86 17.89 -43.45
C LYS D 67 -34.00 18.90 -43.45
N SER D 68 -33.69 20.19 -43.32
CA SER D 68 -34.75 21.19 -43.24
C SER D 68 -35.37 21.46 -44.61
N LYS D 69 -34.57 21.43 -45.68
CA LYS D 69 -35.03 21.84 -46.99
C LYS D 69 -35.25 20.70 -47.95
N GLY D 70 -34.82 19.49 -47.62
CA GLY D 70 -34.94 18.34 -48.51
C GLY D 70 -35.43 17.11 -47.77
N ASN D 71 -34.97 15.96 -48.23
CA ASN D 71 -35.38 14.65 -47.69
C ASN D 71 -34.12 13.96 -47.19
N LEU D 72 -33.81 14.11 -45.91
CA LEU D 72 -32.60 13.50 -45.36
C LEU D 72 -32.68 11.98 -45.36
N SER D 73 -33.85 11.40 -45.58
CA SER D 73 -33.97 9.95 -45.62
C SER D 73 -33.22 9.33 -46.78
N LEU D 74 -32.82 10.12 -47.77
CA LEU D 74 -32.03 9.63 -48.89
C LEU D 74 -30.53 9.61 -48.59
N GLY D 75 -30.11 10.16 -47.45
CA GLY D 75 -28.71 10.18 -47.08
C GLY D 75 -28.00 11.42 -47.60
N ALA D 76 -27.02 11.87 -46.81
CA ALA D 76 -26.21 13.00 -47.23
C ALA D 76 -25.36 12.66 -48.45
N ALA D 77 -24.99 11.38 -48.60
CA ALA D 77 -24.20 10.97 -49.74
C ALA D 77 -24.94 11.24 -51.04
N THR D 78 -26.24 10.95 -51.07
CA THR D 78 -27.02 11.18 -52.29
C THR D 78 -26.92 12.64 -52.72
N TYR D 79 -27.21 13.57 -51.82
CA TYR D 79 -27.22 14.99 -52.17
C TYR D 79 -25.83 15.50 -52.50
N ILE D 80 -24.82 15.09 -51.72
CA ILE D 80 -23.46 15.54 -51.99
C ILE D 80 -23.00 15.07 -53.35
N GLY D 81 -23.26 13.79 -53.67
CA GLY D 81 -22.87 13.28 -54.97
C GLY D 81 -23.64 13.92 -56.12
N ASN D 82 -24.92 14.20 -55.89
CA ASN D 82 -25.71 14.87 -56.92
C ASN D 82 -25.13 16.26 -57.21
N ALA D 83 -24.79 17.00 -56.16
CA ALA D 83 -24.16 18.31 -56.37
C ALA D 83 -22.80 18.15 -57.05
N MET D 84 -22.04 17.12 -56.66
CA MET D 84 -20.73 16.89 -57.25
C MET D 84 -20.83 16.65 -58.75
N ILE D 85 -21.80 15.83 -59.17
CA ILE D 85 -21.97 15.59 -60.60
C ILE D 85 -22.53 16.82 -61.30
N TYR D 86 -23.44 17.55 -60.65
CA TYR D 86 -24.09 18.67 -61.32
C TYR D 86 -23.13 19.81 -61.57
N THR D 87 -22.35 20.20 -60.55
CA THR D 87 -21.50 21.39 -60.65
C THR D 87 -20.02 21.06 -60.76
N GLY D 88 -19.61 19.84 -60.42
CA GLY D 88 -18.21 19.46 -60.52
C GLY D 88 -17.34 19.90 -59.37
N LEU D 89 -17.91 20.57 -58.36
CA LEU D 89 -17.11 21.05 -57.23
C LEU D 89 -16.75 19.89 -56.32
N SER D 90 -15.57 19.99 -55.72
CA SER D 90 -15.17 19.04 -54.68
C SER D 90 -16.10 19.17 -53.48
N PRO D 91 -16.29 18.10 -52.72
CA PRO D 91 -17.29 18.16 -51.63
C PRO D 91 -17.02 19.26 -50.62
N GLN D 92 -15.75 19.53 -50.30
CA GLN D 92 -15.44 20.58 -49.35
C GLN D 92 -15.90 21.95 -49.85
N GLU D 93 -15.64 22.25 -51.11
CA GLU D 93 -16.08 23.53 -51.65
C GLU D 93 -17.58 23.56 -51.91
N ILE D 94 -18.22 22.40 -52.11
CA ILE D 94 -19.67 22.36 -52.15
C ILE D 94 -20.23 22.74 -50.78
N ALA D 95 -19.63 22.22 -49.71
CA ALA D 95 -20.06 22.59 -48.38
C ALA D 95 -19.83 24.07 -48.12
N GLU D 96 -18.71 24.61 -48.57
CA GLU D 96 -18.46 26.04 -48.41
C GLU D 96 -19.50 26.87 -49.15
N ARG D 97 -19.83 26.47 -50.38
CA ARG D 97 -20.86 27.17 -51.14
C ARG D 97 -22.21 27.11 -50.44
N VAL D 98 -22.56 25.95 -49.89
CA VAL D 98 -23.83 25.83 -49.18
C VAL D 98 -23.83 26.71 -47.93
N ALA D 99 -22.71 26.76 -47.22
CA ALA D 99 -22.63 27.60 -46.04
C ALA D 99 -22.79 29.07 -46.40
N LYS D 100 -22.17 29.50 -47.50
CA LYS D 100 -22.32 30.87 -47.95
C LYS D 100 -23.70 31.17 -48.52
N GLY D 101 -24.54 30.15 -48.70
CA GLY D 101 -25.87 30.35 -49.25
C GLY D 101 -25.91 30.45 -50.76
N GLU D 102 -24.79 30.27 -51.45
CA GLU D 102 -24.77 30.38 -52.90
C GLU D 102 -25.38 29.15 -53.56
N LEU D 103 -25.29 27.99 -52.92
CA LEU D 103 -25.72 26.73 -53.52
C LEU D 103 -26.76 26.09 -52.62
N ASP D 104 -27.84 25.59 -53.22
CA ASP D 104 -28.92 24.93 -52.50
C ASP D 104 -29.00 23.49 -52.99
N LEU D 105 -28.54 22.56 -52.15
CA LEU D 105 -28.42 21.16 -52.58
C LEU D 105 -29.72 20.57 -53.07
N THR D 106 -30.87 21.07 -52.59
CA THR D 106 -32.15 20.49 -52.95
C THR D 106 -32.72 21.04 -54.25
N SER D 107 -32.32 22.25 -54.66
CA SER D 107 -32.84 22.84 -55.89
C SER D 107 -32.17 22.27 -57.14
N ILE D 108 -30.99 21.66 -57.00
CA ILE D 108 -30.33 21.09 -58.17
C ILE D 108 -31.20 19.98 -58.75
N PRO D 109 -31.30 19.84 -60.07
CA PRO D 109 -32.00 18.67 -60.62
C PRO D 109 -31.29 17.38 -60.22
N MET D 110 -32.04 16.48 -59.60
CA MET D 110 -31.46 15.24 -59.09
C MET D 110 -31.10 14.32 -60.25
N ALA D 111 -29.85 13.86 -60.28
CA ALA D 111 -29.42 12.92 -61.30
C ALA D 111 -29.79 11.50 -60.89
N ASP D 112 -29.63 10.57 -61.83
CA ASP D 112 -29.91 9.17 -61.56
C ASP D 112 -28.98 8.65 -60.47
N LEU D 113 -29.52 7.78 -59.61
CA LEU D 113 -28.79 7.34 -58.43
C LEU D 113 -27.48 6.65 -58.79
N PHE D 114 -27.47 5.88 -59.89
CA PHE D 114 -26.27 5.14 -60.26
C PHE D 114 -25.11 6.08 -60.53
N GLU D 115 -25.37 7.18 -61.24
CA GLU D 115 -24.31 8.15 -61.51
C GLU D 115 -23.80 8.79 -60.23
N ILE D 116 -24.69 9.08 -59.28
CA ILE D 116 -24.27 9.65 -58.00
C ILE D 116 -23.38 8.66 -57.26
N LYS D 117 -23.77 7.38 -57.26
CA LYS D 117 -22.99 6.35 -56.60
C LYS D 117 -21.60 6.25 -57.20
N LEU D 118 -21.51 6.31 -58.53
CA LEU D 118 -20.20 6.31 -59.17
C LEU D 118 -19.41 7.56 -58.79
N ALA D 119 -20.08 8.71 -58.74
CA ALA D 119 -19.38 9.96 -58.49
C ALA D 119 -18.74 9.99 -57.11
N VAL D 120 -19.44 9.51 -56.08
CA VAL D 120 -18.91 9.57 -54.72
C VAL D 120 -17.95 8.40 -54.41
N GLN D 121 -17.87 7.41 -55.29
CA GLN D 121 -17.16 6.18 -54.97
C GLN D 121 -15.67 6.41 -54.82
N ASP D 122 -15.07 7.23 -55.70
CA ASP D 122 -13.63 7.44 -55.62
C ASP D 122 -13.23 8.13 -54.31
N ILE D 123 -14.00 9.14 -53.88
CA ILE D 123 -13.70 9.82 -52.63
C ILE D 123 -13.86 8.85 -51.46
N ALA D 124 -14.94 8.06 -51.48
CA ALA D 124 -15.13 7.08 -50.41
C ALA D 124 -13.96 6.11 -50.35
N ILE D 125 -13.52 5.63 -51.51
CA ILE D 125 -12.43 4.66 -51.55
C ILE D 125 -11.14 5.28 -51.03
N LYS D 126 -10.87 6.53 -51.40
CA LYS D 126 -9.66 7.18 -50.93
C LYS D 126 -9.68 7.36 -49.41
N THR D 127 -10.82 7.74 -48.85
CA THR D 127 -10.90 7.87 -47.40
C THR D 127 -10.71 6.50 -46.71
N VAL D 128 -11.32 5.45 -47.26
CA VAL D 128 -11.15 4.13 -46.68
C VAL D 128 -9.70 3.69 -46.75
N GLU D 129 -9.02 4.02 -47.86
CA GLU D 129 -7.60 3.72 -47.98
C GLU D 129 -6.79 4.47 -46.94
N LYS D 130 -7.16 5.72 -46.67
CA LYS D 130 -6.48 6.47 -45.62
C LYS D 130 -6.61 5.76 -44.27
N ILE D 131 -7.82 5.34 -43.92
CA ILE D 131 -8.03 4.67 -42.63
C ILE D 131 -7.26 3.35 -42.59
N ARG D 132 -7.28 2.60 -43.68
CA ARG D 132 -6.55 1.34 -43.74
C ARG D 132 -5.05 1.56 -43.58
N GLU D 133 -4.52 2.61 -44.20
CA GLU D 133 -3.11 2.95 -44.05
C GLU D 133 -2.80 3.31 -42.61
N ASN D 134 -3.71 4.01 -41.94
CA ASN D 134 -3.49 4.33 -40.53
C ASN D 134 -3.41 3.06 -39.69
N ARG D 135 -4.31 2.11 -39.93
CA ARG D 135 -4.24 0.84 -39.21
C ARG D 135 -2.92 0.14 -39.48
N ARG D 136 -2.50 0.11 -40.76
CA ARG D 136 -1.25 -0.55 -41.13
C ARG D 136 -0.07 0.13 -40.44
N LYS D 137 -0.12 1.46 -40.31
CA LYS D 137 0.95 2.19 -39.66
C LYS D 137 1.01 1.87 -38.18
N ARG D 138 -0.14 1.78 -37.51
CA ARG D 138 -0.14 1.37 -36.11
C ARG D 138 0.44 -0.02 -35.94
N GLU D 139 0.05 -0.95 -36.83
CA GLU D 139 0.61 -2.30 -36.77
C GLU D 139 2.11 -2.28 -36.99
N GLU D 140 2.59 -1.46 -37.93
CA GLU D 140 4.02 -1.37 -38.18
C GLU D 140 4.75 -0.86 -36.96
N PHE D 141 4.21 0.16 -36.29
CA PHE D 141 4.84 0.67 -35.07
C PHE D 141 4.90 -0.41 -34.00
N LEU D 142 3.77 -1.11 -33.78
CA LEU D 142 3.74 -2.13 -32.73
C LEU D 142 4.71 -3.26 -33.05
N LYS D 143 4.86 -3.60 -34.33
CA LYS D 143 5.84 -4.61 -34.72
C LYS D 143 7.26 -4.11 -34.50
N LYS D 144 7.51 -2.84 -34.81
CA LYS D 144 8.85 -2.28 -34.65
C LYS D 144 9.27 -2.32 -33.19
N TYR D 145 8.39 -1.90 -32.28
CA TYR D 145 8.78 -1.78 -30.89
C TYR D 145 8.56 -3.06 -30.08
N GLY D 146 7.69 -3.96 -30.55
CA GLY D 146 7.47 -5.19 -29.82
C GLY D 146 6.83 -4.96 -28.47
N ASP D 147 5.57 -4.57 -28.46
CA ASP D 147 4.88 -4.19 -27.23
C ASP D 147 4.97 -5.31 -26.20
N LYS D 148 4.70 -4.93 -24.95
CA LYS D 148 4.86 -5.85 -23.82
C LYS D 148 3.74 -6.89 -23.82
N GLU D 149 3.94 -7.92 -23.00
CA GLU D 149 2.94 -8.95 -22.80
C GLU D 149 2.13 -8.74 -21.53
N GLY D 150 2.66 -7.99 -20.56
CA GLY D 150 1.96 -7.75 -19.33
C GLY D 150 0.88 -6.68 -19.49
N PRO D 151 0.26 -6.33 -18.37
CA PRO D 151 -0.81 -5.32 -18.43
C PRO D 151 -0.28 -3.97 -18.90
N LEU D 152 -1.13 -3.25 -19.63
CA LEU D 152 -0.81 -1.91 -20.10
C LEU D 152 -1.26 -0.89 -19.06
N LEU D 153 -0.33 -0.10 -18.56
CA LEU D 153 -0.64 0.91 -17.56
C LEU D 153 -1.38 2.06 -18.23
N TYR D 154 -2.62 2.31 -17.80
CA TYR D 154 -3.49 3.27 -18.45
C TYR D 154 -3.69 4.46 -17.50
N VAL D 155 -3.36 5.66 -17.98
CA VAL D 155 -3.37 6.87 -17.18
C VAL D 155 -4.25 7.90 -17.87
N ILE D 156 -4.45 9.03 -17.18
CA ILE D 156 -5.38 10.06 -17.61
C ILE D 156 -4.75 11.43 -17.40
N VAL D 157 -4.97 12.33 -18.36
CA VAL D 157 -4.50 13.71 -18.29
C VAL D 157 -5.63 14.62 -18.72
N ALA D 158 -5.93 15.63 -17.89
CA ALA D 158 -7.10 16.47 -18.11
C ALA D 158 -6.84 17.94 -17.83
N THR D 159 -5.74 18.49 -18.33
CA THR D 159 -5.43 19.89 -18.04
C THR D 159 -6.44 20.85 -18.63
N GLY D 160 -7.13 20.48 -19.70
CA GLY D 160 -8.09 21.34 -20.35
C GLY D 160 -7.56 22.17 -21.48
N ASN D 161 -6.25 22.21 -21.68
CA ASN D 161 -5.64 22.85 -22.84
C ASN D 161 -4.75 21.83 -23.53
N ILE D 162 -4.90 21.69 -24.84
CA ILE D 162 -4.21 20.63 -25.56
C ILE D 162 -2.70 20.81 -25.48
N TYR D 163 -2.22 22.05 -25.62
CA TYR D 163 -0.79 22.30 -25.63
C TYR D 163 -0.14 22.03 -24.29
N GLU D 164 -0.91 21.94 -23.21
CA GLU D 164 -0.40 21.43 -21.94
C GLU D 164 -0.64 19.94 -21.80
N ASP D 165 -1.72 19.44 -22.41
CA ASP D 165 -1.97 18.01 -22.39
C ASP D 165 -0.84 17.25 -23.04
N VAL D 166 -0.26 17.79 -24.11
CA VAL D 166 0.86 17.11 -24.74
C VAL D 166 2.02 16.95 -23.75
N VAL D 167 2.34 18.02 -23.03
CA VAL D 167 3.44 17.96 -22.08
C VAL D 167 3.15 16.97 -20.96
N GLN D 168 1.95 17.02 -20.40
CA GLN D 168 1.62 16.11 -19.30
C GLN D 168 1.60 14.66 -19.78
N ALA D 169 1.09 14.42 -20.98
CA ALA D 169 1.04 13.06 -21.50
C ALA D 169 2.44 12.53 -21.79
N GLN D 170 3.31 13.39 -22.32
CA GLN D 170 4.70 12.98 -22.53
C GLN D 170 5.38 12.65 -21.21
N ALA D 171 5.14 13.46 -20.18
CA ALA D 171 5.71 13.16 -18.87
C ALA D 171 5.20 11.82 -18.34
N ALA D 172 3.88 11.59 -18.44
CA ALA D 172 3.31 10.33 -17.97
C ALA D 172 3.88 9.15 -18.75
N ALA D 173 4.02 9.30 -20.07
CA ALA D 173 4.62 8.26 -20.88
C ALA D 173 6.02 7.94 -20.42
N ARG D 174 6.84 8.97 -20.20
CA ARG D 174 8.19 8.74 -19.73
C ARG D 174 8.18 8.10 -18.34
N GLN D 175 7.14 8.35 -17.55
CA GLN D 175 7.05 7.73 -16.23
C GLN D 175 6.74 6.24 -16.33
N GLY D 176 6.08 5.82 -17.40
CA GLY D 176 5.82 4.40 -17.60
C GLY D 176 4.46 4.06 -18.15
N ALA D 177 3.62 5.06 -18.40
CA ALA D 177 2.28 4.79 -18.90
C ALA D 177 2.34 4.24 -20.32
N ASP D 178 1.58 3.17 -20.57
CA ASP D 178 1.48 2.56 -21.88
C ASP D 178 0.29 3.06 -22.69
N VAL D 179 -0.80 3.43 -22.03
CA VAL D 179 -1.98 4.00 -22.68
C VAL D 179 -2.28 5.31 -21.99
N ILE D 180 -2.47 6.36 -22.78
CA ILE D 180 -2.74 7.70 -22.26
C ILE D 180 -4.09 8.15 -22.79
N ALA D 181 -5.02 8.44 -21.89
CA ALA D 181 -6.35 8.88 -22.24
C ALA D 181 -6.53 10.33 -21.81
N VAL D 182 -6.98 11.17 -22.74
CA VAL D 182 -7.25 12.58 -22.46
C VAL D 182 -8.73 12.70 -22.14
N ILE D 183 -9.05 13.12 -20.92
CA ILE D 183 -10.43 13.22 -20.50
C ILE D 183 -11.16 14.22 -21.39
N ARG D 184 -12.21 13.76 -22.05
CA ARG D 184 -13.02 14.65 -22.86
C ARG D 184 -13.70 15.68 -21.98
N ALA D 185 -13.96 16.86 -22.53
CA ALA D 185 -14.63 17.90 -21.78
C ALA D 185 -15.95 17.37 -21.22
N THR D 186 -16.28 17.80 -20.01
CA THR D 186 -17.45 17.28 -19.33
C THR D 186 -18.71 17.55 -20.13
N ALA D 187 -19.60 16.56 -20.16
CA ALA D 187 -20.92 16.68 -20.76
C ALA D 187 -20.85 16.93 -22.26
N GLN D 188 -19.72 16.62 -22.90
CA GLN D 188 -19.66 16.74 -24.35
C GLN D 188 -20.52 15.71 -25.04
N SER D 189 -20.94 14.66 -24.34
CA SER D 189 -21.85 13.69 -24.93
C SER D 189 -23.19 14.31 -25.28
N LEU D 190 -23.51 15.47 -24.71
CA LEU D 190 -24.77 16.15 -24.96
C LEU D 190 -24.71 17.14 -26.10
N LEU D 191 -23.52 17.37 -26.67
CA LEU D 191 -23.38 18.28 -27.80
C LEU D 191 -23.78 17.57 -29.09
N ASP D 192 -24.51 18.28 -29.94
CA ASP D 192 -24.91 17.78 -31.25
C ASP D 192 -23.91 18.17 -32.34
N TYR D 193 -22.69 18.54 -31.97
CA TYR D 193 -21.67 18.93 -32.91
C TYR D 193 -20.30 18.73 -32.28
N VAL D 194 -19.30 18.56 -33.13
CA VAL D 194 -17.92 18.39 -32.69
C VAL D 194 -17.17 19.69 -32.94
N PRO D 195 -16.71 20.38 -31.91
CA PRO D 195 -16.03 21.67 -32.13
C PRO D 195 -14.86 21.52 -33.09
N TYR D 196 -14.37 22.65 -33.57
CA TYR D 196 -13.37 22.69 -34.63
C TYR D 196 -12.10 23.37 -34.14
N GLY D 197 -10.97 22.88 -34.62
CA GLY D 197 -9.69 23.46 -34.31
C GLY D 197 -9.18 23.03 -32.95
N PRO D 198 -7.94 23.39 -32.62
CA PRO D 198 -7.43 23.09 -31.29
C PRO D 198 -8.10 23.95 -30.23
N THR D 199 -8.41 23.34 -29.10
CA THR D 199 -9.11 24.01 -28.00
C THR D 199 -8.12 24.29 -26.89
N THR D 200 -8.02 25.56 -26.51
CA THR D 200 -7.15 25.98 -25.41
C THR D 200 -7.90 26.11 -24.09
N GLU D 201 -9.18 25.76 -24.04
CA GLU D 201 -9.98 25.88 -22.84
C GLU D 201 -10.97 24.73 -22.77
N GLY D 202 -11.40 24.41 -21.55
CA GLY D 202 -12.36 23.35 -21.33
C GLY D 202 -12.50 23.01 -19.86
N PHE D 203 -13.71 22.67 -19.43
CA PHE D 203 -13.99 22.33 -18.04
C PHE D 203 -13.96 20.83 -17.88
N GLY D 204 -13.10 20.34 -16.99
CA GLY D 204 -12.95 18.92 -16.76
C GLY D 204 -12.05 18.21 -17.73
N GLY D 205 -11.63 18.87 -18.80
CA GLY D 205 -10.77 18.23 -19.79
C GLY D 205 -10.90 18.95 -21.12
N THR D 206 -10.14 18.42 -22.08
CA THR D 206 -10.13 18.98 -23.43
C THR D 206 -11.21 18.34 -24.29
N TYR D 207 -11.81 19.15 -25.16
CA TYR D 207 -12.81 18.65 -26.07
C TYR D 207 -12.21 17.64 -27.03
N ALA D 208 -13.06 16.75 -27.54
CA ALA D 208 -12.63 15.77 -28.53
C ALA D 208 -12.80 16.36 -29.93
N THR D 209 -11.72 16.95 -30.46
CA THR D 209 -11.72 17.52 -31.79
C THR D 209 -10.62 16.88 -32.61
N GLN D 210 -10.80 16.89 -33.93
CA GLN D 210 -9.84 16.23 -34.81
C GLN D 210 -8.45 16.85 -34.67
N GLU D 211 -8.38 18.18 -34.58
CA GLU D 211 -7.07 18.82 -34.44
C GLU D 211 -6.41 18.43 -33.13
N ASN D 212 -7.20 18.28 -32.06
CA ASN D 212 -6.63 17.80 -30.81
C ASN D 212 -6.06 16.40 -30.98
N PHE D 213 -6.77 15.52 -31.68
CA PHE D 213 -6.25 14.18 -31.92
C PHE D 213 -4.95 14.24 -32.72
N ARG D 214 -4.89 15.08 -33.73
CA ARG D 214 -3.66 15.22 -34.52
C ARG D 214 -2.49 15.67 -33.66
N ILE D 215 -2.70 16.74 -32.90
CA ILE D 215 -1.65 17.27 -32.02
C ILE D 215 -1.19 16.17 -31.06
N MET D 216 -2.14 15.49 -30.44
CA MET D 216 -1.81 14.52 -29.41
C MET D 216 -1.06 13.33 -30.00
N ARG D 217 -1.48 12.86 -31.18
CA ARG D 217 -0.81 11.73 -31.79
C ARG D 217 0.61 12.08 -32.22
N LYS D 218 0.80 13.27 -32.79
CA LYS D 218 2.16 13.69 -33.12
C LYS D 218 3.03 13.74 -31.87
N ALA D 219 2.51 14.37 -30.81
CA ALA D 219 3.28 14.50 -29.57
C ALA D 219 3.64 13.14 -28.99
N LEU D 220 2.68 12.21 -28.98
CA LEU D 220 2.94 10.89 -28.44
C LEU D 220 3.85 10.06 -29.33
N ASP D 221 3.83 10.29 -30.64
CA ASP D 221 4.79 9.63 -31.51
C ASP D 221 6.22 10.09 -31.20
N GLU D 222 6.40 11.38 -30.92
CA GLU D 222 7.74 11.82 -30.53
C GLU D 222 8.26 11.00 -29.35
N VAL D 223 7.47 10.89 -28.29
CA VAL D 223 7.91 10.17 -27.10
C VAL D 223 8.00 8.68 -27.36
N SER D 224 7.16 8.14 -28.25
CA SER D 224 7.26 6.73 -28.58
C SER D 224 8.58 6.41 -29.25
N GLU D 225 9.02 7.26 -30.18
CA GLU D 225 10.37 7.12 -30.73
C GLU D 225 11.44 7.31 -29.67
N GLU D 226 11.25 8.27 -28.76
CA GLU D 226 12.25 8.48 -27.70
C GLU D 226 12.42 7.22 -26.86
N LEU D 227 11.33 6.67 -26.35
CA LEU D 227 11.37 5.57 -25.40
C LEU D 227 11.49 4.21 -26.06
N GLY D 228 11.28 4.11 -27.37
CA GLY D 228 11.38 2.84 -28.04
C GLY D 228 10.28 1.86 -27.71
N ARG D 229 9.10 2.35 -27.32
CA ARG D 229 7.94 1.51 -27.12
C ARG D 229 6.68 2.28 -27.51
N TYR D 230 5.80 1.60 -28.24
CA TYR D 230 4.59 2.25 -28.73
C TYR D 230 3.72 2.68 -27.56
N ILE D 231 3.15 3.88 -27.66
CA ILE D 231 2.31 4.44 -26.63
C ILE D 231 0.96 4.76 -27.25
N ARG D 232 -0.10 4.19 -26.68
CA ARG D 232 -1.42 4.28 -27.26
C ARG D 232 -2.14 5.54 -26.80
N LEU D 233 -3.10 5.99 -27.61
CA LEU D 233 -3.87 7.18 -27.32
C LEU D 233 -5.35 6.81 -27.25
N CYS D 234 -6.03 7.31 -26.23
CA CYS D 234 -7.42 6.96 -25.96
C CYS D 234 -8.26 8.22 -25.80
N ASN D 235 -9.54 8.12 -26.15
CA ASN D 235 -10.48 9.22 -26.01
C ASN D 235 -11.88 8.64 -25.95
N TYR D 236 -12.88 9.51 -25.82
CA TYR D 236 -14.28 9.09 -25.65
C TYR D 236 -15.04 9.40 -26.93
N ALA D 237 -16.03 8.55 -27.24
CA ALA D 237 -16.83 8.73 -28.45
C ALA D 237 -18.33 8.83 -28.15
N SER D 238 -18.75 8.51 -26.93
CA SER D 238 -20.17 8.37 -26.66
C SER D 238 -20.90 9.71 -26.76
N GLY D 239 -22.12 9.66 -27.29
CA GLY D 239 -23.10 10.72 -27.09
C GLY D 239 -23.31 11.69 -28.23
N LEU D 240 -24.32 11.44 -29.05
CA LEU D 240 -24.88 12.39 -30.01
C LEU D 240 -23.91 12.73 -31.14
N CYS D 241 -22.67 12.29 -31.05
CA CYS D 241 -21.69 12.43 -32.12
C CYS D 241 -20.80 11.21 -32.22
N MET D 242 -21.33 10.04 -31.88
CA MET D 242 -20.51 8.84 -31.82
C MET D 242 -19.85 8.52 -33.15
N PRO D 243 -20.57 8.40 -34.27
CA PRO D 243 -19.89 8.12 -35.53
C PRO D 243 -18.90 9.20 -35.93
N GLU D 244 -19.18 10.47 -35.63
CA GLU D 244 -18.26 11.53 -36.03
C GLU D 244 -16.94 11.41 -35.29
N ILE D 245 -16.99 11.26 -33.96
CA ILE D 245 -15.75 11.13 -33.20
C ILE D 245 -15.03 9.83 -33.56
N ALA D 246 -15.78 8.76 -33.85
CA ALA D 246 -15.15 7.53 -34.30
C ALA D 246 -14.40 7.76 -35.61
N ALA D 247 -15.01 8.51 -36.54
CA ALA D 247 -14.34 8.82 -37.80
C ALA D 247 -13.09 9.66 -37.56
N MET D 248 -13.19 10.65 -36.65
CA MET D 248 -12.04 11.48 -36.35
C MET D 248 -10.91 10.65 -35.77
N GLY D 249 -11.23 9.70 -34.88
CA GLY D 249 -10.21 8.83 -34.33
C GLY D 249 -9.61 7.93 -35.39
N ALA D 250 -10.43 7.38 -36.27
CA ALA D 250 -9.91 6.52 -37.33
C ALA D 250 -8.99 7.30 -38.26
N LEU D 251 -9.34 8.55 -38.57
CA LEU D 251 -8.52 9.34 -39.49
C LEU D 251 -7.25 9.84 -38.81
N GLU D 252 -7.26 10.01 -37.49
CA GLU D 252 -6.11 10.49 -36.75
C GLU D 252 -5.34 9.38 -36.05
N ARG D 253 -5.77 8.12 -36.22
CA ARG D 253 -5.05 6.97 -35.71
C ARG D 253 -5.01 6.95 -34.19
N LEU D 254 -6.16 7.13 -33.55
CA LEU D 254 -6.29 6.77 -32.14
C LEU D 254 -6.22 5.27 -32.00
N ASP D 255 -5.66 4.82 -30.87
CA ASP D 255 -5.45 3.40 -30.63
C ASP D 255 -6.55 2.75 -29.82
N VAL D 256 -7.21 3.50 -28.95
CA VAL D 256 -8.32 3.01 -28.15
C VAL D 256 -9.34 4.14 -28.03
N MET D 257 -10.58 3.80 -27.67
CA MET D 257 -11.56 4.82 -27.36
C MET D 257 -12.80 4.19 -26.76
N LEU D 258 -13.38 4.90 -25.79
CA LEU D 258 -14.58 4.44 -25.10
C LEU D 258 -15.77 4.48 -26.06
N ASN D 259 -16.29 3.29 -26.41
CA ASN D 259 -17.46 3.18 -27.28
C ASN D 259 -18.40 2.16 -26.62
N ASP D 260 -19.30 2.67 -25.78
CA ASP D 260 -20.27 1.86 -25.07
C ASP D 260 -21.64 2.05 -25.69
N ALA D 261 -22.31 0.93 -25.98
CA ALA D 261 -23.63 1.01 -26.60
C ALA D 261 -24.65 1.65 -25.66
N LEU D 262 -24.66 1.24 -24.38
CA LEU D 262 -25.73 1.62 -23.48
C LEU D 262 -25.41 2.82 -22.60
N TYR D 263 -24.19 3.35 -22.65
CA TYR D 263 -23.84 4.46 -21.77
C TYR D 263 -24.74 5.67 -22.02
N GLY D 264 -24.90 6.06 -23.27
CA GLY D 264 -25.70 7.24 -23.58
C GLY D 264 -27.13 7.12 -23.11
N ILE D 265 -27.74 5.96 -23.28
CA ILE D 265 -29.13 5.76 -22.89
C ILE D 265 -29.27 5.88 -21.37
N LEU D 266 -28.35 5.27 -20.63
CA LEU D 266 -28.55 5.08 -19.20
C LEU D 266 -28.05 6.28 -18.39
N PHE D 267 -26.83 6.75 -18.69
CA PHE D 267 -26.18 7.73 -17.84
C PHE D 267 -26.20 9.15 -18.40
N ARG D 268 -26.69 9.35 -19.61
CA ARG D 268 -26.82 10.68 -20.19
C ARG D 268 -28.20 10.97 -20.76
N ASP D 269 -29.11 10.00 -20.73
CA ASP D 269 -30.50 10.21 -21.13
C ASP D 269 -30.61 10.47 -22.63
N ILE D 270 -29.58 10.15 -23.40
CA ILE D 270 -29.70 10.20 -24.85
C ILE D 270 -30.84 9.29 -25.27
N ASN D 271 -31.48 9.61 -26.38
CA ASN D 271 -32.67 8.88 -26.79
C ASN D 271 -32.32 7.42 -27.05
N MET D 272 -33.25 6.53 -26.72
CA MET D 272 -32.99 5.11 -26.82
C MET D 272 -32.71 4.69 -28.25
N LYS D 273 -33.49 5.21 -29.21
CA LYS D 273 -33.38 4.76 -30.59
C LYS D 273 -32.15 5.36 -31.27
N ARG D 274 -31.87 6.64 -31.03
CA ARG D 274 -30.76 7.29 -31.70
C ARG D 274 -29.43 6.66 -31.32
N THR D 275 -29.23 6.42 -30.02
CA THR D 275 -27.96 5.86 -29.56
C THR D 275 -27.69 4.52 -30.23
N MET D 276 -28.70 3.66 -30.29
CA MET D 276 -28.51 2.35 -30.89
C MET D 276 -28.16 2.46 -32.37
N VAL D 277 -28.82 3.37 -33.09
CA VAL D 277 -28.58 3.49 -34.53
C VAL D 277 -27.17 4.00 -34.79
N ASP D 278 -26.75 5.05 -34.09
CA ASP D 278 -25.45 5.63 -34.37
C ASP D 278 -24.29 4.82 -33.78
N GLN D 279 -24.54 4.02 -32.75
CA GLN D 279 -23.50 3.15 -32.21
C GLN D 279 -23.06 2.13 -33.25
N PHE D 280 -24.00 1.66 -34.08
CA PHE D 280 -23.64 0.70 -35.11
C PHE D 280 -22.58 1.27 -36.05
N PHE D 281 -22.82 2.46 -36.59
CA PHE D 281 -21.87 3.05 -37.51
C PHE D 281 -20.57 3.41 -36.81
N SER D 282 -20.65 3.93 -35.58
CA SER D 282 -19.44 4.23 -34.85
C SER D 282 -18.58 2.99 -34.68
N ARG D 283 -19.19 1.87 -34.31
CA ARG D 283 -18.44 0.65 -34.06
C ARG D 283 -17.96 0.04 -35.37
N VAL D 284 -18.71 0.19 -36.45
CA VAL D 284 -18.21 -0.26 -37.75
C VAL D 284 -16.93 0.46 -38.11
N ILE D 285 -16.92 1.79 -37.96
CA ILE D 285 -15.72 2.57 -38.25
C ILE D 285 -14.58 2.13 -37.35
N ASN D 286 -14.85 2.01 -36.05
CA ASN D 286 -13.79 1.63 -35.11
C ASN D 286 -13.22 0.26 -35.45
N GLY D 287 -14.09 -0.71 -35.73
CA GLY D 287 -13.61 -2.05 -36.04
C GLY D 287 -12.78 -2.08 -37.31
N PHE D 288 -13.23 -1.36 -38.34
CA PHE D 288 -12.44 -1.32 -39.57
C PHE D 288 -11.08 -0.65 -39.34
N ALA D 289 -11.06 0.40 -38.52
CA ALA D 289 -9.82 1.14 -38.30
C ALA D 289 -8.84 0.39 -37.40
N GLY D 290 -9.25 -0.71 -36.78
CA GLY D 290 -8.36 -1.42 -35.89
C GLY D 290 -8.28 -0.86 -34.50
N ILE D 291 -9.24 -0.04 -34.09
CA ILE D 291 -9.21 0.60 -32.79
C ILE D 291 -9.81 -0.36 -31.76
N ILE D 292 -9.23 -0.36 -30.55
CA ILE D 292 -9.78 -1.15 -29.46
C ILE D 292 -10.93 -0.38 -28.83
N ILE D 293 -12.03 -1.06 -28.56
CA ILE D 293 -13.26 -0.43 -28.11
C ILE D 293 -13.45 -0.78 -26.64
N ASN D 294 -13.39 0.23 -25.78
CA ASN D 294 -13.65 0.05 -24.35
C ASN D 294 -15.13 0.27 -24.06
N THR D 295 -15.59 -0.32 -22.96
CA THR D 295 -16.96 -0.17 -22.53
C THR D 295 -16.99 0.34 -21.08
N GLY D 296 -18.08 1.01 -20.73
CA GLY D 296 -18.19 1.71 -19.47
C GLY D 296 -18.98 0.99 -18.41
N GLU D 297 -18.77 -0.32 -18.27
CA GLU D 297 -19.50 -1.07 -17.25
C GLU D 297 -19.19 -0.59 -15.84
N ASP D 298 -18.08 0.13 -15.65
CA ASP D 298 -17.74 0.62 -14.33
C ASP D 298 -18.80 1.56 -13.78
N ASN D 299 -19.51 2.26 -14.67
CA ASN D 299 -20.55 3.18 -14.21
C ASN D 299 -21.65 2.44 -13.46
N TYR D 300 -21.88 1.17 -13.81
CA TYR D 300 -22.96 0.42 -13.17
C TYR D 300 -22.72 0.27 -11.68
N LEU D 301 -21.50 -0.04 -11.28
CA LEU D 301 -21.20 -0.37 -9.90
C LEU D 301 -20.91 0.84 -9.02
N THR D 302 -20.71 2.02 -9.62
CA THR D 302 -20.50 3.21 -8.82
C THR D 302 -21.81 3.68 -8.21
N THR D 303 -21.76 4.00 -6.92
CA THR D 303 -22.94 4.41 -6.15
C THR D 303 -23.96 3.29 -6.02
N ALA D 304 -23.61 2.09 -6.47
CA ALA D 304 -24.49 0.93 -6.34
C ALA D 304 -23.80 -0.15 -5.53
N ASP D 305 -24.57 -1.17 -5.14
CA ASP D 305 -24.04 -2.30 -4.39
C ASP D 305 -23.37 -3.26 -5.35
N ALA D 306 -22.03 -3.21 -5.41
CA ALA D 306 -21.31 -4.02 -6.37
C ALA D 306 -21.49 -5.51 -6.15
N TYR D 307 -21.87 -5.92 -4.93
CA TYR D 307 -22.05 -7.34 -4.67
C TYR D 307 -23.35 -7.85 -5.27
N GLU D 308 -24.39 -7.01 -5.30
CA GLU D 308 -25.69 -7.43 -5.81
C GLU D 308 -25.87 -7.11 -7.29
N LYS D 309 -24.98 -6.33 -7.89
CA LYS D 309 -25.13 -5.89 -9.27
C LYS D 309 -24.02 -6.38 -10.18
N ALA D 310 -23.38 -7.51 -9.86
CA ALA D 310 -22.34 -8.06 -10.75
C ALA D 310 -22.97 -8.68 -11.99
N HIS D 311 -24.08 -9.39 -11.82
CA HIS D 311 -24.73 -10.03 -12.95
C HIS D 311 -25.21 -9.02 -13.98
N THR D 312 -25.64 -7.83 -13.54
CA THR D 312 -26.01 -6.79 -14.50
C THR D 312 -24.80 -6.38 -15.33
N VAL D 313 -23.64 -6.27 -14.69
CA VAL D 313 -22.42 -5.92 -15.43
C VAL D 313 -22.09 -7.02 -16.44
N LEU D 314 -22.22 -8.28 -16.03
CA LEU D 314 -21.92 -9.38 -16.96
C LEU D 314 -22.89 -9.36 -18.15
N ALA D 315 -24.18 -9.15 -17.89
CA ALA D 315 -25.16 -9.10 -18.96
C ALA D 315 -24.87 -7.94 -19.90
N SER D 316 -24.51 -6.78 -19.36
CA SER D 316 -24.16 -5.64 -20.19
C SER D 316 -22.94 -5.97 -21.05
N GLN D 317 -21.96 -6.65 -20.46
CA GLN D 317 -20.77 -7.03 -21.23
C GLN D 317 -21.14 -7.96 -22.37
N LEU D 318 -22.01 -8.94 -22.13
CA LEU D 318 -22.40 -9.86 -23.18
C LEU D 318 -23.16 -9.13 -24.30
N ILE D 319 -24.08 -8.26 -23.92
CA ILE D 319 -24.83 -7.51 -24.93
C ILE D 319 -23.89 -6.62 -25.74
N ASN D 320 -22.92 -5.98 -25.07
CA ASN D 320 -21.97 -5.12 -25.78
C ASN D 320 -21.10 -5.94 -26.71
N GLU D 321 -20.67 -7.12 -26.28
CA GLU D 321 -19.89 -7.99 -27.16
C GLU D 321 -20.68 -8.35 -28.40
N GLN D 322 -21.96 -8.68 -28.23
CA GLN D 322 -22.76 -9.04 -29.40
C GLN D 322 -22.98 -7.84 -30.31
N PHE D 323 -23.22 -6.65 -29.74
CA PHE D 323 -23.36 -5.45 -30.53
C PHE D 323 -22.08 -5.13 -31.30
N ALA D 324 -20.93 -5.46 -30.73
CA ALA D 324 -19.67 -5.27 -31.44
C ALA D 324 -19.51 -6.30 -32.55
N LEU D 325 -19.89 -7.55 -32.28
CA LEU D 325 -19.76 -8.59 -33.29
C LEU D 325 -20.63 -8.29 -34.50
N ILE D 326 -21.85 -7.81 -34.28
CA ILE D 326 -22.72 -7.52 -35.43
C ILE D 326 -22.13 -6.39 -36.27
N ALA D 327 -21.21 -5.60 -35.71
CA ALA D 327 -20.57 -4.50 -36.43
C ALA D 327 -19.26 -4.91 -37.08
N GLY D 328 -18.81 -6.14 -36.92
CA GLY D 328 -17.59 -6.61 -37.55
C GLY D 328 -16.34 -6.43 -36.73
N ILE D 329 -16.45 -6.09 -35.46
CA ILE D 329 -15.26 -5.90 -34.62
C ILE D 329 -14.73 -7.26 -34.19
N PRO D 330 -13.46 -7.58 -34.44
CA PRO D 330 -12.91 -8.83 -33.91
C PRO D 330 -12.88 -8.82 -32.38
N GLU D 331 -12.86 -10.01 -31.79
CA GLU D 331 -12.85 -10.11 -30.33
C GLU D 331 -11.57 -9.54 -29.74
N GLU D 332 -10.52 -9.41 -30.54
CA GLU D 332 -9.25 -8.89 -30.04
C GLU D 332 -9.31 -7.38 -29.87
N GLN D 333 -10.39 -6.76 -30.35
CA GLN D 333 -10.60 -5.33 -30.22
C GLN D 333 -11.77 -4.98 -29.29
N MET D 334 -12.19 -5.90 -28.43
CA MET D 334 -13.31 -5.66 -27.53
C MET D 334 -12.77 -5.54 -26.11
N GLY D 335 -12.39 -4.33 -25.73
CA GLY D 335 -11.91 -4.08 -24.39
C GLY D 335 -13.02 -3.94 -23.37
N LEU D 336 -13.74 -5.02 -23.12
CA LEU D 336 -14.85 -4.99 -22.16
C LEU D 336 -14.33 -4.62 -20.78
N GLY D 337 -15.01 -3.67 -20.14
CA GLY D 337 -14.53 -3.12 -18.89
C GLY D 337 -15.31 -3.59 -17.68
N HIS D 338 -14.60 -3.70 -16.56
CA HIS D 338 -15.21 -4.00 -15.27
C HIS D 338 -14.30 -3.44 -14.19
N ALA D 339 -14.85 -3.28 -12.98
CA ALA D 339 -14.18 -2.52 -11.94
C ALA D 339 -14.03 -3.35 -10.68
N PHE D 340 -12.95 -3.05 -9.94
CA PHE D 340 -12.69 -3.62 -8.62
C PHE D 340 -13.42 -2.74 -7.59
N GLU D 341 -14.75 -2.88 -7.59
CA GLU D 341 -15.63 -1.90 -6.95
C GLU D 341 -16.43 -2.50 -5.79
N MET D 342 -15.88 -3.46 -5.07
CA MET D 342 -16.59 -4.02 -3.93
C MET D 342 -16.16 -3.34 -2.63
N ASN D 343 -16.95 -3.58 -1.59
CA ASN D 343 -16.75 -2.93 -0.31
C ASN D 343 -15.48 -3.46 0.35
N PRO D 344 -14.53 -2.60 0.73
CA PRO D 344 -13.32 -3.10 1.41
C PRO D 344 -13.59 -3.69 2.78
N ASP D 345 -14.73 -3.40 3.40
CA ASP D 345 -15.08 -3.97 4.70
C ASP D 345 -15.78 -5.32 4.58
N LEU D 346 -16.08 -5.76 3.37
CA LEU D 346 -16.76 -7.04 3.18
C LEU D 346 -15.77 -8.18 3.39
N ARG D 347 -16.12 -9.11 4.28
CA ARG D 347 -15.28 -10.28 4.48
C ARG D 347 -15.29 -11.15 3.23
N ASN D 348 -14.12 -11.63 2.84
CA ASN D 348 -13.92 -12.39 1.62
C ASN D 348 -14.25 -11.59 0.37
N GLY D 349 -14.32 -10.26 0.48
CA GLY D 349 -14.61 -9.45 -0.68
C GLY D 349 -13.58 -9.62 -1.78
N PHE D 350 -12.31 -9.78 -1.40
CA PHE D 350 -11.27 -10.01 -2.39
C PHE D 350 -11.53 -11.31 -3.15
N LEU D 351 -12.02 -12.35 -2.47
CA LEU D 351 -12.34 -13.58 -3.15
C LEU D 351 -13.44 -13.37 -4.19
N TYR D 352 -14.48 -12.59 -3.85
CA TYR D 352 -15.55 -12.34 -4.80
C TYR D 352 -15.06 -11.52 -5.99
N GLU D 353 -14.23 -10.50 -5.73
CA GLU D 353 -13.69 -9.72 -6.83
C GLU D 353 -12.82 -10.57 -7.74
N LEU D 354 -11.98 -11.43 -7.14
CA LEU D 354 -11.16 -12.34 -7.94
C LEU D 354 -12.03 -13.29 -8.75
N ALA D 355 -13.11 -13.79 -8.14
CA ALA D 355 -14.01 -14.69 -8.87
C ALA D 355 -14.63 -13.99 -10.07
N GLN D 356 -15.11 -12.76 -9.88
CA GLN D 356 -15.74 -12.04 -10.99
C GLN D 356 -14.73 -11.72 -12.09
N ALA D 357 -13.53 -11.27 -11.70
CA ALA D 357 -12.52 -10.95 -12.70
C ALA D 357 -12.12 -12.19 -13.49
N GLN D 358 -11.92 -13.31 -12.79
CA GLN D 358 -11.57 -14.55 -13.48
C GLN D 358 -12.71 -15.03 -14.36
N MET D 359 -13.95 -14.85 -13.93
CA MET D 359 -15.09 -15.24 -14.75
C MET D 359 -15.14 -14.42 -16.04
N VAL D 360 -14.91 -13.12 -15.94
CA VAL D 360 -14.88 -12.28 -17.14
C VAL D 360 -13.74 -12.71 -18.04
N ARG D 361 -12.57 -12.96 -17.46
CA ARG D 361 -11.43 -13.42 -18.25
C ARG D 361 -11.72 -14.74 -18.95
N GLU D 362 -12.51 -15.60 -18.30
CA GLU D 362 -12.81 -16.92 -18.87
C GLU D 362 -13.82 -16.81 -20.00
N ILE D 363 -14.87 -16.01 -19.82
CA ILE D 363 -15.91 -15.92 -20.83
C ILE D 363 -15.38 -15.27 -22.10
N PHE D 364 -14.57 -14.21 -21.95
CA PHE D 364 -14.00 -13.50 -23.08
C PHE D 364 -12.50 -13.77 -23.14
N PRO D 365 -12.07 -14.93 -23.66
CA PRO D 365 -10.65 -15.29 -23.57
C PRO D 365 -9.74 -14.46 -24.46
N LYS D 366 -10.25 -13.87 -25.53
CA LYS D 366 -9.41 -13.12 -26.47
C LYS D 366 -9.44 -11.62 -26.23
N ALA D 367 -10.45 -11.13 -25.53
CA ALA D 367 -10.65 -9.69 -25.42
C ALA D 367 -9.51 -9.05 -24.62
N PRO D 368 -9.06 -7.86 -25.02
CA PRO D 368 -8.15 -7.08 -24.15
C PRO D 368 -8.90 -6.42 -23.01
N LEU D 369 -9.31 -7.23 -22.04
CA LEU D 369 -10.20 -6.76 -20.98
C LEU D 369 -9.57 -5.61 -20.22
N LYS D 370 -10.40 -4.61 -19.91
CA LYS D 370 -9.99 -3.44 -19.16
C LYS D 370 -10.51 -3.56 -17.74
N TYR D 371 -9.64 -3.35 -16.77
CA TYR D 371 -10.00 -3.43 -15.36
C TYR D 371 -9.77 -2.05 -14.73
N MET D 372 -10.73 -1.63 -13.90
CA MET D 372 -10.78 -0.26 -13.41
C MET D 372 -10.68 -0.24 -11.90
N PRO D 373 -10.20 0.87 -11.34
CA PRO D 373 -9.87 0.90 -9.91
C PRO D 373 -11.10 1.16 -9.05
N PRO D 374 -10.99 0.96 -7.74
CA PRO D 374 -12.09 1.34 -6.85
C PRO D 374 -12.17 2.84 -6.68
N THR D 375 -13.39 3.37 -6.71
CA THR D 375 -13.61 4.80 -6.53
C THR D 375 -14.67 5.08 -5.47
N LYS D 376 -15.65 4.18 -5.35
CA LYS D 376 -16.77 4.43 -4.43
C LYS D 376 -16.31 4.47 -2.99
N TYR D 377 -15.46 3.52 -2.58
CA TYR D 377 -15.05 3.38 -1.20
C TYR D 377 -13.69 4.00 -0.91
N MET D 378 -13.13 4.75 -1.85
CA MET D 378 -11.93 5.53 -1.56
C MET D 378 -12.26 6.66 -0.60
N THR D 379 -11.30 6.99 0.25
CA THR D 379 -11.48 8.03 1.25
C THR D 379 -10.26 8.94 1.25
N GLY D 380 -10.22 9.85 2.22
CA GLY D 380 -9.07 10.73 2.36
C GLY D 380 -7.84 10.06 2.91
N ASN D 381 -7.98 8.83 3.44
CA ASN D 381 -6.83 8.09 3.92
C ASN D 381 -6.01 7.60 2.73
N ILE D 382 -4.99 8.37 2.34
CA ILE D 382 -4.25 8.06 1.13
C ILE D 382 -3.49 6.74 1.28
N PHE D 383 -3.11 6.39 2.50
CA PHE D 383 -2.33 5.18 2.71
C PHE D 383 -3.18 3.93 2.50
N LYS D 384 -4.38 3.90 3.10
CA LYS D 384 -5.27 2.77 2.85
C LYS D 384 -5.72 2.76 1.40
N GLY D 385 -5.84 3.94 0.77
CA GLY D 385 -6.12 3.98 -0.65
C GLY D 385 -5.02 3.34 -1.47
N HIS D 386 -3.77 3.58 -1.08
CA HIS D 386 -2.64 2.93 -1.73
C HIS D 386 -2.70 1.42 -1.55
N VAL D 387 -3.07 0.95 -0.36
CA VAL D 387 -3.20 -0.48 -0.13
C VAL D 387 -4.33 -1.06 -1.00
N GLN D 388 -5.45 -0.35 -1.10
CA GLN D 388 -6.54 -0.80 -1.95
C GLN D 388 -6.11 -0.88 -3.41
N ASP D 389 -5.35 0.11 -3.87
CA ASP D 389 -4.81 0.07 -5.22
C ASP D 389 -3.86 -1.12 -5.39
N ALA D 390 -3.10 -1.44 -4.35
CA ALA D 390 -2.22 -2.60 -4.41
C ALA D 390 -3.03 -3.88 -4.61
N MET D 391 -4.12 -4.03 -3.86
CA MET D 391 -4.98 -5.19 -4.02
C MET D 391 -5.60 -5.23 -5.41
N PHE D 392 -6.00 -4.06 -5.92
CA PHE D 392 -6.54 -3.97 -7.27
C PHE D 392 -5.53 -4.45 -8.30
N ASN D 393 -4.27 -4.03 -8.15
CA ASN D 393 -3.21 -4.50 -9.04
C ASN D 393 -2.99 -6.00 -8.88
N VAL D 394 -3.09 -6.49 -7.66
CA VAL D 394 -2.91 -7.93 -7.43
C VAL D 394 -3.95 -8.72 -8.20
N VAL D 395 -5.20 -8.28 -8.15
CA VAL D 395 -6.24 -8.96 -8.91
C VAL D 395 -5.94 -8.86 -10.41
N THR D 396 -5.57 -7.66 -10.86
CA THR D 396 -5.26 -7.47 -12.28
C THR D 396 -4.22 -8.48 -12.74
N ILE D 397 -3.11 -8.58 -12.02
CA ILE D 397 -2.04 -9.47 -12.45
C ILE D 397 -2.45 -10.93 -12.30
N MET D 398 -3.23 -11.27 -11.28
CA MET D 398 -3.63 -12.67 -11.10
C MET D 398 -4.56 -13.15 -12.21
N THR D 399 -5.50 -12.33 -12.67
CA THR D 399 -6.49 -12.77 -13.64
C THR D 399 -6.12 -12.41 -15.08
N LYS D 400 -4.92 -11.88 -15.31
CA LYS D 400 -4.44 -11.60 -16.66
C LYS D 400 -5.33 -10.61 -17.39
N GLN D 401 -5.65 -9.49 -16.73
CA GLN D 401 -6.33 -8.41 -17.40
C GLN D 401 -5.36 -7.69 -18.33
N ARG D 402 -5.84 -7.36 -19.54
CA ARG D 402 -4.95 -6.75 -20.53
C ARG D 402 -4.68 -5.29 -20.23
N ILE D 403 -5.71 -4.46 -20.20
CA ILE D 403 -5.59 -3.04 -19.92
C ILE D 403 -5.90 -2.82 -18.45
N HIS D 404 -5.19 -1.88 -17.83
CA HIS D 404 -5.22 -1.68 -16.38
C HIS D 404 -5.25 -0.19 -16.09
N LEU D 405 -6.45 0.36 -15.85
CA LEU D 405 -6.58 1.76 -15.48
C LEU D 405 -6.02 1.94 -14.07
N LEU D 406 -4.88 2.60 -13.98
CA LEU D 406 -4.20 2.76 -12.70
C LEU D 406 -5.06 3.56 -11.73
N GLY D 407 -5.18 3.07 -10.51
CA GLY D 407 -5.82 3.85 -9.47
C GLY D 407 -4.84 4.76 -8.77
N MET D 408 -5.36 5.84 -8.21
CA MET D 408 -4.56 6.85 -7.53
C MET D 408 -4.96 6.90 -6.07
N LEU D 409 -3.96 6.88 -5.18
CA LEU D 409 -4.25 6.90 -3.75
C LEU D 409 -4.97 8.17 -3.32
N THR D 410 -4.87 9.25 -4.11
CA THR D 410 -5.59 10.49 -3.85
C THR D 410 -6.83 10.64 -4.71
N GLU D 411 -7.46 9.53 -5.11
CA GLU D 411 -8.60 9.60 -6.01
C GLU D 411 -9.79 10.30 -5.37
N ALA D 412 -9.92 10.22 -4.05
CA ALA D 412 -11.11 10.72 -3.38
C ALA D 412 -11.04 12.20 -3.04
N ILE D 413 -9.94 12.88 -3.32
CA ILE D 413 -9.75 14.25 -2.84
C ILE D 413 -9.46 15.22 -3.97
N HIS D 414 -8.89 14.73 -5.07
CA HIS D 414 -8.55 15.62 -6.17
C HIS D 414 -7.99 14.80 -7.33
N THR D 415 -7.85 15.46 -8.47
CA THR D 415 -7.20 14.84 -9.61
C THR D 415 -5.72 14.59 -9.28
N PRO D 416 -5.16 13.48 -9.74
CA PRO D 416 -3.84 13.06 -9.26
C PRO D 416 -2.78 14.11 -9.54
N PHE D 417 -1.89 14.30 -8.56
CA PHE D 417 -0.67 15.05 -8.82
C PHE D 417 0.28 14.21 -9.66
N MET D 418 1.35 14.85 -10.13
CA MET D 418 2.39 14.09 -10.82
C MET D 418 3.03 13.08 -9.88
N SER D 419 3.25 13.47 -8.62
CA SER D 419 3.83 12.55 -7.66
C SER D 419 2.90 11.37 -7.38
N ASP D 420 1.60 11.61 -7.28
CA ASP D 420 0.66 10.52 -7.06
C ASP D 420 0.68 9.55 -8.23
N ARG D 421 0.71 10.09 -9.45
CA ARG D 421 0.78 9.24 -10.64
C ARG D 421 2.06 8.42 -10.64
N ALA D 422 3.19 9.04 -10.29
CA ALA D 422 4.45 8.31 -10.23
C ALA D 422 4.40 7.19 -9.20
N LEU D 423 3.82 7.48 -8.03
CA LEU D 423 3.72 6.47 -6.99
C LEU D 423 2.84 5.30 -7.45
N SER D 424 1.71 5.61 -8.08
CA SER D 424 0.83 4.55 -8.57
C SER D 424 1.54 3.70 -9.62
N ILE D 425 2.26 4.34 -10.55
CA ILE D 425 2.97 3.60 -11.58
C ILE D 425 4.04 2.71 -10.95
N GLU D 426 4.77 3.24 -9.96
CA GLU D 426 5.79 2.44 -9.30
C GLU D 426 5.18 1.24 -8.61
N SER D 427 4.07 1.43 -7.90
CA SER D 427 3.41 0.31 -7.22
C SER D 427 2.95 -0.74 -8.22
N ALA D 428 2.35 -0.30 -9.33
CA ALA D 428 1.89 -1.24 -10.34
C ALA D 428 3.05 -2.03 -10.92
N LYS D 429 4.15 -1.34 -11.25
CA LYS D 429 5.33 -2.03 -11.78
C LYS D 429 5.85 -3.05 -10.78
N TYR D 430 5.95 -2.66 -9.50
CA TYR D 430 6.43 -3.57 -8.48
C TYR D 430 5.58 -4.82 -8.40
N ILE D 431 4.26 -4.66 -8.34
CA ILE D 431 3.38 -5.80 -8.15
C ILE D 431 3.36 -6.68 -9.40
N PHE D 432 3.36 -6.06 -10.59
CA PHE D 432 3.37 -6.85 -11.82
C PHE D 432 4.69 -7.58 -12.02
N ASN D 433 5.80 -7.05 -11.50
CA ASN D 433 7.07 -7.74 -11.61
C ASN D 433 7.18 -8.88 -10.61
N ASN D 434 6.74 -8.66 -9.38
CA ASN D 434 6.84 -9.72 -8.37
C ASN D 434 5.91 -10.88 -8.67
N MET D 435 4.73 -10.62 -9.23
CA MET D 435 3.77 -11.66 -9.54
C MET D 435 3.62 -11.87 -11.04
N ALA D 436 4.73 -11.87 -11.78
CA ALA D 436 4.65 -11.95 -13.24
C ALA D 436 3.93 -13.21 -13.69
N ASP D 437 4.25 -14.36 -13.09
CA ASP D 437 3.70 -15.63 -13.50
C ASP D 437 2.76 -16.24 -12.47
N ILE D 438 2.18 -15.42 -11.59
CA ILE D 438 1.28 -15.96 -10.58
C ILE D 438 0.02 -16.52 -11.22
N ALA D 439 -0.46 -15.90 -12.30
CA ALA D 439 -1.69 -16.36 -12.93
C ALA D 439 -1.61 -17.82 -13.34
N ASP D 440 -0.43 -18.27 -13.78
CA ASP D 440 -0.28 -19.67 -14.18
C ASP D 440 -0.19 -20.59 -12.97
N GLU D 441 0.37 -20.11 -11.86
CA GLU D 441 0.56 -20.97 -10.69
C GLU D 441 -0.73 -21.20 -9.93
N ILE D 442 -1.59 -20.19 -9.85
CA ILE D 442 -2.73 -20.23 -8.94
C ILE D 442 -3.87 -20.99 -9.60
N TYR D 443 -4.51 -21.86 -8.84
CA TYR D 443 -5.75 -22.52 -9.21
C TYR D 443 -6.68 -22.50 -8.01
N PHE D 444 -7.94 -22.83 -8.24
CA PHE D 444 -8.98 -22.64 -7.25
C PHE D 444 -9.60 -23.97 -6.86
N LYS D 445 -10.03 -24.07 -5.60
CA LYS D 445 -10.59 -25.30 -5.07
C LYS D 445 -11.94 -25.60 -5.74
N GLU D 446 -12.14 -26.86 -6.08
CA GLU D 446 -13.41 -27.25 -6.70
C GLU D 446 -14.54 -27.11 -5.69
N GLY D 447 -15.57 -26.36 -6.07
CA GLY D 447 -16.67 -26.10 -5.17
C GLY D 447 -16.38 -25.10 -4.08
N GLY D 448 -15.29 -24.35 -4.20
CA GLY D 448 -14.93 -23.39 -3.18
C GLY D 448 -15.74 -22.10 -3.30
N ILE D 449 -15.33 -21.12 -2.50
CA ILE D 449 -16.02 -19.83 -2.50
C ILE D 449 -15.96 -19.19 -3.87
N ILE D 450 -14.78 -19.21 -4.50
CA ILE D 450 -14.60 -18.50 -5.77
C ILE D 450 -15.45 -19.13 -6.87
N GLN D 451 -15.40 -20.46 -6.99
CA GLN D 451 -16.17 -21.12 -8.04
C GLN D 451 -17.67 -20.94 -7.83
N ARG D 452 -18.13 -21.07 -6.58
CA ARG D 452 -19.54 -20.89 -6.30
C ARG D 452 -19.98 -19.46 -6.60
N ARG D 453 -19.14 -18.48 -6.26
CA ARG D 453 -19.47 -17.10 -6.55
C ARG D 453 -19.57 -16.86 -8.05
N ALA D 454 -18.62 -17.40 -8.81
CA ALA D 454 -18.67 -17.24 -10.26
C ALA D 454 -19.93 -17.86 -10.84
N ASN D 455 -20.26 -19.08 -10.38
CA ASN D 455 -21.46 -19.75 -10.89
C ASN D 455 -22.73 -18.97 -10.53
N GLU D 456 -22.78 -18.42 -9.31
CA GLU D 456 -23.94 -17.65 -8.89
C GLU D 456 -24.11 -16.41 -9.76
N VAL D 457 -23.02 -15.67 -9.98
CA VAL D 457 -23.10 -14.48 -10.81
C VAL D 457 -23.51 -14.84 -12.23
N LEU D 458 -22.97 -15.94 -12.76
CA LEU D 458 -23.32 -16.36 -14.12
C LEU D 458 -24.79 -16.74 -14.22
N LYS D 459 -25.30 -17.46 -13.22
CA LYS D 459 -26.73 -17.82 -13.23
C LYS D 459 -27.59 -16.57 -13.20
N LYS D 460 -27.26 -15.62 -12.34
CA LYS D 460 -28.04 -14.40 -12.27
C LYS D 460 -28.00 -13.65 -13.59
N ALA D 461 -26.83 -13.57 -14.21
CA ALA D 461 -26.70 -12.88 -15.49
C ALA D 461 -27.51 -13.58 -16.57
N TYR D 462 -27.49 -14.91 -16.60
CA TYR D 462 -28.28 -15.63 -17.59
C TYR D 462 -29.76 -15.37 -17.41
N GLU D 463 -30.23 -15.38 -16.15
CA GLU D 463 -31.64 -15.12 -15.90
C GLU D 463 -32.02 -13.71 -16.35
N LEU D 464 -31.16 -12.73 -16.03
CA LEU D 464 -31.44 -11.35 -16.45
C LEU D 464 -31.49 -11.25 -17.97
N LEU D 465 -30.54 -11.90 -18.65
CA LEU D 465 -30.51 -11.84 -20.12
C LEU D 465 -31.74 -12.50 -20.72
N LYS D 466 -32.16 -13.64 -20.18
CA LYS D 466 -33.36 -14.30 -20.68
C LYS D 466 -34.59 -13.42 -20.48
N GLU D 467 -34.69 -12.77 -19.32
CA GLU D 467 -35.81 -11.87 -19.08
C GLU D 467 -35.79 -10.69 -20.05
N ILE D 468 -34.61 -10.12 -20.29
CA ILE D 468 -34.51 -9.00 -21.23
C ILE D 468 -34.90 -9.46 -22.64
N GLU D 469 -34.44 -10.64 -23.05
CA GLU D 469 -34.79 -11.16 -24.36
C GLU D 469 -36.30 -11.33 -24.48
N GLN D 470 -36.93 -11.87 -23.44
CA GLN D 470 -38.39 -11.99 -23.46
C GLN D 470 -39.05 -10.62 -23.59
N GLU D 471 -38.53 -9.62 -22.88
CA GLU D 471 -39.14 -8.29 -22.89
C GLU D 471 -38.85 -7.54 -24.17
N GLY D 472 -37.69 -7.78 -24.78
CA GLY D 472 -37.16 -6.88 -25.77
C GLY D 472 -36.16 -5.91 -25.18
N LEU D 473 -35.25 -5.42 -26.02
CA LEU D 473 -34.20 -4.54 -25.51
C LEU D 473 -34.76 -3.18 -25.12
N PHE D 474 -35.57 -2.57 -25.99
CA PHE D 474 -36.14 -1.27 -25.68
C PHE D 474 -37.07 -1.36 -24.47
N LYS D 475 -37.94 -2.38 -24.45
CA LYS D 475 -38.83 -2.55 -23.30
C LYS D 475 -38.03 -2.76 -22.03
N ALA D 476 -36.97 -3.57 -22.10
CA ALA D 476 -36.16 -3.82 -20.91
C ALA D 476 -35.51 -2.55 -20.41
N LEU D 477 -34.98 -1.72 -21.31
CA LEU D 477 -34.44 -0.43 -20.88
C LEU D 477 -35.53 0.42 -20.25
N GLU D 478 -36.75 0.36 -20.80
CA GLU D 478 -37.86 1.09 -20.21
C GLU D 478 -38.18 0.60 -18.81
N GLN D 479 -38.11 -0.71 -18.59
CA GLN D 479 -38.48 -1.29 -17.30
C GLN D 479 -37.42 -1.06 -16.23
N GLY D 480 -36.24 -0.58 -16.59
CA GLY D 480 -35.21 -0.32 -15.61
C GLY D 480 -34.36 -1.52 -15.25
N LYS D 481 -34.18 -2.46 -16.18
CA LYS D 481 -33.34 -3.63 -15.87
C LYS D 481 -31.90 -3.22 -15.64
N PHE D 482 -31.41 -2.22 -16.36
CA PHE D 482 -30.03 -1.77 -16.27
C PHE D 482 -29.91 -0.54 -15.38
N ALA D 483 -28.95 -0.57 -14.47
CA ALA D 483 -28.62 0.57 -13.61
C ALA D 483 -29.85 1.14 -12.91
N ASP D 484 -30.86 0.31 -12.68
CA ASP D 484 -32.09 0.67 -12.00
C ASP D 484 -32.63 2.03 -12.41
N ILE D 485 -32.49 2.40 -13.68
CA ILE D 485 -32.98 3.66 -14.21
C ILE D 485 -33.94 3.37 -15.36
N LYS D 486 -35.13 3.97 -15.30
CA LYS D 486 -36.18 3.74 -16.28
C LYS D 486 -36.10 4.82 -17.36
N ARG D 487 -36.04 4.39 -18.61
CA ARG D 487 -35.91 5.30 -19.75
C ARG D 487 -37.05 5.10 -20.74
N PRO D 488 -37.97 6.05 -20.88
CA PRO D 488 -39.00 5.90 -21.92
C PRO D 488 -38.37 5.82 -23.30
N ILE D 489 -38.95 4.98 -24.15
CA ILE D 489 -38.36 4.76 -25.47
C ILE D 489 -38.48 6.00 -26.34
N ASP D 490 -39.45 6.87 -26.04
CA ASP D 490 -39.65 8.10 -26.80
C ASP D 490 -39.06 9.32 -26.11
N GLY D 491 -38.51 9.15 -24.91
CA GLY D 491 -37.88 10.25 -24.19
C GLY D 491 -36.40 10.34 -24.48
N GLY D 492 -35.77 11.35 -23.89
CA GLY D 492 -34.36 11.58 -24.05
C GLY D 492 -34.05 12.58 -25.16
N LYS D 493 -32.76 12.86 -25.31
CA LYS D 493 -32.31 13.88 -26.25
C LYS D 493 -31.90 13.26 -27.58
N GLY D 494 -32.33 13.87 -28.67
CA GLY D 494 -31.97 13.41 -29.99
C GLY D 494 -32.97 12.52 -30.68
N LEU D 495 -34.19 12.39 -30.14
CA LEU D 495 -35.21 11.59 -30.81
C LEU D 495 -35.59 12.20 -32.15
N GLU D 496 -35.51 13.51 -32.27
CA GLU D 496 -35.85 14.17 -33.53
C GLU D 496 -34.80 13.95 -34.60
N GLY D 497 -33.62 13.44 -34.25
CA GLY D 497 -32.54 13.21 -35.18
C GLY D 497 -32.55 11.85 -35.84
N VAL D 498 -33.59 11.05 -35.65
CA VAL D 498 -33.69 9.72 -36.23
C VAL D 498 -34.67 9.78 -37.40
N VAL D 499 -34.23 9.31 -38.56
CA VAL D 499 -35.03 9.31 -39.78
C VAL D 499 -35.01 7.92 -40.38
N GLU D 500 -36.19 7.45 -40.79
CA GLU D 500 -36.28 6.13 -41.41
C GLU D 500 -35.68 6.18 -42.81
N LYS D 501 -34.90 5.15 -43.14
CA LYS D 501 -34.22 5.11 -44.42
C LYS D 501 -35.21 5.00 -45.57
N ASP D 502 -34.95 5.77 -46.63
CA ASP D 502 -35.68 5.62 -47.87
C ASP D 502 -35.24 4.33 -48.57
N PRO D 503 -36.10 3.77 -49.43
CA PRO D 503 -35.65 2.58 -50.19
C PRO D 503 -34.42 2.85 -51.05
N ASN D 504 -34.25 4.07 -51.53
CA ASN D 504 -33.10 4.42 -52.36
C ASN D 504 -31.92 4.96 -51.53
N TYR D 505 -32.04 4.96 -50.21
CA TYR D 505 -30.93 5.39 -49.36
C TYR D 505 -29.70 4.53 -49.62
N PHE D 506 -28.54 5.17 -49.63
CA PHE D 506 -27.29 4.46 -49.81
C PHE D 506 -26.20 5.17 -49.02
N ASN D 507 -25.30 4.36 -48.44
CA ASN D 507 -24.14 4.87 -47.71
C ASN D 507 -22.95 4.03 -48.16
N PRO D 508 -22.02 4.59 -48.95
CA PRO D 508 -20.92 3.75 -49.46
C PRO D 508 -20.05 3.17 -48.36
N PHE D 509 -19.87 3.89 -47.26
CA PHE D 509 -18.89 3.49 -46.26
C PHE D 509 -19.31 2.24 -45.51
N ILE D 510 -20.61 2.03 -45.28
CA ILE D 510 -21.02 0.81 -44.61
C ILE D 510 -20.55 -0.40 -45.38
N ASP D 511 -20.82 -0.42 -46.68
CA ASP D 511 -20.37 -1.53 -47.52
C ASP D 511 -18.85 -1.60 -47.59
N LEU D 512 -18.19 -0.43 -47.70
CA LEU D 512 -16.73 -0.44 -47.86
C LEU D 512 -16.03 -1.00 -46.63
N MET D 513 -16.49 -0.66 -45.44
CA MET D 513 -15.82 -1.10 -44.22
C MET D 513 -16.29 -2.45 -43.70
N LEU D 514 -17.55 -2.83 -43.94
CA LEU D 514 -17.99 -4.13 -43.47
C LEU D 514 -17.49 -5.28 -44.32
N ARG D 515 -17.53 -5.13 -45.66
CA ARG D 515 -17.15 -6.22 -46.55
C ARG D 515 -15.69 -6.16 -46.98
N GLY D 516 -15.06 -4.99 -46.95
CA GLY D 516 -13.70 -4.89 -47.42
C GLY D 516 -12.68 -5.08 -46.30
N ASP D 517 -11.60 -5.77 -46.63
CA ASP D 517 -10.49 -6.00 -45.72
C ASP D 517 -10.98 -6.46 -44.34
#